data_5T8K
#
_entry.id   5T8K
#
_cell.length_a   67.686
_cell.length_b   182.785
_cell.length_c   96.250
_cell.angle_alpha   90.00
_cell.angle_beta   100.58
_cell.angle_gamma   90.00
#
_symmetry.space_group_name_H-M   'P 1 21 1'
#
loop_
_entity.id
_entity.type
_entity.pdbx_description
1 polymer Adenosylhomocysteinase
2 polymer Adenosylhomocysteinase
3 non-polymer 'SODIUM ION'
4 non-polymer NICOTINAMIDE-ADENINE-DINUCLEOTIDE
5 non-polymer ADENINE
6 non-polymer 'HEXAETHYLENE GLYCOL'
7 non-polymer 2-AMINO-2-HYDROXYMETHYL-PROPANE-1,3-DIOL
8 non-polymer GLYCEROL
9 non-polymer DI(HYDROXYETHYL)ETHER
10 non-polymer 'TRIETHYLENE GLYCOL'
11 water water
#
loop_
_entity_poly.entity_id
_entity_poly.type
_entity_poly.pdbx_seq_one_letter_code
_entity_poly.pdbx_strand_id
1 'polypeptide(L)'
;SNAYKMESRIKDISLAEFGLQDMEIAKTDMMGLVELQRKYRDSKPLKGARITGSLHLTIETSVLVETLYELGAEIRWCSC
NIYSTQDHAAAALVKKNIATVFAWKNETIEDYWVCLNDAMTWRNPNDKDKICGPNLIVDDGGDATLILHEGVKAEIEYEK
YNKIPEYLETELDENGKQLSMDLKCMYKVLKMELLKNPFRWRGMLKDLYGVSEETTTGVLRLKIMESEGKLLLPAINVND
SVTKSKFDNTYGCRQSLLHGLFNGCIQMLAGKKIVVLGYGEVGKGCAQGLSGVGARVIVTEIDPICALQASMEGYQVSVL
EDVVSEADIFITATGNKDVITVEHMRKMKENAYIANIGHFDDEIDVYGLENYPGIKVIEVKQNVHKFTFPDTQKSVILLC
KGRLVNLGCATGHPPLVMSMSFTNQVLAQMDLWKSRELVDRSKNTRFFVKKLSKELDEYVARLHLDVLGIKLTKLTETQA
KYINVSINGPYKSEDYRY
;
A,B,D
2 'polypeptide(L)'
;SNAYKMESRIKDISLAEFGLQDMEIAKTDMMGLVELQRKYRDSKPLKGARITGSLHLTIETSVLVETLYELGAEIRWCSC
NIYSTQDHAAAALVKKNIATVFAWKNETIEDYWVCLNDAMTWRNPNDKDKI(CME)GPNLIVDDGGDATLILHEGVKAEI
EYEKYNKIPEYLETELDENGKQLSMDLKCMYKVLKMELLKNPFRWRGMLKDLYGVSEETTTGVLRLKIMESEGKLLLPAI
NVNDSVTKSKFDNTYGCRQSLLHGLFNGCIQMLAGKKIVVLGYGEVGKGCAQGLSGVGARVIVTEIDPICALQASMEGYQ
VSVLEDVVSEADIFITATGNKDVITVEHMRKMKENAYIANIGHFDDEIDVYGLENYPGIKVIEVKQNVHKFTFPDTQKSV
ILLCKGRLVNLGCATGHPPLVMSMSFTNQVLAQMDLWKSRELVDRSKNTRFFVKKLSKELDEYVARLHLDVLGIKLTKLT
ETQAKYINVSINGPYKSEDYRY
;
C
#
loop_
_chem_comp.id
_chem_comp.type
_chem_comp.name
_chem_comp.formula
ADE non-polymer ADENINE 'C5 H5 N5'
GOL non-polymer GLYCEROL 'C3 H8 O3'
NA non-polymer 'SODIUM ION' 'Na 1'
NAD non-polymer NICOTINAMIDE-ADENINE-DINUCLEOTIDE 'C21 H27 N7 O14 P2'
P6G non-polymer 'HEXAETHYLENE GLYCOL' 'C12 H26 O7'
PEG non-polymer DI(HYDROXYETHYL)ETHER 'C4 H10 O3'
PGE non-polymer 'TRIETHYLENE GLYCOL' 'C6 H14 O4'
TRS non-polymer 2-AMINO-2-HYDROXYMETHYL-PROPANE-1,3-DIOL 'C4 H12 N O3 1'
#
# COMPACT_ATOMS: atom_id res chain seq x y z
N MET A 6 -45.34 -13.42 24.57
CA MET A 6 -44.16 -12.96 23.79
C MET A 6 -44.08 -13.79 22.51
N GLU A 7 -44.27 -13.13 21.36
CA GLU A 7 -44.30 -13.83 20.08
C GLU A 7 -42.97 -13.88 19.30
N SER A 8 -41.87 -13.42 19.89
CA SER A 8 -40.59 -13.47 19.18
C SER A 8 -40.14 -14.90 18.84
N ARG A 9 -39.55 -15.06 17.65
CA ARG A 9 -39.01 -16.33 17.22
C ARG A 9 -37.52 -16.16 16.96
N ILE A 10 -36.71 -16.69 17.87
CA ILE A 10 -35.25 -16.62 17.78
C ILE A 10 -34.65 -17.99 18.15
N LYS A 11 -33.36 -18.14 17.91
CA LYS A 11 -32.68 -19.40 18.19
C LYS A 11 -32.59 -19.75 19.68
N ASP A 12 -32.01 -18.86 20.48
CA ASP A 12 -31.75 -19.16 21.88
C ASP A 12 -31.63 -17.93 22.79
N ILE A 13 -32.66 -17.73 23.63
CA ILE A 13 -32.71 -16.61 24.59
C ILE A 13 -31.54 -16.59 25.59
N SER A 14 -30.95 -17.76 25.88
CA SER A 14 -29.84 -17.82 26.86
C SER A 14 -28.58 -17.10 26.35
N LEU A 15 -28.54 -16.75 25.07
CA LEU A 15 -27.41 -16.03 24.48
C LEU A 15 -27.46 -14.54 24.77
N ALA A 16 -28.55 -14.08 25.37
CA ALA A 16 -28.75 -12.66 25.65
C ALA A 16 -27.61 -11.90 26.35
N GLU A 17 -27.04 -12.53 27.38
N GLU A 17 -27.07 -12.46 27.44
CA GLU A 17 -25.93 -11.97 28.18
CA GLU A 17 -26.02 -11.78 28.21
C GLU A 17 -24.75 -11.57 27.27
C GLU A 17 -24.79 -11.48 27.35
N PHE A 18 -24.28 -12.52 26.47
N PHE A 18 -24.39 -12.42 26.51
CA PHE A 18 -23.19 -12.27 25.51
CA PHE A 18 -23.25 -12.20 25.63
C PHE A 18 -23.54 -11.11 24.56
C PHE A 18 -23.57 -11.07 24.65
N GLY A 19 -24.78 -11.09 24.10
CA GLY A 19 -25.25 -10.04 23.19
C GLY A 19 -25.18 -8.67 23.83
N LEU A 20 -25.74 -8.56 25.04
CA LEU A 20 -25.77 -7.29 25.77
C LEU A 20 -24.37 -6.73 26.06
N GLN A 21 -23.42 -7.63 26.33
N GLN A 21 -23.42 -7.62 26.34
CA GLN A 21 -22.02 -7.27 26.60
CA GLN A 21 -22.05 -7.20 26.61
C GLN A 21 -21.34 -6.77 25.33
C GLN A 21 -21.34 -6.75 25.33
N ASP A 22 -21.60 -7.45 24.21
CA ASP A 22 -21.04 -7.05 22.92
C ASP A 22 -21.61 -5.71 22.52
N MET A 23 -22.90 -5.48 22.80
CA MET A 23 -23.51 -4.19 22.48
C MET A 23 -22.77 -3.10 23.24
N GLU A 24 -22.46 -3.32 24.52
CA GLU A 24 -21.76 -2.27 25.31
C GLU A 24 -20.36 -1.98 24.81
N ILE A 25 -19.66 -3.01 24.35
CA ILE A 25 -18.33 -2.81 23.78
C ILE A 25 -18.44 -2.06 22.45
N ALA A 26 -19.39 -2.49 21.60
CA ALA A 26 -19.59 -1.84 20.30
C ALA A 26 -19.85 -0.34 20.44
N LYS A 27 -20.61 0.03 21.47
CA LYS A 27 -20.92 1.44 21.75
C LYS A 27 -19.73 2.36 21.98
N THR A 28 -18.57 1.82 22.32
CA THR A 28 -17.37 2.65 22.45
C THR A 28 -17.12 3.34 21.10
N ASP A 29 -17.38 2.65 20.00
CA ASP A 29 -17.17 3.18 18.65
C ASP A 29 -18.43 3.72 17.96
N MET A 30 -19.61 3.31 18.40
CA MET A 30 -20.84 3.77 17.74
C MET A 30 -21.28 5.10 18.35
N MET A 31 -20.40 6.09 18.30
N MET A 31 -20.39 6.09 18.29
CA MET A 31 -20.70 7.38 18.95
CA MET A 31 -20.65 7.43 18.88
C MET A 31 -21.89 8.16 18.37
C MET A 31 -21.91 8.12 18.37
N GLY A 32 -22.20 7.97 17.09
CA GLY A 32 -23.38 8.64 16.52
C GLY A 32 -24.67 8.15 17.19
N LEU A 33 -24.79 6.83 17.39
CA LEU A 33 -25.98 6.29 18.05
C LEU A 33 -26.00 6.64 19.54
N VAL A 34 -24.82 6.64 20.18
CA VAL A 34 -24.71 7.02 21.57
C VAL A 34 -25.19 8.47 21.77
N GLU A 35 -24.78 9.37 20.87
CA GLU A 35 -25.20 10.79 20.95
C GLU A 35 -26.69 10.97 20.67
N LEU A 36 -27.24 10.26 19.69
CA LEU A 36 -28.67 10.36 19.41
C LEU A 36 -29.50 9.90 20.62
N GLN A 37 -29.03 8.86 21.30
CA GLN A 37 -29.72 8.39 22.50
C GLN A 37 -29.64 9.45 23.60
N ARG A 38 -28.45 10.00 23.83
CA ARG A 38 -28.27 11.02 24.87
C ARG A 38 -29.15 12.23 24.58
N LYS A 39 -29.14 12.66 23.34
CA LYS A 39 -29.83 13.88 22.94
C LYS A 39 -31.36 13.79 22.91
N TYR A 40 -31.89 12.64 22.47
CA TYR A 40 -33.33 12.49 22.24
C TYR A 40 -34.12 11.50 23.09
N ARG A 41 -33.49 10.82 24.04
CA ARG A 41 -34.23 9.84 24.85
C ARG A 41 -35.29 10.47 25.77
N ASP A 42 -35.09 11.74 26.14
CA ASP A 42 -36.06 12.45 26.99
C ASP A 42 -37.24 12.97 26.18
N SER A 43 -36.98 13.69 25.09
CA SER A 43 -38.05 14.24 24.24
C SER A 43 -38.76 13.16 23.38
N LYS A 44 -38.09 12.05 23.10
CA LYS A 44 -38.69 10.96 22.31
C LYS A 44 -39.39 11.42 21.02
N PRO A 45 -38.60 11.81 20.01
CA PRO A 45 -39.19 12.29 18.77
C PRO A 45 -39.95 11.20 17.98
N LEU A 46 -39.70 9.92 18.24
CA LEU A 46 -40.41 8.82 17.55
C LEU A 46 -41.55 8.21 18.38
N LYS A 47 -41.95 8.88 19.46
CA LYS A 47 -43.00 8.39 20.35
C LYS A 47 -44.27 8.01 19.59
N GLY A 48 -44.69 6.75 19.73
N GLY A 48 -44.71 6.76 19.77
CA GLY A 48 -45.90 6.26 19.06
CA GLY A 48 -45.92 6.25 19.15
C GLY A 48 -45.70 5.74 17.65
C GLY A 48 -45.65 5.44 17.90
N ALA A 49 -44.46 5.72 17.17
N ALA A 49 -44.74 5.94 17.05
CA ALA A 49 -44.16 5.22 15.82
CA ALA A 49 -44.42 5.25 15.81
C ALA A 49 -43.96 3.72 15.83
C ALA A 49 -44.24 3.75 15.97
N ARG A 50 -44.66 3.01 14.94
CA ARG A 50 -44.53 1.56 14.83
C ARG A 50 -43.53 1.35 13.68
N ILE A 51 -42.37 0.80 14.00
CA ILE A 51 -41.31 0.62 13.02
C ILE A 51 -41.01 -0.85 12.77
N THR A 52 -41.08 -1.24 11.50
CA THR A 52 -40.71 -2.59 11.11
C THR A 52 -39.37 -2.49 10.39
N GLY A 53 -38.43 -3.34 10.81
CA GLY A 53 -37.13 -3.38 10.18
C GLY A 53 -36.85 -4.72 9.51
N SER A 54 -36.24 -4.67 8.33
CA SER A 54 -35.79 -5.84 7.58
C SER A 54 -34.34 -5.53 7.25
N LEU A 55 -33.44 -5.91 8.17
CA LEU A 55 -32.03 -5.60 8.04
C LEU A 55 -31.20 -6.55 8.92
N HIS A 56 -30.17 -7.15 8.32
CA HIS A 56 -29.26 -8.10 8.99
C HIS A 56 -29.14 -7.80 10.47
N LEU A 57 -29.62 -8.71 11.30
CA LEU A 57 -29.64 -8.47 12.75
C LEU A 57 -28.32 -8.89 13.42
N THR A 58 -27.36 -7.97 13.41
CA THR A 58 -26.05 -8.18 14.03
C THR A 58 -26.03 -7.36 15.32
N ILE A 59 -24.97 -7.50 16.09
CA ILE A 59 -24.80 -6.68 17.30
C ILE A 59 -24.97 -5.18 16.99
N GLU A 60 -24.40 -4.76 15.86
CA GLU A 60 -24.49 -3.35 15.46
C GLU A 60 -25.96 -2.94 15.24
N THR A 61 -26.73 -3.83 14.63
CA THR A 61 -28.15 -3.58 14.40
C THR A 61 -28.93 -3.50 15.72
N SER A 62 -28.52 -4.30 16.70
CA SER A 62 -29.19 -4.24 18.00
C SER A 62 -29.03 -2.84 18.61
N VAL A 63 -27.87 -2.20 18.41
CA VAL A 63 -27.66 -0.84 18.93
C VAL A 63 -28.58 0.15 18.17
N LEU A 64 -28.78 -0.08 16.86
CA LEU A 64 -29.72 0.73 16.07
C LEU A 64 -31.12 0.59 16.66
N VAL A 65 -31.53 -0.65 16.91
CA VAL A 65 -32.88 -0.92 17.46
C VAL A 65 -33.05 -0.26 18.83
N GLU A 66 -32.06 -0.43 19.69
CA GLU A 66 -32.06 0.21 21.00
C GLU A 66 -32.19 1.73 20.85
N THR A 67 -31.55 2.30 19.83
CA THR A 67 -31.62 3.75 19.62
C THR A 67 -33.04 4.18 19.24
N LEU A 68 -33.65 3.47 18.30
CA LEU A 68 -35.03 3.76 17.91
C LEU A 68 -35.99 3.60 19.10
N TYR A 69 -35.74 2.59 19.94
CA TYR A 69 -36.55 2.31 21.13
C TYR A 69 -36.41 3.43 22.17
N GLU A 70 -35.18 3.87 22.41
CA GLU A 70 -34.93 4.98 23.35
C GLU A 70 -35.58 6.29 22.86
N LEU A 71 -35.70 6.44 21.53
CA LEU A 71 -36.36 7.63 20.94
C LEU A 71 -37.91 7.53 20.94
N GLY A 72 -38.47 6.44 21.49
CA GLY A 72 -39.90 6.30 21.64
C GLY A 72 -40.66 5.36 20.72
N ALA A 73 -39.97 4.72 19.79
CA ALA A 73 -40.66 3.85 18.85
C ALA A 73 -40.92 2.43 19.37
N GLU A 74 -41.94 1.79 18.80
N GLU A 74 -41.95 1.78 18.83
CA GLU A 74 -42.26 0.39 19.07
CA GLU A 74 -42.21 0.37 19.11
C GLU A 74 -41.65 -0.30 17.86
C GLU A 74 -41.68 -0.33 17.86
N ILE A 75 -40.97 -1.44 18.07
CA ILE A 75 -40.26 -2.13 16.99
C ILE A 75 -40.50 -3.64 16.81
N ARG A 76 -40.59 -4.04 15.53
CA ARG A 76 -40.66 -5.45 15.11
C ARG A 76 -39.50 -5.56 14.11
N TRP A 77 -38.72 -6.65 14.15
CA TRP A 77 -37.53 -6.76 13.32
C TRP A 77 -37.29 -8.18 12.79
N CYS A 78 -36.70 -8.24 11.61
CA CYS A 78 -36.32 -9.48 10.97
C CYS A 78 -35.04 -9.18 10.20
N SER A 79 -34.29 -10.21 9.81
CA SER A 79 -33.06 -10.01 9.02
C SER A 79 -33.39 -10.04 7.54
N CYS A 80 -32.51 -9.47 6.71
CA CYS A 80 -32.74 -9.45 5.26
C CYS A 80 -31.91 -10.51 4.54
N ASN A 81 -31.43 -11.49 5.29
CA ASN A 81 -30.73 -12.63 4.70
C ASN A 81 -30.86 -13.84 5.64
N ILE A 82 -30.95 -15.03 5.04
CA ILE A 82 -31.12 -16.27 5.81
C ILE A 82 -29.92 -16.64 6.66
N TYR A 83 -28.74 -16.11 6.34
CA TYR A 83 -27.52 -16.44 7.09
C TYR A 83 -26.89 -15.28 7.88
N SER A 84 -27.45 -14.08 7.81
CA SER A 84 -26.78 -12.91 8.41
C SER A 84 -27.03 -12.59 9.89
N THR A 85 -28.06 -13.16 10.48
CA THR A 85 -28.38 -12.90 11.88
C THR A 85 -27.28 -13.40 12.83
N GLN A 86 -26.99 -12.59 13.86
CA GLN A 86 -26.11 -13.02 14.96
C GLN A 86 -27.11 -13.37 16.06
N ASP A 87 -27.24 -14.64 16.36
CA ASP A 87 -28.22 -15.11 17.35
C ASP A 87 -28.09 -14.42 18.73
N HIS A 88 -26.87 -14.13 19.17
CA HIS A 88 -26.72 -13.45 20.48
C HIS A 88 -27.24 -12.01 20.41
N ALA A 89 -27.16 -11.40 19.23
CA ALA A 89 -27.68 -10.04 19.04
C ALA A 89 -29.23 -10.05 19.13
N ALA A 90 -29.84 -11.07 18.53
CA ALA A 90 -31.30 -11.20 18.53
C ALA A 90 -31.84 -11.43 19.95
N ALA A 91 -31.17 -12.33 20.67
CA ALA A 91 -31.55 -12.68 22.03
C ALA A 91 -31.49 -11.47 22.97
N ALA A 92 -30.46 -10.64 22.80
CA ALA A 92 -30.31 -9.42 23.61
C ALA A 92 -31.55 -8.53 23.52
N LEU A 93 -32.02 -8.30 22.29
CA LEU A 93 -33.20 -7.45 22.05
C LEU A 93 -34.49 -7.99 22.70
N VAL A 94 -34.71 -9.29 22.59
CA VAL A 94 -35.88 -9.95 23.18
C VAL A 94 -35.80 -9.92 24.71
N LYS A 95 -34.67 -10.35 25.24
CA LYS A 95 -34.42 -10.35 26.68
C LYS A 95 -34.71 -8.99 27.29
N LYS A 96 -34.28 -7.93 26.64
CA LYS A 96 -34.47 -6.61 27.19
C LYS A 96 -35.84 -5.98 26.81
N ASN A 97 -36.67 -6.69 26.04
CA ASN A 97 -38.00 -6.19 25.64
C ASN A 97 -37.97 -4.91 24.80
N ILE A 98 -36.96 -4.80 23.94
N ILE A 98 -36.94 -4.79 23.97
CA ILE A 98 -36.76 -3.62 23.10
CA ILE A 98 -36.75 -3.64 23.10
C ILE A 98 -37.47 -3.75 21.76
C ILE A 98 -37.56 -3.76 21.81
N ALA A 99 -37.72 -5.00 21.33
CA ALA A 99 -38.41 -5.27 20.08
C ALA A 99 -38.91 -6.70 20.02
N THR A 100 -39.81 -6.96 19.09
CA THR A 100 -40.31 -8.30 18.82
C THR A 100 -39.50 -8.74 17.60
N VAL A 101 -38.79 -9.85 17.73
CA VAL A 101 -37.86 -10.30 16.71
C VAL A 101 -38.22 -11.65 16.07
N PHE A 102 -38.05 -11.72 14.76
CA PHE A 102 -38.27 -12.95 13.98
C PHE A 102 -37.01 -13.14 13.15
N ALA A 103 -36.02 -13.80 13.72
CA ALA A 103 -34.74 -13.94 13.05
C ALA A 103 -33.78 -14.88 13.75
N TRP A 104 -33.08 -15.68 12.93
CA TRP A 104 -32.06 -16.58 13.42
C TRP A 104 -31.13 -16.92 12.26
N LYS A 105 -29.90 -17.29 12.59
CA LYS A 105 -28.94 -17.66 11.58
C LYS A 105 -29.36 -19.01 11.03
N ASN A 106 -29.22 -19.16 9.72
CA ASN A 106 -29.55 -20.39 9.01
C ASN A 106 -31.06 -20.67 8.93
N GLU A 107 -31.81 -19.67 8.50
CA GLU A 107 -33.24 -19.81 8.25
C GLU A 107 -33.40 -20.55 6.93
N THR A 108 -34.51 -21.28 6.78
CA THR A 108 -34.83 -21.82 5.47
C THR A 108 -35.45 -20.64 4.72
N ILE A 109 -35.52 -20.71 3.40
CA ILE A 109 -36.12 -19.63 2.63
C ILE A 109 -37.62 -19.45 3.01
N GLU A 110 -38.33 -20.56 3.23
N GLU A 110 -38.32 -20.56 3.22
CA GLU A 110 -39.75 -20.49 3.60
CA GLU A 110 -39.74 -20.52 3.61
C GLU A 110 -39.99 -19.72 4.91
C GLU A 110 -39.99 -19.74 4.91
N ASP A 111 -39.08 -19.93 5.88
CA ASP A 111 -39.19 -19.22 7.18
C ASP A 111 -38.83 -17.75 7.06
N TYR A 112 -37.90 -17.45 6.15
CA TYR A 112 -37.47 -16.07 5.91
C TYR A 112 -38.66 -15.18 5.59
N TRP A 113 -39.49 -15.65 4.65
CA TRP A 113 -40.65 -14.86 4.22
C TRP A 113 -41.75 -14.84 5.27
N VAL A 114 -41.88 -15.91 6.07
CA VAL A 114 -42.83 -15.90 7.17
C VAL A 114 -42.34 -14.88 8.23
N CYS A 115 -41.03 -14.84 8.50
CA CYS A 115 -40.48 -13.87 9.48
C CYS A 115 -40.75 -12.42 9.05
N LEU A 116 -40.50 -12.11 7.78
CA LEU A 116 -40.73 -10.77 7.25
C LEU A 116 -42.21 -10.42 7.34
N ASN A 117 -43.06 -11.35 6.89
CA ASN A 117 -44.52 -11.12 6.97
C ASN A 117 -44.94 -10.86 8.40
N ASP A 118 -44.41 -11.65 9.35
CA ASP A 118 -44.76 -11.45 10.77
C ASP A 118 -44.24 -10.09 11.31
N ALA A 119 -43.07 -9.66 10.87
CA ALA A 119 -42.51 -8.36 11.30
C ALA A 119 -43.38 -7.21 10.79
N MET A 120 -44.05 -7.42 9.66
CA MET A 120 -44.95 -6.40 9.07
C MET A 120 -46.33 -6.39 9.72
N THR A 121 -46.64 -7.40 10.52
CA THR A 121 -47.95 -7.54 11.16
C THR A 121 -48.01 -6.98 12.58
N TRP A 122 -48.81 -5.93 12.78
CA TRP A 122 -49.00 -5.31 14.10
C TRP A 122 -50.41 -5.52 14.58
N ARG A 123 -50.60 -5.52 15.90
CA ARG A 123 -51.93 -5.69 16.48
C ARG A 123 -52.59 -4.35 16.81
N ASN A 124 -53.90 -4.42 17.11
CA ASN A 124 -54.70 -3.24 17.40
C ASN A 124 -55.20 -3.31 18.85
N ASP A 127 -59.12 -4.04 18.34
CA ASP A 127 -59.72 -5.35 18.56
C ASP A 127 -58.64 -6.37 18.91
N LYS A 128 -59.05 -7.62 19.04
CA LYS A 128 -58.13 -8.72 19.29
C LYS A 128 -57.60 -9.24 17.96
N ASP A 129 -58.54 -9.56 17.07
CA ASP A 129 -58.24 -10.17 15.76
C ASP A 129 -58.17 -9.15 14.59
N LYS A 130 -57.95 -7.87 14.90
CA LYS A 130 -57.79 -6.84 13.87
C LYS A 130 -56.31 -6.43 13.84
N ILE A 131 -55.73 -6.41 12.64
CA ILE A 131 -54.31 -6.13 12.50
C ILE A 131 -54.04 -4.85 11.70
N CYS A 132 -52.88 -4.26 11.97
N CYS A 132 -52.85 -4.31 11.87
CA CYS A 132 -52.41 -3.04 11.33
CA CYS A 132 -52.43 -3.11 11.14
C CYS A 132 -50.99 -3.28 10.79
C CYS A 132 -50.98 -3.27 10.74
N GLY A 133 -50.45 -2.28 10.10
N GLY A 133 -50.47 -2.32 9.98
CA GLY A 133 -49.10 -2.36 9.55
CA GLY A 133 -49.08 -2.38 9.53
C GLY A 133 -48.21 -1.35 10.24
C GLY A 133 -48.21 -1.36 10.23
N PRO A 134 -46.95 -1.26 9.81
CA PRO A 134 -46.03 -0.30 10.41
C PRO A 134 -46.30 1.10 9.91
N ASN A 135 -45.82 2.09 10.66
CA ASN A 135 -45.89 3.48 10.25
C ASN A 135 -44.65 3.79 9.42
N LEU A 136 -43.55 3.09 9.75
CA LEU A 136 -42.26 3.33 9.12
C LEU A 136 -41.52 2.02 8.91
N ILE A 137 -40.72 1.97 7.85
CA ILE A 137 -39.93 0.80 7.53
C ILE A 137 -38.45 1.16 7.34
N VAL A 138 -37.60 0.35 7.98
CA VAL A 138 -36.16 0.43 7.80
C VAL A 138 -35.91 -0.82 6.93
N ASP A 139 -35.44 -0.62 5.70
CA ASP A 139 -35.27 -1.73 4.79
C ASP A 139 -33.84 -1.77 4.27
N ASP A 140 -33.36 -2.98 4.00
CA ASP A 140 -32.02 -3.23 3.47
C ASP A 140 -32.16 -4.31 2.39
N GLY A 141 -32.17 -3.87 1.14
CA GLY A 141 -32.33 -4.77 0.00
C GLY A 141 -33.69 -4.65 -0.64
N GLY A 142 -34.62 -3.99 0.04
CA GLY A 142 -35.96 -3.76 -0.50
C GLY A 142 -37.00 -4.87 -0.36
N ASP A 143 -36.73 -5.90 0.44
CA ASP A 143 -37.71 -7.01 0.60
C ASP A 143 -38.99 -6.60 1.33
N ALA A 144 -38.89 -5.77 2.38
CA ALA A 144 -40.11 -5.31 3.05
C ALA A 144 -40.91 -4.42 2.10
N THR A 145 -40.20 -3.60 1.34
CA THR A 145 -40.82 -2.71 0.35
C THR A 145 -41.46 -3.55 -0.76
N LEU A 146 -40.79 -4.64 -1.15
CA LEU A 146 -41.27 -5.52 -2.22
C LEU A 146 -42.55 -6.26 -1.83
N ILE A 147 -42.57 -6.88 -0.65
CA ILE A 147 -43.74 -7.64 -0.23
C ILE A 147 -44.95 -6.71 -0.11
N LEU A 148 -44.72 -5.47 0.33
CA LEU A 148 -45.79 -4.47 0.42
C LEU A 148 -46.39 -4.18 -0.96
N HIS A 149 -45.54 -3.78 -1.91
CA HIS A 149 -45.99 -3.44 -3.27
C HIS A 149 -46.58 -4.61 -4.03
N GLU A 150 -45.97 -5.78 -3.92
CA GLU A 150 -46.50 -6.98 -4.58
C GLU A 150 -47.81 -7.41 -3.95
N GLY A 151 -47.93 -7.20 -2.65
CA GLY A 151 -49.14 -7.52 -1.91
C GLY A 151 -50.28 -6.65 -2.39
N VAL A 152 -50.04 -5.35 -2.50
CA VAL A 152 -51.07 -4.42 -2.99
C VAL A 152 -51.49 -4.83 -4.41
N LYS A 153 -50.49 -5.11 -5.24
CA LYS A 153 -50.71 -5.53 -6.61
C LYS A 153 -51.53 -6.83 -6.70
N ALA A 154 -51.25 -7.78 -5.82
CA ALA A 154 -51.98 -9.06 -5.78
C ALA A 154 -53.43 -8.81 -5.36
N GLU A 155 -53.61 -7.95 -4.36
CA GLU A 155 -54.95 -7.61 -3.87
C GLU A 155 -55.83 -6.97 -4.94
N ILE A 156 -55.25 -6.04 -5.72
CA ILE A 156 -56.01 -5.35 -6.78
C ILE A 156 -56.45 -6.34 -7.87
N GLU A 157 -55.55 -7.24 -8.29
CA GLU A 157 -55.93 -8.23 -9.30
C GLU A 157 -56.93 -9.26 -8.73
N TYR A 158 -56.75 -9.65 -7.47
CA TYR A 158 -57.66 -10.61 -6.82
C TYR A 158 -59.09 -10.06 -6.76
N GLU A 159 -59.20 -8.77 -6.48
CA GLU A 159 -60.51 -8.10 -6.40
C GLU A 159 -61.14 -7.91 -7.80
N LYS A 160 -60.30 -7.74 -8.80
CA LYS A 160 -60.75 -7.54 -10.18
C LYS A 160 -61.41 -8.78 -10.81
N TYR A 161 -60.83 -9.96 -10.60
CA TYR A 161 -61.34 -11.22 -11.18
C TYR A 161 -61.97 -12.18 -10.15
N ASN A 162 -61.92 -11.82 -8.88
CA ASN A 162 -62.42 -12.67 -7.79
C ASN A 162 -61.75 -14.07 -7.79
N LYS A 163 -60.45 -14.10 -8.07
CA LYS A 163 -59.67 -15.33 -8.04
C LYS A 163 -58.19 -14.98 -7.83
N ILE A 164 -57.47 -15.86 -7.15
CA ILE A 164 -56.04 -15.65 -6.91
C ILE A 164 -55.31 -15.51 -8.25
N PRO A 165 -54.50 -14.43 -8.41
CA PRO A 165 -53.76 -14.24 -9.66
C PRO A 165 -52.98 -15.49 -10.06
N GLU A 166 -53.05 -15.84 -11.33
CA GLU A 166 -52.40 -17.04 -11.82
C GLU A 166 -50.89 -17.04 -11.58
N TYR A 167 -50.26 -15.87 -11.67
CA TYR A 167 -48.80 -15.80 -11.47
C TYR A 167 -48.35 -16.27 -10.06
N LEU A 168 -49.21 -16.13 -9.06
CA LEU A 168 -48.89 -16.59 -7.69
C LEU A 168 -48.94 -18.10 -7.52
N GLU A 169 -49.64 -18.78 -8.42
CA GLU A 169 -49.83 -20.25 -8.38
C GLU A 169 -48.79 -21.06 -9.17
N THR A 170 -48.32 -20.50 -10.29
CA THR A 170 -47.35 -21.18 -11.15
C THR A 170 -45.93 -21.21 -10.56
N GLU A 171 -45.16 -22.21 -10.97
CA GLU A 171 -43.75 -22.36 -10.57
C GLU A 171 -42.79 -21.80 -11.62
N LEU A 172 -43.32 -21.39 -12.78
CA LEU A 172 -42.50 -20.87 -13.87
C LEU A 172 -42.75 -19.39 -14.12
N ASP A 173 -41.78 -18.74 -14.76
CA ASP A 173 -41.87 -17.32 -15.12
C ASP A 173 -42.45 -17.18 -16.55
N GLU A 174 -42.16 -16.08 -17.24
CA GLU A 174 -42.69 -15.88 -18.59
C GLU A 174 -42.09 -16.82 -19.64
N ASN A 175 -40.83 -17.21 -19.46
CA ASN A 175 -40.11 -18.09 -20.42
C ASN A 175 -40.09 -19.59 -20.09
N GLY A 176 -40.78 -20.01 -19.03
CA GLY A 176 -40.80 -21.42 -18.65
C GLY A 176 -39.76 -21.85 -17.62
N LYS A 177 -38.86 -20.93 -17.24
CA LYS A 177 -37.85 -21.23 -16.20
C LYS A 177 -38.46 -21.18 -14.81
N GLN A 178 -38.03 -22.11 -13.96
CA GLN A 178 -38.47 -22.16 -12.57
C GLN A 178 -38.24 -20.84 -11.86
N LEU A 179 -39.25 -20.38 -11.14
CA LEU A 179 -39.12 -19.16 -10.35
C LEU A 179 -38.10 -19.46 -9.26
N SER A 180 -37.42 -18.44 -8.77
CA SER A 180 -36.47 -18.63 -7.68
C SER A 180 -37.23 -19.11 -6.45
N MET A 181 -36.56 -19.84 -5.57
CA MET A 181 -37.18 -20.30 -4.33
C MET A 181 -37.68 -19.09 -3.50
N ASP A 182 -36.91 -17.99 -3.49
CA ASP A 182 -37.35 -16.80 -2.74
C ASP A 182 -38.67 -16.23 -3.25
N LEU A 183 -38.82 -16.18 -4.56
CA LEU A 183 -40.04 -15.66 -5.17
C LEU A 183 -41.18 -16.63 -4.90
N LYS A 184 -40.90 -17.93 -4.97
CA LYS A 184 -41.95 -18.91 -4.70
C LYS A 184 -42.46 -18.84 -3.24
N CYS A 185 -41.55 -18.63 -2.30
CA CYS A 185 -41.92 -18.54 -0.88
C CYS A 185 -42.61 -17.21 -0.54
N MET A 186 -42.23 -16.14 -1.24
CA MET A 186 -42.92 -14.85 -1.06
C MET A 186 -44.35 -15.01 -1.58
N TYR A 187 -44.49 -15.62 -2.75
CA TYR A 187 -45.83 -15.82 -3.32
C TYR A 187 -46.71 -16.70 -2.43
N LYS A 188 -46.10 -17.68 -1.75
CA LYS A 188 -46.83 -18.56 -0.83
C LYS A 188 -47.47 -17.73 0.30
N VAL A 189 -46.70 -16.81 0.87
CA VAL A 189 -47.19 -15.93 1.91
C VAL A 189 -48.29 -15.01 1.37
N LEU A 190 -48.06 -14.45 0.19
CA LEU A 190 -49.06 -13.54 -0.41
C LEU A 190 -50.40 -14.26 -0.68
N LYS A 191 -50.34 -15.49 -1.18
CA LYS A 191 -51.56 -16.25 -1.42
C LYS A 191 -52.31 -16.49 -0.11
N MET A 192 -51.57 -16.91 0.91
CA MET A 192 -52.13 -17.16 2.25
C MET A 192 -52.82 -15.91 2.80
N GLU A 193 -52.19 -14.74 2.62
CA GLU A 193 -52.77 -13.49 3.12
C GLU A 193 -53.98 -13.02 2.30
N LEU A 194 -53.98 -13.30 1.00
CA LEU A 194 -55.15 -12.96 0.16
C LEU A 194 -56.41 -13.71 0.64
N LEU A 195 -56.21 -14.96 1.07
CA LEU A 195 -57.31 -15.80 1.55
C LEU A 195 -57.78 -15.42 2.96
N LYS A 196 -56.90 -14.87 3.80
CA LYS A 196 -57.28 -14.43 5.16
C LYS A 196 -57.94 -13.06 5.17
N ASN A 197 -57.29 -12.10 4.52
CA ASN A 197 -57.79 -10.71 4.46
C ASN A 197 -57.28 -10.06 3.19
N PRO A 198 -58.15 -9.99 2.16
CA PRO A 198 -57.76 -9.41 0.88
C PRO A 198 -57.54 -7.88 0.83
N PHE A 199 -57.64 -7.21 1.97
N PHE A 199 -57.63 -7.19 1.97
CA PHE A 199 -57.44 -5.75 2.06
CA PHE A 199 -57.37 -5.73 2.00
C PHE A 199 -56.29 -5.42 3.03
C PHE A 199 -56.29 -5.42 3.03
N ARG A 200 -55.51 -6.45 3.38
CA ARG A 200 -54.40 -6.30 4.36
C ARG A 200 -53.37 -5.26 3.95
N TRP A 201 -52.82 -5.44 2.76
CA TRP A 201 -51.75 -4.58 2.26
C TRP A 201 -52.23 -3.16 1.94
N ARG A 202 -53.37 -3.05 1.26
CA ARG A 202 -53.94 -1.74 0.97
C ARG A 202 -54.32 -1.03 2.27
N GLY A 203 -54.73 -1.81 3.28
CA GLY A 203 -55.08 -1.25 4.58
C GLY A 203 -53.89 -0.57 5.28
N MET A 204 -52.69 -1.14 5.12
CA MET A 204 -51.46 -0.59 5.72
C MET A 204 -51.03 0.75 5.15
N LEU A 205 -51.33 0.97 3.87
CA LEU A 205 -50.94 2.20 3.17
C LEU A 205 -51.39 3.46 3.86
N LYS A 206 -52.58 3.40 4.45
CA LYS A 206 -53.17 4.55 5.12
C LYS A 206 -52.32 5.10 6.26
N ASP A 207 -51.62 4.23 6.98
CA ASP A 207 -50.80 4.67 8.11
C ASP A 207 -49.29 4.61 7.81
N LEU A 208 -48.93 4.29 6.57
CA LEU A 208 -47.52 4.23 6.18
C LEU A 208 -46.98 5.60 5.79
N TYR A 209 -45.95 6.06 6.51
CA TYR A 209 -45.35 7.37 6.27
C TYR A 209 -44.00 7.34 5.56
N GLY A 210 -43.38 6.17 5.44
CA GLY A 210 -42.12 6.09 4.71
C GLY A 210 -41.24 4.88 4.94
N VAL A 211 -40.27 4.72 4.06
CA VAL A 211 -39.25 3.67 4.14
C VAL A 211 -37.87 4.32 3.93
N SER A 212 -36.89 3.89 4.72
CA SER A 212 -35.53 4.36 4.58
C SER A 212 -34.70 3.12 4.16
N GLU A 213 -34.10 3.21 2.97
CA GLU A 213 -33.37 2.10 2.34
C GLU A 213 -31.84 2.20 2.45
N GLU A 214 -31.26 1.10 2.94
CA GLU A 214 -29.84 0.98 3.25
C GLU A 214 -28.85 0.70 2.14
N THR A 215 -29.20 -0.16 1.18
CA THR A 215 -28.19 -0.61 0.22
C THR A 215 -28.51 -0.37 -1.24
N THR A 216 -27.46 -0.43 -2.05
CA THR A 216 -27.50 -0.16 -3.47
C THR A 216 -28.60 -0.91 -4.21
N THR A 217 -28.71 -2.21 -3.96
CA THR A 217 -29.73 -3.03 -4.64
C THR A 217 -31.15 -2.56 -4.30
N GLY A 218 -31.35 -2.17 -3.05
CA GLY A 218 -32.66 -1.70 -2.60
C GLY A 218 -33.01 -0.38 -3.25
N VAL A 219 -32.02 0.48 -3.42
CA VAL A 219 -32.22 1.78 -4.04
C VAL A 219 -32.55 1.63 -5.52
N LEU A 220 -31.88 0.70 -6.21
CA LEU A 220 -32.19 0.43 -7.61
C LEU A 220 -33.66 0.05 -7.73
N ARG A 221 -34.11 -0.84 -6.84
CA ARG A 221 -35.52 -1.25 -6.82
C ARG A 221 -36.46 -0.05 -6.63
N LEU A 222 -36.09 0.85 -5.71
CA LEU A 222 -36.89 2.06 -5.48
C LEU A 222 -36.95 2.96 -6.71
N LYS A 223 -35.82 3.16 -7.37
CA LYS A 223 -35.77 4.04 -8.54
C LYS A 223 -36.64 3.53 -9.67
N ILE A 224 -36.63 2.21 -9.85
CA ILE A 224 -37.48 1.58 -10.88
C ILE A 224 -38.94 1.89 -10.55
N MET A 225 -39.36 1.60 -9.33
CA MET A 225 -40.73 1.89 -8.90
C MET A 225 -41.09 3.37 -9.10
N GLU A 226 -40.16 4.25 -8.71
CA GLU A 226 -40.36 5.69 -8.84
C GLU A 226 -40.56 6.10 -10.31
N SER A 227 -39.66 5.63 -11.18
CA SER A 227 -39.76 5.94 -12.62
C SER A 227 -41.08 5.46 -13.25
N GLU A 228 -41.63 4.36 -12.75
CA GLU A 228 -42.90 3.82 -13.25
C GLU A 228 -44.13 4.41 -12.53
N GLY A 229 -43.93 5.37 -11.62
CA GLY A 229 -45.02 5.96 -10.86
C GLY A 229 -45.74 4.93 -10.01
N LYS A 230 -45.02 3.91 -9.54
N LYS A 230 -45.00 3.92 -9.55
CA LYS A 230 -45.65 2.86 -8.72
CA LYS A 230 -45.57 2.81 -8.76
C LYS A 230 -45.20 2.81 -7.28
C LYS A 230 -45.20 2.81 -7.28
N LEU A 231 -44.41 3.79 -6.84
CA LEU A 231 -43.97 3.86 -5.46
C LEU A 231 -45.17 4.31 -4.62
N LEU A 232 -45.47 3.56 -3.55
CA LEU A 232 -46.67 3.81 -2.73
C LEU A 232 -46.44 4.51 -1.39
N LEU A 233 -45.22 4.96 -1.13
CA LEU A 233 -44.93 5.67 0.12
C LEU A 233 -43.64 6.47 -0.05
N PRO A 234 -43.44 7.52 0.78
CA PRO A 234 -42.19 8.29 0.66
C PRO A 234 -40.99 7.45 0.97
N ALA A 235 -39.86 7.74 0.34
CA ALA A 235 -38.65 6.98 0.56
C ALA A 235 -37.45 7.87 0.75
N ILE A 236 -36.54 7.42 1.61
CA ILE A 236 -35.26 8.07 1.79
C ILE A 236 -34.18 7.05 1.43
N ASN A 237 -33.29 7.47 0.56
CA ASN A 237 -32.15 6.67 0.14
C ASN A 237 -31.01 6.95 1.12
N VAL A 238 -30.77 6.02 2.05
CA VAL A 238 -29.67 6.13 3.02
C VAL A 238 -28.35 5.67 2.40
N ASN A 239 -28.40 4.70 1.50
CA ASN A 239 -27.18 4.21 0.85
C ASN A 239 -26.32 5.33 0.27
N ASP A 240 -26.97 6.34 -0.32
CA ASP A 240 -26.27 7.42 -0.98
C ASP A 240 -25.86 8.63 -0.12
N SER A 241 -26.05 8.56 1.20
CA SER A 241 -25.43 9.57 2.05
C SER A 241 -23.92 9.32 1.87
N VAL A 242 -23.13 10.39 1.87
CA VAL A 242 -21.69 10.27 1.71
C VAL A 242 -21.11 9.43 2.86
N THR A 243 -21.60 9.68 4.09
CA THR A 243 -21.13 8.96 5.27
C THR A 243 -21.60 7.50 5.33
N LYS A 244 -22.37 7.09 4.34
CA LYS A 244 -22.76 5.70 4.22
C LYS A 244 -21.93 5.08 3.07
N SER A 245 -22.26 5.42 1.82
CA SER A 245 -21.60 4.81 0.64
C SER A 245 -20.06 4.82 0.61
N LYS A 246 -19.45 5.94 1.00
CA LYS A 246 -17.98 6.06 1.01
C LYS A 246 -17.32 5.32 2.17
N PHE A 247 -18.10 4.87 3.15
CA PHE A 247 -17.51 4.20 4.32
C PHE A 247 -17.95 2.75 4.43
N ASP A 248 -19.24 2.55 4.68
CA ASP A 248 -19.81 1.21 4.74
C ASP A 248 -19.46 0.39 3.48
N ASN A 249 -19.90 0.85 2.32
CA ASN A 249 -19.71 0.06 1.09
C ASN A 249 -18.26 -0.27 0.77
N THR A 250 -17.37 0.68 0.99
CA THR A 250 -15.96 0.51 0.65
C THR A 250 -15.12 0.02 1.83
N TYR A 251 -14.99 0.83 2.87
CA TYR A 251 -14.16 0.49 4.00
C TYR A 251 -14.75 -0.63 4.88
N GLY A 252 -16.07 -0.74 4.89
CA GLY A 252 -16.71 -1.84 5.63
C GLY A 252 -16.30 -3.15 4.99
N CYS A 253 -16.44 -3.21 3.66
CA CYS A 253 -16.09 -4.43 2.91
C CYS A 253 -14.60 -4.77 2.94
N ARG A 254 -13.73 -3.74 3.03
CA ARG A 254 -12.29 -3.99 3.06
C ARG A 254 -11.95 -4.91 4.23
N GLN A 255 -12.65 -4.72 5.35
CA GLN A 255 -12.44 -5.56 6.51
C GLN A 255 -13.32 -6.81 6.51
N SER A 256 -14.63 -6.63 6.33
CA SER A 256 -15.58 -7.74 6.43
C SER A 256 -15.48 -8.77 5.30
N LEU A 257 -15.02 -8.40 4.11
CA LEU A 257 -14.79 -9.42 3.07
C LEU A 257 -13.67 -10.35 3.51
N LEU A 258 -12.57 -9.77 4.02
CA LEU A 258 -11.43 -10.56 4.49
C LEU A 258 -11.86 -11.47 5.62
N HIS A 259 -12.65 -10.94 6.55
CA HIS A 259 -13.12 -11.77 7.67
C HIS A 259 -13.92 -12.97 7.12
N GLY A 260 -14.81 -12.71 6.17
CA GLY A 260 -15.62 -13.78 5.54
C GLY A 260 -14.77 -14.84 4.86
N LEU A 261 -13.81 -14.40 4.06
CA LEU A 261 -12.92 -15.32 3.37
C LEU A 261 -12.03 -16.09 4.33
N PHE A 262 -11.47 -15.42 5.34
CA PHE A 262 -10.63 -16.12 6.31
C PHE A 262 -11.40 -17.24 7.02
N ASN A 263 -12.67 -16.99 7.35
CA ASN A 263 -13.50 -18.02 8.02
C ASN A 263 -13.93 -19.13 7.07
N GLY A 264 -14.33 -18.78 5.86
CA GLY A 264 -14.85 -19.77 4.89
C GLY A 264 -13.85 -20.48 4.02
N CYS A 265 -12.78 -19.79 3.67
CA CYS A 265 -11.72 -20.31 2.78
C CYS A 265 -10.46 -20.59 3.57
N ILE A 266 -10.04 -21.85 3.62
CA ILE A 266 -8.87 -22.25 4.40
C ILE A 266 -7.51 -21.75 3.82
N GLN A 267 -7.49 -21.39 2.54
CA GLN A 267 -6.22 -21.06 1.89
C GLN A 267 -5.66 -19.67 2.15
N MET A 268 -4.37 -19.54 1.86
CA MET A 268 -3.65 -18.28 1.95
C MET A 268 -4.08 -17.41 0.79
N LEU A 269 -4.31 -16.12 1.02
CA LEU A 269 -4.70 -15.22 -0.09
C LEU A 269 -3.47 -14.65 -0.85
N ALA A 270 -2.34 -14.56 -0.16
CA ALA A 270 -1.11 -14.01 -0.77
C ALA A 270 -0.69 -14.81 -1.99
N GLY A 271 -0.33 -14.08 -3.04
CA GLY A 271 0.10 -14.71 -4.28
C GLY A 271 -0.99 -15.26 -5.18
N LYS A 272 -2.21 -15.38 -4.67
CA LYS A 272 -3.30 -15.90 -5.47
C LYS A 272 -3.84 -14.87 -6.44
N LYS A 273 -4.31 -15.35 -7.58
CA LYS A 273 -4.98 -14.50 -8.54
C LYS A 273 -6.43 -14.51 -8.11
N ILE A 274 -6.90 -13.36 -7.63
CA ILE A 274 -8.27 -13.24 -7.15
C ILE A 274 -9.04 -12.28 -8.04
N VAL A 275 -10.08 -12.78 -8.71
CA VAL A 275 -10.89 -11.94 -9.58
C VAL A 275 -12.01 -11.25 -8.79
N VAL A 276 -12.06 -9.93 -8.89
CA VAL A 276 -13.12 -9.13 -8.26
C VAL A 276 -14.00 -8.65 -9.41
N LEU A 277 -15.22 -9.19 -9.51
CA LEU A 277 -16.12 -8.82 -10.60
C LEU A 277 -16.95 -7.64 -10.15
N GLY A 278 -16.67 -6.47 -10.74
CA GLY A 278 -17.31 -5.24 -10.39
C GLY A 278 -16.35 -4.39 -9.57
N TYR A 279 -16.10 -3.16 -10.00
CA TYR A 279 -15.20 -2.27 -9.29
C TYR A 279 -15.92 -0.96 -8.96
N GLY A 280 -17.09 -1.12 -8.33
CA GLY A 280 -17.90 -0.01 -7.83
C GLY A 280 -17.45 0.28 -6.41
N GLU A 281 -18.36 0.79 -5.58
CA GLU A 281 -17.97 1.14 -4.21
C GLU A 281 -17.56 -0.08 -3.38
N VAL A 282 -18.26 -1.19 -3.55
CA VAL A 282 -17.93 -2.43 -2.85
C VAL A 282 -16.65 -3.08 -3.40
N GLY A 283 -16.60 -3.25 -4.71
CA GLY A 283 -15.43 -3.84 -5.36
C GLY A 283 -14.14 -3.10 -5.05
N LYS A 284 -14.21 -1.77 -4.99
CA LYS A 284 -13.04 -0.95 -4.64
C LYS A 284 -12.48 -1.35 -3.29
N GLY A 285 -13.36 -1.48 -2.30
CA GLY A 285 -12.96 -1.88 -0.95
C GLY A 285 -12.46 -3.31 -0.88
N CYS A 286 -13.12 -4.22 -1.61
CA CYS A 286 -12.69 -5.60 -1.66
C CYS A 286 -11.25 -5.71 -2.19
N ALA A 287 -10.97 -5.03 -3.30
CA ALA A 287 -9.65 -5.06 -3.94
C ALA A 287 -8.57 -4.53 -3.00
N GLN A 288 -8.88 -3.48 -2.27
CA GLN A 288 -7.93 -2.86 -1.36
C GLN A 288 -7.55 -3.85 -0.24
N GLY A 289 -8.55 -4.53 0.31
CA GLY A 289 -8.32 -5.51 1.36
C GLY A 289 -7.54 -6.72 0.86
N LEU A 290 -7.94 -7.25 -0.29
CA LEU A 290 -7.25 -8.40 -0.89
C LEU A 290 -5.77 -8.08 -1.18
N SER A 291 -5.50 -6.92 -1.79
N SER A 291 -5.50 -6.93 -1.80
CA SER A 291 -4.13 -6.49 -2.08
CA SER A 291 -4.14 -6.50 -2.10
C SER A 291 -3.35 -6.34 -0.78
C SER A 291 -3.33 -6.22 -0.82
N GLY A 292 -4.03 -5.85 0.25
CA GLY A 292 -3.40 -5.61 1.55
C GLY A 292 -2.82 -6.87 2.19
N VAL A 293 -3.32 -8.03 1.79
CA VAL A 293 -2.82 -9.31 2.31
C VAL A 293 -2.08 -10.13 1.23
N GLY A 294 -1.60 -9.43 0.20
CA GLY A 294 -0.76 -10.03 -0.82
C GLY A 294 -1.35 -10.67 -2.05
N ALA A 295 -2.67 -10.63 -2.21
CA ALA A 295 -3.27 -11.22 -3.39
C ALA A 295 -2.98 -10.34 -4.61
N ARG A 296 -3.05 -10.95 -5.78
CA ARG A 296 -2.92 -10.25 -7.04
C ARG A 296 -4.35 -10.16 -7.57
N VAL A 297 -4.91 -8.97 -7.48
CA VAL A 297 -6.29 -8.74 -7.86
C VAL A 297 -6.44 -8.44 -9.34
N ILE A 298 -7.41 -9.12 -9.96
CA ILE A 298 -7.77 -8.92 -11.37
C ILE A 298 -9.23 -8.47 -11.36
N VAL A 299 -9.53 -7.37 -12.05
CA VAL A 299 -10.86 -6.82 -12.08
C VAL A 299 -11.62 -7.06 -13.38
N THR A 300 -12.93 -7.27 -13.28
CA THR A 300 -13.79 -7.27 -14.46
C THR A 300 -14.73 -6.07 -14.26
N GLU A 301 -15.07 -5.41 -15.36
CA GLU A 301 -15.96 -4.25 -15.36
C GLU A 301 -16.61 -4.03 -16.69
N ILE A 302 -17.82 -3.47 -16.62
CA ILE A 302 -18.57 -3.05 -17.79
C ILE A 302 -18.48 -1.55 -18.01
N ASP A 303 -18.12 -0.82 -16.95
CA ASP A 303 -18.05 0.63 -16.97
C ASP A 303 -16.59 1.07 -17.28
N PRO A 304 -16.39 1.77 -18.41
CA PRO A 304 -15.04 2.16 -18.79
C PRO A 304 -14.35 3.11 -17.79
N ILE A 305 -15.11 3.93 -17.08
CA ILE A 305 -14.53 4.83 -16.08
C ILE A 305 -14.03 4.00 -14.89
N CYS A 306 -14.88 3.11 -14.41
CA CYS A 306 -14.50 2.23 -13.30
C CYS A 306 -13.29 1.35 -13.68
N ALA A 307 -13.24 0.87 -14.92
CA ALA A 307 -12.12 0.05 -15.40
C ALA A 307 -10.81 0.86 -15.36
N LEU A 308 -10.86 2.12 -15.79
CA LEU A 308 -9.67 2.97 -15.74
C LEU A 308 -9.23 3.23 -14.31
N GLN A 309 -10.19 3.34 -13.40
CA GLN A 309 -9.89 3.55 -11.98
C GLN A 309 -9.10 2.37 -11.43
N ALA A 310 -9.51 1.15 -11.78
CA ALA A 310 -8.81 -0.06 -11.36
C ALA A 310 -7.38 -0.08 -11.88
N SER A 311 -7.20 0.30 -13.15
N SER A 311 -7.19 0.30 -13.15
CA SER A 311 -5.87 0.32 -13.75
CA SER A 311 -5.84 0.30 -13.74
C SER A 311 -4.95 1.29 -13.00
C SER A 311 -4.93 1.30 -13.02
N MET A 312 -5.49 2.43 -12.58
CA MET A 312 -4.72 3.45 -11.83
C MET A 312 -4.26 2.95 -10.47
N GLU A 313 -4.92 1.90 -9.97
CA GLU A 313 -4.54 1.26 -8.71
C GLU A 313 -3.66 0.02 -8.94
N GLY A 314 -3.18 -0.15 -10.17
CA GLY A 314 -2.30 -1.25 -10.51
C GLY A 314 -2.94 -2.59 -10.82
N TYR A 315 -4.27 -2.61 -10.98
CA TYR A 315 -4.95 -3.88 -11.25
C TYR A 315 -5.15 -4.17 -12.73
N GLN A 316 -4.95 -5.43 -13.08
CA GLN A 316 -5.22 -5.92 -14.43
C GLN A 316 -6.74 -5.91 -14.59
N VAL A 317 -7.24 -5.49 -15.75
CA VAL A 317 -8.69 -5.51 -16.01
C VAL A 317 -8.89 -6.45 -17.20
N SER A 318 -9.61 -7.55 -16.96
CA SER A 318 -9.84 -8.59 -17.95
C SER A 318 -11.30 -9.00 -18.02
N VAL A 319 -11.65 -9.72 -19.09
CA VAL A 319 -13.00 -10.34 -19.19
C VAL A 319 -12.86 -11.70 -18.50
N LEU A 320 -13.89 -12.10 -17.76
CA LEU A 320 -13.86 -13.36 -17.02
C LEU A 320 -13.43 -14.55 -17.86
N GLU A 321 -13.89 -14.61 -19.10
CA GLU A 321 -13.56 -15.72 -19.99
C GLU A 321 -12.05 -15.93 -20.21
N ASP A 322 -11.28 -14.84 -20.19
CA ASP A 322 -9.83 -14.93 -20.39
C ASP A 322 -9.02 -15.34 -19.15
N VAL A 323 -9.64 -15.32 -17.97
CA VAL A 323 -8.94 -15.68 -16.73
C VAL A 323 -9.62 -16.78 -15.91
N VAL A 324 -10.78 -17.25 -16.37
CA VAL A 324 -11.54 -18.22 -15.59
C VAL A 324 -10.81 -19.54 -15.29
N SER A 325 -9.97 -19.98 -16.22
N SER A 325 -9.97 -19.99 -16.22
CA SER A 325 -9.20 -21.23 -16.06
CA SER A 325 -9.22 -21.25 -16.03
C SER A 325 -7.93 -21.09 -15.22
C SER A 325 -7.93 -21.09 -15.21
N GLU A 326 -7.46 -19.85 -15.06
CA GLU A 326 -6.20 -19.56 -14.33
C GLU A 326 -6.37 -19.01 -12.92
N ALA A 327 -7.45 -18.29 -12.66
CA ALA A 327 -7.63 -17.66 -11.34
C ALA A 327 -7.96 -18.67 -10.24
N ASP A 328 -7.65 -18.27 -9.01
CA ASP A 328 -7.83 -19.10 -7.84
C ASP A 328 -9.12 -18.88 -7.09
N ILE A 329 -9.55 -17.62 -7.02
CA ILE A 329 -10.72 -17.21 -6.25
C ILE A 329 -11.49 -16.16 -7.03
N PHE A 330 -12.82 -16.25 -6.98
CA PHE A 330 -13.73 -15.33 -7.68
C PHE A 330 -14.68 -14.72 -6.68
N ILE A 331 -14.76 -13.39 -6.68
N ILE A 331 -14.78 -13.40 -6.68
CA ILE A 331 -15.62 -12.62 -5.78
CA ILE A 331 -15.65 -12.65 -5.78
C ILE A 331 -16.52 -11.72 -6.64
C ILE A 331 -16.52 -11.68 -6.58
N THR A 332 -17.83 -11.93 -6.58
CA THR A 332 -18.78 -11.10 -7.32
C THR A 332 -19.23 -9.91 -6.47
N ALA A 333 -19.16 -8.72 -7.04
CA ALA A 333 -19.51 -7.46 -6.34
C ALA A 333 -20.22 -6.51 -7.29
N THR A 334 -21.13 -7.05 -8.11
CA THR A 334 -21.78 -6.26 -9.14
C THR A 334 -23.19 -5.77 -8.85
N GLY A 335 -23.95 -6.51 -8.05
CA GLY A 335 -25.36 -6.19 -7.85
C GLY A 335 -26.17 -6.54 -9.12
N ASN A 336 -25.56 -7.32 -10.02
CA ASN A 336 -26.17 -7.73 -11.29
C ASN A 336 -26.53 -9.22 -11.18
N LYS A 337 -26.89 -9.87 -12.27
CA LYS A 337 -27.21 -11.29 -12.21
C LYS A 337 -26.46 -12.07 -13.27
N ASP A 338 -26.27 -13.35 -12.98
CA ASP A 338 -25.62 -14.27 -13.90
C ASP A 338 -24.21 -13.84 -14.31
N VAL A 339 -23.41 -13.42 -13.35
N VAL A 339 -23.38 -13.38 -13.37
CA VAL A 339 -22.04 -12.97 -13.61
CA VAL A 339 -22.00 -12.98 -13.72
C VAL A 339 -21.10 -14.17 -13.70
C VAL A 339 -21.06 -14.18 -13.69
N ILE A 340 -21.38 -15.20 -12.88
CA ILE A 340 -20.63 -16.45 -12.86
C ILE A 340 -21.68 -17.54 -13.17
N THR A 341 -21.53 -18.18 -14.31
CA THR A 341 -22.48 -19.21 -14.77
C THR A 341 -21.92 -20.61 -14.51
N VAL A 342 -22.77 -21.61 -14.72
CA VAL A 342 -22.34 -23.00 -14.56
C VAL A 342 -21.21 -23.31 -15.53
N GLU A 343 -21.33 -22.79 -16.76
CA GLU A 343 -20.28 -23.02 -17.77
C GLU A 343 -18.92 -22.45 -17.35
N HIS A 344 -18.92 -21.31 -16.66
CA HIS A 344 -17.68 -20.73 -16.17
C HIS A 344 -17.11 -21.65 -15.12
N MET A 345 -17.97 -22.09 -14.21
CA MET A 345 -17.56 -22.98 -13.12
C MET A 345 -16.91 -24.29 -13.61
N ARG A 346 -17.40 -24.85 -14.71
CA ARG A 346 -16.82 -26.09 -15.27
C ARG A 346 -15.40 -25.90 -15.78
N LYS A 347 -15.03 -24.66 -16.10
CA LYS A 347 -13.69 -24.36 -16.61
C LYS A 347 -12.69 -23.98 -15.50
N MET A 348 -13.16 -23.80 -14.27
CA MET A 348 -12.28 -23.40 -13.17
C MET A 348 -11.30 -24.52 -12.75
N LYS A 349 -10.19 -24.11 -12.14
CA LYS A 349 -9.19 -25.08 -11.71
C LYS A 349 -9.69 -25.81 -10.48
N GLU A 350 -9.04 -26.93 -10.19
CA GLU A 350 -9.37 -27.77 -9.04
C GLU A 350 -9.35 -26.96 -7.72
N ASN A 351 -10.45 -27.07 -6.97
CA ASN A 351 -10.65 -26.39 -5.68
C ASN A 351 -10.62 -24.86 -5.74
N ALA A 352 -11.08 -24.32 -6.87
CA ALA A 352 -11.22 -22.89 -7.02
C ALA A 352 -12.31 -22.47 -6.04
N TYR A 353 -12.17 -21.29 -5.44
CA TYR A 353 -13.17 -20.77 -4.51
C TYR A 353 -14.05 -19.72 -5.18
N ILE A 354 -15.33 -19.72 -4.84
CA ILE A 354 -16.31 -18.78 -5.38
C ILE A 354 -17.11 -18.17 -4.24
N ALA A 355 -17.25 -16.85 -4.25
CA ALA A 355 -18.01 -16.13 -3.23
C ALA A 355 -18.66 -14.90 -3.83
N ASN A 356 -19.72 -14.44 -3.17
CA ASN A 356 -20.44 -13.24 -3.58
C ASN A 356 -20.55 -12.31 -2.38
N ILE A 357 -20.41 -11.02 -2.64
CA ILE A 357 -20.54 -10.00 -1.61
C ILE A 357 -21.63 -8.98 -1.98
N GLY A 358 -22.29 -9.16 -3.14
CA GLY A 358 -23.43 -8.32 -3.55
C GLY A 358 -24.64 -8.70 -2.69
N HIS A 359 -25.69 -7.88 -2.71
CA HIS A 359 -26.82 -8.13 -1.82
C HIS A 359 -27.52 -9.48 -2.02
N PHE A 360 -27.75 -9.85 -3.27
CA PHE A 360 -28.44 -11.10 -3.60
C PHE A 360 -27.51 -12.16 -4.22
N ASP A 361 -27.93 -13.41 -4.07
CA ASP A 361 -27.21 -14.59 -4.55
C ASP A 361 -27.24 -14.79 -6.07
N ASP A 362 -28.05 -13.97 -6.73
CA ASP A 362 -28.26 -13.97 -8.18
C ASP A 362 -27.02 -13.82 -9.05
N GLU A 363 -25.98 -13.23 -8.51
CA GLU A 363 -24.72 -13.00 -9.24
C GLU A 363 -24.09 -14.31 -9.71
N ILE A 364 -24.29 -15.37 -8.93
CA ILE A 364 -23.78 -16.71 -9.20
C ILE A 364 -24.97 -17.65 -9.49
N ASP A 365 -24.83 -18.52 -10.49
CA ASP A 365 -25.90 -19.47 -10.82
C ASP A 365 -25.82 -20.67 -9.89
N VAL A 366 -26.20 -20.44 -8.64
CA VAL A 366 -26.15 -21.47 -7.61
C VAL A 366 -27.19 -22.57 -7.89
N TYR A 367 -28.36 -22.18 -8.39
CA TYR A 367 -29.41 -23.17 -8.71
C TYR A 367 -28.91 -24.14 -9.78
N GLY A 368 -28.33 -23.59 -10.85
CA GLY A 368 -27.80 -24.39 -11.95
C GLY A 368 -26.70 -25.33 -11.49
N LEU A 369 -25.90 -24.89 -10.52
CA LEU A 369 -24.83 -25.71 -9.99
C LEU A 369 -25.42 -26.85 -9.16
N GLU A 370 -26.30 -26.50 -8.21
CA GLU A 370 -26.92 -27.50 -7.33
C GLU A 370 -27.72 -28.56 -8.08
N ASN A 371 -28.33 -28.16 -9.20
CA ASN A 371 -29.18 -29.04 -10.02
C ASN A 371 -28.48 -29.59 -11.27
N TYR A 372 -27.16 -29.43 -11.37
CA TYR A 372 -26.44 -29.96 -12.54
C TYR A 372 -26.52 -31.48 -12.48
N PRO A 373 -26.80 -32.15 -13.62
CA PRO A 373 -26.94 -33.62 -13.56
C PRO A 373 -25.71 -34.36 -13.03
N GLY A 374 -25.92 -35.22 -12.04
CA GLY A 374 -24.85 -36.03 -11.46
C GLY A 374 -23.84 -35.28 -10.63
N ILE A 375 -24.16 -34.04 -10.25
CA ILE A 375 -23.28 -33.24 -9.42
C ILE A 375 -23.22 -33.91 -8.05
N LYS A 376 -22.06 -33.80 -7.40
N LYS A 376 -22.06 -33.84 -7.40
CA LYS A 376 -21.81 -34.38 -6.08
CA LYS A 376 -21.89 -34.38 -6.06
C LYS A 376 -21.51 -33.20 -5.16
C LYS A 376 -21.54 -33.19 -5.18
N VAL A 377 -22.17 -33.13 -4.01
CA VAL A 377 -21.96 -32.03 -3.07
C VAL A 377 -21.60 -32.54 -1.67
N ILE A 378 -20.70 -31.84 -0.99
N ILE A 378 -20.70 -31.82 -1.01
CA ILE A 378 -20.35 -32.15 0.38
CA ILE A 378 -20.20 -32.14 0.33
C ILE A 378 -20.17 -30.86 1.16
C ILE A 378 -20.07 -30.87 1.18
N GLU A 379 -20.55 -30.92 2.43
CA GLU A 379 -20.43 -29.79 3.31
C GLU A 379 -19.02 -29.86 3.90
N VAL A 380 -18.19 -28.87 3.58
CA VAL A 380 -16.81 -28.78 4.07
C VAL A 380 -16.81 -28.29 5.51
N LYS A 381 -17.68 -27.33 5.78
CA LYS A 381 -17.86 -26.79 7.12
C LYS A 381 -19.18 -26.06 7.09
N GLN A 382 -19.54 -25.41 8.19
CA GLN A 382 -20.77 -24.64 8.22
C GLN A 382 -20.80 -23.63 7.09
N ASN A 383 -21.83 -23.75 6.24
CA ASN A 383 -22.05 -22.82 5.16
C ASN A 383 -20.91 -22.75 4.12
N VAL A 384 -20.24 -23.88 3.90
CA VAL A 384 -19.19 -23.98 2.85
C VAL A 384 -19.42 -25.33 2.21
N HIS A 385 -19.61 -25.35 0.90
CA HIS A 385 -19.88 -26.58 0.16
C HIS A 385 -18.99 -26.76 -1.05
N LYS A 386 -18.52 -28.00 -1.24
CA LYS A 386 -17.69 -28.38 -2.38
C LYS A 386 -18.55 -29.13 -3.39
N PHE A 387 -18.52 -28.69 -4.63
CA PHE A 387 -19.29 -29.28 -5.73
C PHE A 387 -18.33 -29.93 -6.71
N THR A 388 -18.60 -31.19 -7.07
CA THR A 388 -17.74 -31.96 -7.98
C THR A 388 -18.51 -32.37 -9.23
N PHE A 389 -18.00 -31.98 -10.40
CA PHE A 389 -18.65 -32.33 -11.67
C PHE A 389 -18.32 -33.78 -12.05
N PRO A 390 -19.32 -34.54 -12.53
CA PRO A 390 -19.13 -35.96 -12.85
C PRO A 390 -18.23 -36.23 -14.06
N ASP A 391 -18.22 -35.36 -15.06
CA ASP A 391 -17.40 -35.60 -16.26
C ASP A 391 -15.89 -35.41 -16.03
N THR A 392 -15.49 -34.28 -15.45
CA THR A 392 -14.08 -33.99 -15.21
C THR A 392 -13.58 -34.38 -13.83
N GLN A 393 -14.49 -34.68 -12.90
CA GLN A 393 -14.13 -34.98 -11.50
C GLN A 393 -13.45 -33.79 -10.80
N LYS A 394 -13.53 -32.58 -11.39
CA LYS A 394 -12.98 -31.38 -10.78
C LYS A 394 -14.02 -30.78 -9.85
N SER A 395 -13.54 -30.07 -8.82
CA SER A 395 -14.40 -29.46 -7.83
C SER A 395 -14.22 -27.97 -7.67
N VAL A 396 -15.29 -27.30 -7.26
CA VAL A 396 -15.28 -25.88 -6.92
C VAL A 396 -15.88 -25.80 -5.53
N ILE A 397 -15.43 -24.81 -4.76
CA ILE A 397 -15.88 -24.62 -3.39
C ILE A 397 -16.62 -23.30 -3.31
N LEU A 398 -17.89 -23.37 -2.92
CA LEU A 398 -18.75 -22.20 -2.84
C LEU A 398 -18.97 -21.77 -1.40
N LEU A 399 -18.79 -20.48 -1.12
CA LEU A 399 -19.03 -19.97 0.22
C LEU A 399 -20.50 -19.55 0.37
N CYS A 400 -21.11 -20.05 1.47
CA CYS A 400 -22.50 -19.82 1.91
C CYS A 400 -23.56 -19.68 0.81
N LYS A 401 -23.56 -20.66 -0.09
CA LYS A 401 -24.50 -20.77 -1.19
C LYS A 401 -24.68 -19.49 -2.00
N GLY A 402 -23.60 -18.71 -2.14
CA GLY A 402 -23.62 -17.48 -2.92
C GLY A 402 -24.23 -16.27 -2.24
N ARG A 403 -24.62 -16.43 -0.97
CA ARG A 403 -25.15 -15.32 -0.18
C ARG A 403 -24.00 -14.42 0.26
N LEU A 404 -24.31 -13.16 0.57
CA LEU A 404 -23.27 -12.16 0.91
C LEU A 404 -22.34 -12.73 1.98
N VAL A 405 -21.11 -12.93 1.55
CA VAL A 405 -20.12 -13.69 2.31
C VAL A 405 -19.63 -13.04 3.59
N ASN A 406 -19.63 -11.71 3.64
CA ASN A 406 -19.15 -11.05 4.83
C ASN A 406 -20.11 -11.29 5.99
N LEU A 407 -21.40 -11.40 5.70
CA LEU A 407 -22.41 -11.66 6.72
C LEU A 407 -22.74 -13.16 6.88
N GLY A 408 -22.57 -13.92 5.81
CA GLY A 408 -22.85 -15.35 5.80
C GLY A 408 -21.76 -16.17 6.47
N CYS A 409 -20.48 -15.86 6.18
CA CYS A 409 -19.35 -16.59 6.75
C CYS A 409 -18.66 -15.83 7.89
N ALA A 410 -19.05 -14.57 8.11
CA ALA A 410 -18.48 -13.82 9.23
C ALA A 410 -19.59 -13.00 9.90
N THR A 411 -19.30 -11.78 10.37
CA THR A 411 -20.32 -11.02 11.08
C THR A 411 -20.61 -9.64 10.50
N GLY A 412 -20.26 -9.42 9.24
CA GLY A 412 -20.55 -8.14 8.60
C GLY A 412 -19.56 -7.08 9.00
N HIS A 413 -19.89 -5.84 8.69
CA HIS A 413 -19.00 -4.72 8.97
C HIS A 413 -18.86 -4.45 10.46
N PRO A 414 -17.79 -3.76 10.85
CA PRO A 414 -17.59 -3.45 12.26
C PRO A 414 -18.41 -2.25 12.78
N PRO A 415 -18.51 -2.10 14.11
CA PRO A 415 -19.34 -1.03 14.70
C PRO A 415 -19.11 0.39 14.22
N LEU A 416 -17.86 0.81 13.98
CA LEU A 416 -17.63 2.20 13.59
C LEU A 416 -18.38 2.59 12.32
N VAL A 417 -18.20 1.84 11.23
CA VAL A 417 -18.91 2.20 9.98
C VAL A 417 -20.40 1.92 10.05
N MET A 418 -20.80 0.90 10.79
CA MET A 418 -22.24 0.63 10.94
C MET A 418 -22.91 1.78 11.70
N SER A 419 -22.19 2.38 12.65
CA SER A 419 -22.73 3.51 13.37
C SER A 419 -22.94 4.69 12.40
N MET A 420 -22.02 4.85 11.45
CA MET A 420 -22.16 5.91 10.47
C MET A 420 -23.39 5.65 9.61
N SER A 421 -23.52 4.42 9.11
CA SER A 421 -24.71 4.09 8.29
C SER A 421 -25.98 4.22 9.10
N PHE A 422 -25.97 3.69 10.32
CA PHE A 422 -27.14 3.70 11.18
C PHE A 422 -27.53 5.04 11.78
N THR A 423 -26.59 5.96 11.93
CA THR A 423 -26.92 7.31 12.40
C THR A 423 -27.78 7.95 11.26
N ASN A 424 -27.40 7.69 10.00
CA ASN A 424 -28.19 8.16 8.84
C ASN A 424 -29.60 7.52 8.89
N GLN A 425 -29.68 6.23 9.20
CA GLN A 425 -30.99 5.54 9.30
C GLN A 425 -31.90 6.21 10.32
N VAL A 426 -31.36 6.48 11.52
CA VAL A 426 -32.16 7.11 12.58
C VAL A 426 -32.63 8.50 12.15
N LEU A 427 -31.73 9.28 11.57
CA LEU A 427 -32.08 10.62 11.08
C LEU A 427 -33.16 10.58 9.97
N ALA A 428 -33.10 9.54 9.13
CA ALA A 428 -34.08 9.35 8.05
C ALA A 428 -35.44 9.01 8.63
N GLN A 429 -35.44 8.11 9.62
CA GLN A 429 -36.67 7.73 10.32
C GLN A 429 -37.31 8.94 10.97
N MET A 430 -36.50 9.77 11.63
CA MET A 430 -37.00 10.99 12.28
C MET A 430 -37.59 11.97 11.25
N ASP A 431 -36.92 12.11 10.12
CA ASP A 431 -37.37 12.98 9.04
C ASP A 431 -38.73 12.52 8.47
N LEU A 432 -38.86 11.24 8.16
CA LEU A 432 -40.11 10.69 7.65
C LEU A 432 -41.26 10.84 8.66
N TRP A 433 -40.97 10.57 9.93
CA TRP A 433 -41.98 10.67 10.98
C TRP A 433 -42.45 12.11 11.20
N LYS A 434 -41.50 13.04 11.27
N LYS A 434 -41.51 13.05 11.28
CA LYS A 434 -41.80 14.47 11.47
CA LYS A 434 -41.86 14.47 11.51
C LYS A 434 -42.69 15.06 10.38
C LYS A 434 -42.68 15.10 10.38
N SER A 435 -42.47 14.66 9.14
CA SER A 435 -43.24 15.18 8.02
C SER A 435 -44.45 14.32 7.65
N ARG A 436 -44.88 13.42 8.53
CA ARG A 436 -46.00 12.53 8.24
C ARG A 436 -47.33 13.22 7.89
N GLU A 437 -47.55 14.41 8.44
N GLU A 437 -47.58 14.40 8.45
CA GLU A 437 -48.77 15.18 8.18
CA GLU A 437 -48.83 15.14 8.16
C GLU A 437 -48.95 15.57 6.70
C GLU A 437 -48.96 15.55 6.68
N LEU A 438 -47.85 15.60 5.95
CA LEU A 438 -47.86 15.95 4.52
C LEU A 438 -48.21 14.75 3.61
N VAL A 439 -48.26 13.53 4.14
CA VAL A 439 -48.65 12.38 3.34
C VAL A 439 -50.17 12.42 3.28
N ASP A 440 -50.71 12.95 2.18
CA ASP A 440 -52.17 13.08 2.00
C ASP A 440 -52.67 12.02 1.01
N ARG A 441 -53.16 10.90 1.55
CA ARG A 441 -53.65 9.77 0.75
C ARG A 441 -54.91 10.05 -0.10
N SER A 442 -55.70 11.06 0.27
CA SER A 442 -56.93 11.38 -0.51
C SER A 442 -56.59 11.99 -1.88
N LYS A 443 -55.39 12.56 -1.98
CA LYS A 443 -54.89 13.14 -3.23
C LYS A 443 -53.95 12.12 -3.89
N ASN A 444 -54.14 11.85 -5.18
CA ASN A 444 -53.32 10.89 -5.93
C ASN A 444 -51.93 11.47 -6.26
N THR A 445 -51.14 11.69 -5.22
CA THR A 445 -49.80 12.26 -5.37
C THR A 445 -48.75 11.17 -5.63
N ARG A 446 -47.69 11.56 -6.34
CA ARG A 446 -46.58 10.69 -6.62
C ARG A 446 -45.62 10.75 -5.46
N PHE A 447 -45.14 9.59 -5.03
CA PHE A 447 -44.14 9.54 -3.97
C PHE A 447 -42.78 9.43 -4.65
N PHE A 448 -41.76 9.95 -3.99
CA PHE A 448 -40.42 10.00 -4.56
C PHE A 448 -39.33 9.56 -3.56
N VAL A 449 -38.12 9.39 -4.09
CA VAL A 449 -36.96 9.00 -3.33
C VAL A 449 -36.06 10.23 -3.14
N LYS A 450 -35.80 10.59 -1.88
CA LYS A 450 -34.91 11.71 -1.59
C LYS A 450 -33.73 11.25 -0.75
N LYS A 451 -32.76 12.15 -0.60
CA LYS A 451 -31.56 11.89 0.19
C LYS A 451 -31.53 12.89 1.33
N LEU A 452 -30.84 12.54 2.39
CA LEU A 452 -30.67 13.46 3.53
C LEU A 452 -29.79 14.63 3.09
N SER A 453 -29.95 15.77 3.74
CA SER A 453 -29.15 16.96 3.41
C SER A 453 -27.65 16.77 3.67
N LYS A 454 -26.83 17.55 2.99
CA LYS A 454 -25.39 17.51 3.22
C LYS A 454 -25.06 17.98 4.66
N GLU A 455 -25.86 18.92 5.17
N GLU A 455 -25.89 18.90 5.18
CA GLU A 455 -25.71 19.38 6.54
CA GLU A 455 -25.76 19.40 6.55
C GLU A 455 -25.76 18.18 7.51
C GLU A 455 -25.80 18.22 7.53
N LEU A 456 -26.76 17.33 7.33
CA LEU A 456 -26.89 16.14 8.19
C LEU A 456 -25.76 15.13 7.95
N ASP A 457 -25.32 15.02 6.70
CA ASP A 457 -24.28 14.08 6.30
C ASP A 457 -22.98 14.47 7.03
N GLU A 458 -22.65 15.75 6.97
CA GLU A 458 -21.47 16.26 7.68
C GLU A 458 -21.62 16.08 9.19
N TYR A 459 -22.85 16.21 9.69
CA TYR A 459 -23.12 16.02 11.11
C TYR A 459 -22.77 14.60 11.53
N VAL A 460 -23.15 13.61 10.72
CA VAL A 460 -22.83 12.21 11.01
C VAL A 460 -21.32 12.04 11.16
N ALA A 461 -20.58 12.65 10.25
CA ALA A 461 -19.12 12.57 10.33
C ALA A 461 -18.61 13.22 11.61
N ARG A 462 -19.12 14.41 11.93
CA ARG A 462 -18.69 15.11 13.15
C ARG A 462 -18.82 14.29 14.41
N LEU A 463 -19.91 13.54 14.50
CA LEU A 463 -20.18 12.72 15.69
C LEU A 463 -19.19 11.57 15.89
N HIS A 464 -18.43 11.21 14.84
CA HIS A 464 -17.49 10.10 14.95
C HIS A 464 -16.02 10.50 14.95
N LEU A 465 -15.72 11.80 14.87
CA LEU A 465 -14.32 12.25 14.83
C LEU A 465 -13.54 11.84 16.08
N ASP A 466 -14.15 12.01 17.24
CA ASP A 466 -13.46 11.67 18.51
C ASP A 466 -13.08 10.21 18.66
N VAL A 467 -13.86 9.29 18.08
CA VAL A 467 -13.52 7.88 18.12
C VAL A 467 -12.07 7.68 17.70
N LEU A 468 -11.67 8.40 16.65
CA LEU A 468 -10.35 8.24 16.07
C LEU A 468 -9.34 9.33 16.42
N GLY A 469 -9.68 10.21 17.36
CA GLY A 469 -8.74 11.28 17.73
C GLY A 469 -8.47 12.28 16.62
N ILE A 470 -9.45 12.48 15.74
CA ILE A 470 -9.32 13.40 14.63
C ILE A 470 -9.47 14.84 15.16
N LYS A 471 -8.56 15.74 14.78
CA LYS A 471 -8.65 17.15 15.17
C LYS A 471 -8.95 17.96 13.91
N LEU A 472 -10.13 18.55 13.88
CA LEU A 472 -10.59 19.33 12.74
C LEU A 472 -10.14 20.81 12.82
N THR A 473 -9.81 21.38 11.67
CA THR A 473 -9.43 22.76 11.55
C THR A 473 -10.70 23.57 11.33
N LYS A 474 -10.71 24.80 11.83
CA LYS A 474 -11.84 25.69 11.64
C LYS A 474 -11.45 26.85 10.72
N LEU A 475 -12.30 27.11 9.74
CA LEU A 475 -12.08 28.22 8.81
C LEU A 475 -12.21 29.57 9.50
N THR A 476 -11.40 30.56 9.10
CA THR A 476 -11.57 31.92 9.59
C THR A 476 -12.68 32.51 8.73
N GLU A 477 -13.18 33.67 9.13
CA GLU A 477 -14.27 34.27 8.34
C GLU A 477 -13.80 34.63 6.93
N THR A 478 -12.57 35.11 6.85
N THR A 478 -12.57 35.13 6.79
CA THR A 478 -11.91 35.50 5.61
CA THR A 478 -12.07 35.52 5.47
C THR A 478 -11.77 34.31 4.65
C THR A 478 -11.81 34.28 4.60
N GLN A 479 -11.33 33.18 5.20
CA GLN A 479 -11.16 31.94 4.45
C GLN A 479 -12.50 31.37 3.98
N ALA A 480 -13.50 31.42 4.87
CA ALA A 480 -14.83 30.90 4.55
C ALA A 480 -15.42 31.71 3.37
N LYS A 481 -15.24 33.01 3.39
CA LYS A 481 -15.73 33.85 2.30
C LYS A 481 -14.94 33.56 1.01
N TYR A 482 -13.64 33.37 1.13
CA TYR A 482 -12.78 33.07 -0.03
C TYR A 482 -13.20 31.79 -0.76
N ILE A 483 -13.52 30.72 -0.05
CA ILE A 483 -13.95 29.48 -0.74
C ILE A 483 -15.47 29.36 -0.87
N ASN A 484 -16.17 30.44 -0.53
CA ASN A 484 -17.62 30.55 -0.71
C ASN A 484 -18.43 29.52 0.10
N VAL A 485 -18.11 29.37 1.39
CA VAL A 485 -18.88 28.46 2.27
C VAL A 485 -19.10 29.12 3.61
N SER A 486 -20.03 28.55 4.38
CA SER A 486 -20.23 28.98 5.76
C SER A 486 -19.16 28.32 6.62
N ILE A 487 -18.71 29.00 7.68
CA ILE A 487 -17.72 28.41 8.60
C ILE A 487 -18.20 27.06 9.14
N ASN A 488 -19.51 26.92 9.30
CA ASN A 488 -20.14 25.70 9.81
C ASN A 488 -20.61 24.72 8.75
N GLY A 489 -20.22 24.95 7.49
CA GLY A 489 -20.61 24.08 6.40
C GLY A 489 -22.03 24.32 5.89
N PRO A 490 -22.47 23.57 4.88
CA PRO A 490 -21.70 22.51 4.23
C PRO A 490 -20.49 23.04 3.46
N TYR A 491 -19.48 22.18 3.32
CA TYR A 491 -18.21 22.59 2.74
C TYR A 491 -18.01 22.25 1.27
N LYS A 492 -18.94 21.48 0.71
CA LYS A 492 -18.81 21.04 -0.68
C LYS A 492 -20.12 21.20 -1.41
N SER A 493 -20.04 21.41 -2.72
N SER A 493 -20.03 21.40 -2.72
CA SER A 493 -21.22 21.53 -3.56
CA SER A 493 -21.22 21.53 -3.57
C SER A 493 -21.94 20.18 -3.62
C SER A 493 -21.93 20.18 -3.63
N GLU A 494 -23.22 20.20 -3.98
CA GLU A 494 -24.02 18.96 -4.02
C GLU A 494 -23.54 17.86 -4.95
N ASP A 495 -22.81 18.22 -5.99
CA ASP A 495 -22.29 17.22 -6.92
C ASP A 495 -20.85 16.75 -6.62
N TYR A 496 -20.33 17.11 -5.43
CA TYR A 496 -18.95 16.72 -5.08
C TYR A 496 -18.89 15.22 -4.86
N ARG A 497 -17.85 14.60 -5.38
CA ARG A 497 -17.75 13.13 -5.36
C ARG A 497 -16.87 12.52 -4.28
N TYR A 498 -16.21 13.37 -3.48
CA TYR A 498 -15.34 12.93 -2.38
C TYR A 498 -14.30 11.92 -2.80
N MET B 6 45.08 25.02 -11.99
CA MET B 6 44.21 23.96 -11.37
C MET B 6 44.62 22.54 -11.83
N GLU B 7 44.95 21.69 -10.87
CA GLU B 7 45.32 20.30 -11.15
C GLU B 7 44.06 19.45 -11.43
N SER B 8 42.98 19.75 -10.70
CA SER B 8 41.69 19.07 -10.88
C SER B 8 41.14 19.28 -12.29
N ARG B 9 40.33 18.33 -12.76
CA ARG B 9 39.68 18.44 -14.05
C ARG B 9 38.20 18.25 -13.81
N ILE B 10 37.48 19.38 -13.81
CA ILE B 10 36.03 19.42 -13.57
C ILE B 10 35.38 20.28 -14.65
N LYS B 11 34.04 20.29 -14.69
N LYS B 11 34.05 20.29 -14.71
CA LYS B 11 33.28 21.05 -15.67
CA LYS B 11 33.34 21.09 -15.71
C LYS B 11 33.36 22.57 -15.49
C LYS B 11 33.40 22.60 -15.49
N ASP B 12 32.98 23.04 -14.31
CA ASP B 12 32.90 24.49 -14.04
C ASP B 12 33.01 24.88 -12.56
N ILE B 13 34.12 25.51 -12.21
CA ILE B 13 34.38 25.95 -10.83
C ILE B 13 33.31 26.97 -10.32
N SER B 14 32.63 27.67 -11.23
CA SER B 14 31.63 28.68 -10.80
C SER B 14 30.39 28.09 -10.13
N LEU B 15 30.22 26.76 -10.22
CA LEU B 15 29.09 26.05 -9.61
C LEU B 15 29.33 25.70 -8.12
N ALA B 16 30.51 26.06 -7.60
CA ALA B 16 30.91 25.75 -6.22
C ALA B 16 29.96 26.26 -5.15
N GLU B 17 29.50 27.50 -5.27
CA GLU B 17 28.61 28.07 -4.26
C GLU B 17 27.29 27.27 -4.13
N PHE B 18 26.71 26.87 -5.26
N PHE B 18 26.71 26.89 -5.27
CA PHE B 18 25.48 26.06 -5.22
CA PHE B 18 25.50 26.04 -5.28
C PHE B 18 25.78 24.70 -4.56
C PHE B 18 25.77 24.69 -4.60
N GLY B 19 26.95 24.12 -4.88
CA GLY B 19 27.36 22.84 -4.30
C GLY B 19 27.56 22.92 -2.80
N LEU B 20 28.24 23.97 -2.35
CA LEU B 20 28.49 24.19 -0.93
C LEU B 20 27.20 24.34 -0.14
N GLN B 21 26.22 25.04 -0.71
N GLN B 21 26.24 25.05 -0.73
CA GLN B 21 24.95 25.24 -0.02
CA GLN B 21 24.92 25.27 -0.11
C GLN B 21 24.13 23.94 0.03
C GLN B 21 24.12 23.97 0.00
N ASP B 22 24.20 23.13 -1.02
CA ASP B 22 23.49 21.84 -1.03
C ASP B 22 24.11 20.91 0.00
N MET B 23 25.44 20.97 0.15
CA MET B 23 26.14 20.20 1.17
C MET B 23 25.61 20.56 2.59
N GLU B 24 25.44 21.86 2.88
CA GLU B 24 24.92 22.29 4.19
C GLU B 24 23.50 21.79 4.44
N ILE B 25 22.67 21.83 3.41
CA ILE B 25 21.31 21.33 3.52
C ILE B 25 21.29 19.82 3.70
N ALA B 26 22.12 19.11 2.94
CA ALA B 26 22.20 17.64 3.02
C ALA B 26 22.62 17.17 4.41
N LYS B 27 23.55 17.92 5.03
CA LYS B 27 24.03 17.59 6.39
C LYS B 27 22.95 17.57 7.45
N THR B 28 21.81 18.22 7.21
CA THR B 28 20.71 18.15 8.15
C THR B 28 20.32 16.67 8.35
N ASP B 29 20.35 15.87 7.28
CA ASP B 29 20.00 14.44 7.36
C ASP B 29 21.20 13.50 7.50
N MET B 30 22.40 13.95 7.13
CA MET B 30 23.58 13.08 7.20
C MET B 30 24.22 13.15 8.58
N MET B 31 23.44 12.81 9.60
N MET B 31 23.42 12.78 9.59
CA MET B 31 23.91 12.91 10.97
CA MET B 31 23.84 12.84 10.99
C MET B 31 25.07 11.98 11.35
C MET B 31 25.07 11.99 11.32
N GLY B 32 25.23 10.87 10.63
CA GLY B 32 26.35 9.97 10.85
C GLY B 32 27.67 10.66 10.52
N LEU B 33 27.73 11.29 9.35
CA LEU B 33 28.93 12.05 8.92
C LEU B 33 29.16 13.29 9.76
N VAL B 34 28.08 13.95 10.19
CA VAL B 34 28.20 15.13 11.05
C VAL B 34 28.84 14.73 12.38
N GLU B 35 28.37 13.61 12.94
CA GLU B 35 28.90 13.11 14.20
C GLU B 35 30.35 12.65 14.08
N LEU B 36 30.71 11.95 13.00
CA LEU B 36 32.12 11.54 12.83
C LEU B 36 33.03 12.77 12.71
N GLN B 37 32.57 13.81 12.02
CA GLN B 37 33.37 15.06 11.94
C GLN B 37 33.54 15.69 13.33
N ARG B 38 32.46 15.80 14.09
CA ARG B 38 32.48 16.38 15.43
C ARG B 38 33.42 15.60 16.37
N LYS B 39 33.29 14.29 16.34
CA LYS B 39 34.05 13.42 17.24
C LYS B 39 35.53 13.30 16.92
N TYR B 40 35.88 13.26 15.64
CA TYR B 40 37.27 13.00 15.24
C TYR B 40 38.05 14.12 14.57
N ARG B 41 37.45 15.29 14.32
CA ARG B 41 38.20 16.35 13.65
C ARG B 41 39.46 16.83 14.42
N ASP B 42 39.43 16.77 15.75
CA ASP B 42 40.59 17.20 16.56
C ASP B 42 41.72 16.17 16.56
N SER B 43 41.39 14.90 16.81
CA SER B 43 42.41 13.84 16.89
C SER B 43 42.93 13.37 15.53
N LYS B 44 42.13 13.59 14.48
CA LYS B 44 42.51 13.23 13.10
C LYS B 44 43.06 11.81 12.95
N PRO B 45 42.21 10.78 13.14
CA PRO B 45 42.67 9.40 13.04
C PRO B 45 43.23 8.99 11.65
N LEU B 46 42.84 9.71 10.59
CA LEU B 46 43.35 9.44 9.23
C LEU B 46 44.54 10.34 8.79
N LYS B 47 45.10 11.12 9.72
CA LYS B 47 46.23 12.03 9.43
C LYS B 47 47.35 11.28 8.71
N GLY B 48 47.74 11.79 7.54
CA GLY B 48 48.81 11.19 6.76
C GLY B 48 48.35 10.21 5.70
N ALA B 49 47.08 9.81 5.72
CA ALA B 49 46.60 8.84 4.75
C ALA B 49 46.32 9.48 3.38
N ARG B 50 46.75 8.79 2.32
CA ARG B 50 46.47 9.19 0.95
C ARG B 50 45.32 8.29 0.49
N ILE B 51 44.14 8.89 0.28
CA ILE B 51 42.95 8.15 -0.11
C ILE B 51 42.49 8.49 -1.52
N THR B 52 42.39 7.47 -2.37
CA THR B 52 41.86 7.62 -3.72
C THR B 52 40.45 7.02 -3.67
N GLY B 53 39.48 7.76 -4.19
CA GLY B 53 38.10 7.28 -4.26
C GLY B 53 37.61 7.21 -5.68
N SER B 54 36.86 6.14 -5.98
CA SER B 54 36.23 5.97 -7.29
C SER B 54 34.78 5.65 -6.94
N LEU B 55 33.99 6.71 -6.81
CA LEU B 55 32.61 6.58 -6.38
C LEU B 55 31.80 7.81 -6.83
N HIS B 56 30.68 7.54 -7.50
CA HIS B 56 29.77 8.59 -8.05
C HIS B 56 29.85 9.86 -7.23
N LEU B 57 30.38 10.93 -7.81
CA LEU B 57 30.59 12.16 -7.07
C LEU B 57 29.36 13.09 -7.09
N THR B 58 28.48 12.87 -6.13
CA THR B 58 27.27 13.67 -5.94
C THR B 58 27.47 14.53 -4.70
N ILE B 59 26.47 15.37 -4.38
CA ILE B 59 26.52 16.20 -3.18
C ILE B 59 26.76 15.34 -1.93
N GLU B 60 26.11 14.19 -1.87
CA GLU B 60 26.29 13.29 -0.73
C GLU B 60 27.75 12.82 -0.62
N THR B 61 28.36 12.54 -1.77
CA THR B 61 29.75 12.10 -1.80
C THR B 61 30.66 13.23 -1.36
N SER B 62 30.31 14.46 -1.67
CA SER B 62 31.14 15.60 -1.23
C SER B 62 31.20 15.69 0.30
N VAL B 63 30.11 15.31 0.98
CA VAL B 63 30.08 15.31 2.46
C VAL B 63 30.98 14.17 2.97
N LEU B 64 31.01 13.05 2.25
CA LEU B 64 31.93 11.93 2.61
C LEU B 64 33.39 12.39 2.53
N VAL B 65 33.73 13.06 1.42
CA VAL B 65 35.07 13.56 1.17
C VAL B 65 35.48 14.58 2.24
N GLU B 66 34.53 15.47 2.57
CA GLU B 66 34.73 16.47 3.62
C GLU B 66 35.03 15.77 4.94
N THR B 67 34.29 14.71 5.23
CA THR B 67 34.47 13.95 6.47
C THR B 67 35.89 13.34 6.52
N LEU B 68 36.31 12.69 5.44
CA LEU B 68 37.65 12.09 5.38
C LEU B 68 38.73 13.16 5.56
N TYR B 69 38.50 14.32 4.93
CA TYR B 69 39.41 15.46 4.99
C TYR B 69 39.52 16.02 6.42
N GLU B 70 38.37 16.20 7.08
CA GLU B 70 38.33 16.68 8.47
C GLU B 70 39.05 15.71 9.44
N LEU B 71 39.03 14.42 9.08
CA LEU B 71 39.68 13.36 9.87
C LEU B 71 41.19 13.21 9.56
N GLY B 72 41.73 14.07 8.69
CA GLY B 72 43.16 14.10 8.41
C GLY B 72 43.68 13.60 7.08
N ALA B 73 42.86 12.94 6.27
CA ALA B 73 43.34 12.40 4.99
C ALA B 73 43.55 13.44 3.88
N GLU B 74 44.44 13.10 2.95
CA GLU B 74 44.64 13.85 1.72
C GLU B 74 43.84 12.99 0.74
N ILE B 75 43.11 13.63 -0.18
CA ILE B 75 42.17 12.92 -1.05
C ILE B 75 42.22 13.26 -2.55
N ARG B 76 42.09 12.23 -3.39
CA ARG B 76 41.98 12.38 -4.86
C ARG B 76 40.74 11.59 -5.20
N TRP B 77 39.89 12.13 -6.08
CA TRP B 77 38.62 11.47 -6.36
C TRP B 77 38.20 11.49 -7.81
N CYS B 78 37.45 10.45 -8.19
CA CYS B 78 36.87 10.34 -9.53
C CYS B 78 35.51 9.64 -9.36
N SER B 79 34.64 9.73 -10.37
CA SER B 79 33.33 9.04 -10.31
C SER B 79 33.51 7.66 -10.92
N CYS B 80 32.60 6.74 -10.57
CA CYS B 80 32.62 5.36 -11.07
C CYS B 80 31.60 5.14 -12.19
N ASN B 81 31.15 6.24 -12.80
CA ASN B 81 30.26 6.17 -13.95
C ASN B 81 30.40 7.46 -14.75
N ILE B 82 30.35 7.33 -16.07
CA ILE B 82 30.47 8.47 -16.98
C ILE B 82 29.34 9.51 -16.85
N TYR B 83 28.19 9.12 -16.29
CA TYR B 83 27.05 10.04 -16.18
C TYR B 83 26.64 10.45 -14.78
N SER B 84 27.27 9.88 -13.75
CA SER B 84 26.80 10.08 -12.38
C SER B 84 27.27 11.31 -11.60
N THR B 85 28.29 12.01 -12.09
CA THR B 85 28.80 13.18 -11.37
C THR B 85 27.80 14.34 -11.35
N GLN B 86 27.70 15.01 -10.19
CA GLN B 86 26.96 16.26 -10.07
C GLN B 86 28.05 17.31 -10.12
N ASP B 87 28.09 18.08 -11.20
CA ASP B 87 29.16 19.07 -11.41
C ASP B 87 29.31 20.10 -10.29
N HIS B 88 28.18 20.50 -9.67
CA HIS B 88 28.25 21.48 -8.59
C HIS B 88 28.91 20.84 -7.34
N ALA B 89 28.70 19.54 -7.13
CA ALA B 89 29.33 18.80 -6.04
C ALA B 89 30.85 18.76 -6.21
N ALA B 90 31.27 18.48 -7.45
CA ALA B 90 32.70 18.42 -7.77
C ALA B 90 33.36 19.80 -7.59
N ALA B 91 32.68 20.84 -8.05
CA ALA B 91 33.18 22.21 -7.94
C ALA B 91 33.37 22.64 -6.47
N ALA B 92 32.46 22.18 -5.59
CA ALA B 92 32.50 22.50 -4.16
C ALA B 92 33.79 21.96 -3.50
N LEU B 93 34.17 20.74 -3.84
CA LEU B 93 35.39 20.14 -3.30
C LEU B 93 36.64 20.89 -3.78
N VAL B 94 36.67 21.24 -5.06
CA VAL B 94 37.82 21.94 -5.61
C VAL B 94 37.92 23.35 -5.04
N LYS B 95 36.78 24.02 -4.93
CA LYS B 95 36.75 25.40 -4.42
C LYS B 95 37.30 25.46 -2.99
N LYS B 96 36.87 24.57 -2.10
CA LYS B 96 37.40 24.62 -0.74
C LYS B 96 38.76 23.88 -0.54
N ASN B 97 39.35 23.37 -1.63
N ASN B 97 39.32 23.36 -1.65
CA ASN B 97 40.66 22.70 -1.60
CA ASN B 97 40.65 22.71 -1.66
C ASN B 97 40.76 21.53 -0.63
C ASN B 97 40.78 21.52 -0.70
N ILE B 98 39.74 20.68 -0.65
CA ILE B 98 39.75 19.49 0.24
C ILE B 98 40.02 18.19 -0.52
N ALA B 99 40.05 18.25 -1.84
CA ALA B 99 40.37 17.09 -2.67
C ALA B 99 40.75 17.54 -4.07
N THR B 100 41.54 16.70 -4.75
CA THR B 100 41.90 16.90 -6.14
C THR B 100 40.89 15.99 -6.87
N VAL B 101 40.10 16.58 -7.77
CA VAL B 101 39.00 15.86 -8.43
C VAL B 101 39.20 15.75 -9.93
N PHE B 102 38.82 14.59 -10.48
CA PHE B 102 38.85 14.26 -11.90
C PHE B 102 37.49 13.66 -12.22
N ALA B 103 36.50 14.52 -12.43
CA ALA B 103 35.13 14.06 -12.66
C ALA B 103 34.20 15.15 -13.19
N TRP B 104 33.40 14.77 -14.17
CA TRP B 104 32.35 15.63 -14.71
C TRP B 104 31.24 14.75 -15.29
N LYS B 105 30.03 15.30 -15.33
CA LYS B 105 28.94 14.56 -15.91
C LYS B 105 29.16 14.50 -17.43
N ASN B 106 28.82 13.36 -18.01
CA ASN B 106 28.92 13.12 -19.47
C ASN B 106 30.37 13.00 -19.98
N GLU B 107 31.15 12.20 -19.28
CA GLU B 107 32.50 11.86 -19.68
C GLU B 107 32.44 10.87 -20.84
N THR B 108 33.43 10.92 -21.73
CA THR B 108 33.58 9.91 -22.74
C THR B 108 34.20 8.73 -21.96
N ILE B 109 34.11 7.52 -22.50
CA ILE B 109 34.72 6.35 -21.83
C ILE B 109 36.25 6.51 -21.74
N GLU B 110 36.86 7.08 -22.78
CA GLU B 110 38.31 7.32 -22.78
C GLU B 110 38.68 8.18 -21.59
N ASP B 111 37.95 9.29 -21.41
CA ASP B 111 38.21 10.21 -20.30
C ASP B 111 37.97 9.59 -18.94
N TYR B 112 36.98 8.69 -18.86
CA TYR B 112 36.70 8.00 -17.61
C TYR B 112 37.95 7.32 -17.05
N TRP B 113 38.58 6.50 -17.89
CA TRP B 113 39.76 5.73 -17.50
C TRP B 113 40.99 6.61 -17.25
N VAL B 114 41.08 7.73 -17.95
CA VAL B 114 42.16 8.68 -17.72
C VAL B 114 41.96 9.34 -16.35
N CYS B 115 40.71 9.67 -16.01
CA CYS B 115 40.40 10.28 -14.70
C CYS B 115 40.74 9.35 -13.54
N LEU B 116 40.37 8.07 -13.67
CA LEU B 116 40.64 7.09 -12.63
C LEU B 116 42.14 6.92 -12.43
N ASN B 117 42.87 6.82 -13.54
CA ASN B 117 44.32 6.67 -13.49
C ASN B 117 44.95 7.88 -12.81
N ASP B 118 44.43 9.07 -13.09
CA ASP B 118 44.95 10.30 -12.49
C ASP B 118 44.62 10.37 -11.00
N ALA B 119 43.44 9.87 -10.62
CA ALA B 119 43.05 9.82 -9.21
C ALA B 119 43.99 8.87 -8.43
N MET B 120 44.44 7.82 -9.11
CA MET B 120 45.36 6.83 -8.52
C MET B 120 46.81 7.31 -8.48
N THR B 121 47.10 8.44 -9.13
CA THR B 121 48.48 8.98 -9.21
C THR B 121 48.76 10.05 -8.15
N TRP B 122 49.76 9.77 -7.31
CA TRP B 122 50.17 10.68 -6.25
C TRP B 122 51.63 11.08 -6.43
N ARG B 123 51.93 12.35 -6.17
CA ARG B 123 53.31 12.85 -6.21
C ARG B 123 53.78 12.82 -4.78
N ASN B 124 54.72 11.91 -4.47
CA ASN B 124 55.23 11.72 -3.10
C ASN B 124 55.84 13.02 -2.51
N PRO B 125 55.78 13.18 -1.17
CA PRO B 125 56.23 14.42 -0.53
C PRO B 125 57.73 14.76 -0.56
N ASN B 126 58.61 13.76 -0.70
CA ASN B 126 60.05 14.01 -0.68
C ASN B 126 60.68 14.28 -2.07
N ASP B 127 59.87 14.23 -3.14
CA ASP B 127 60.38 14.49 -4.50
C ASP B 127 59.21 14.76 -5.46
N LYS B 128 59.28 15.85 -6.22
CA LYS B 128 58.21 16.21 -7.17
C LYS B 128 58.15 15.26 -8.38
N ASP B 129 59.32 14.80 -8.85
CA ASP B 129 59.42 13.91 -10.02
C ASP B 129 58.91 12.48 -9.78
N LYS B 130 59.00 12.00 -8.55
CA LYS B 130 58.60 10.63 -8.24
C LYS B 130 57.10 10.43 -7.96
N ILE B 131 56.59 9.37 -8.55
CA ILE B 131 55.18 9.00 -8.49
C ILE B 131 54.97 7.85 -7.49
N CYS B 132 53.82 7.88 -6.83
CA CYS B 132 53.42 6.82 -5.91
C CYS B 132 51.88 6.67 -5.98
N GLY B 133 51.34 5.75 -5.20
CA GLY B 133 49.90 5.48 -5.20
C GLY B 133 49.23 5.80 -3.89
N PRO B 134 47.93 5.46 -3.77
CA PRO B 134 47.20 5.73 -2.56
C PRO B 134 47.53 4.71 -1.47
N ASN B 135 47.26 5.10 -0.23
CA ASN B 135 47.39 4.20 0.93
C ASN B 135 46.09 3.42 1.08
N LEU B 136 44.97 4.06 0.74
CA LEU B 136 43.63 3.49 0.89
C LEU B 136 42.76 3.81 -0.31
N ILE B 137 41.83 2.92 -0.62
CA ILE B 137 40.93 3.10 -1.75
C ILE B 137 39.48 2.97 -1.30
N VAL B 138 38.65 3.94 -1.70
CA VAL B 138 37.20 3.89 -1.49
C VAL B 138 36.71 3.50 -2.90
N ASP B 139 36.10 2.34 -3.03
CA ASP B 139 35.71 1.85 -4.37
C ASP B 139 34.22 1.51 -4.41
N ASP B 140 33.59 1.81 -5.55
CA ASP B 140 32.17 1.53 -5.79
C ASP B 140 32.10 0.90 -7.19
N GLY B 141 31.95 -0.42 -7.23
CA GLY B 141 31.91 -1.17 -8.50
C GLY B 141 33.19 -1.93 -8.83
N GLY B 142 34.27 -1.64 -8.10
CA GLY B 142 35.55 -2.33 -8.26
C GLY B 142 36.50 -1.87 -9.36
N ASP B 143 36.23 -0.73 -10.00
CA ASP B 143 37.11 -0.24 -11.08
C ASP B 143 38.53 0.18 -10.62
N ALA B 144 38.63 0.85 -9.46
CA ALA B 144 39.95 1.24 -8.94
C ALA B 144 40.76 -0.02 -8.62
N THR B 145 40.07 -1.00 -8.04
CA THR B 145 40.67 -2.27 -7.69
C THR B 145 41.04 -3.06 -8.94
N LEU B 146 40.22 -2.95 -9.99
CA LEU B 146 40.46 -3.65 -11.25
C LEU B 146 41.71 -3.14 -11.95
N ILE B 147 41.83 -1.82 -12.07
CA ILE B 147 42.98 -1.23 -12.79
C ILE B 147 44.30 -1.54 -12.07
N LEU B 148 44.25 -1.62 -10.74
CA LEU B 148 45.43 -1.97 -9.95
C LEU B 148 45.86 -3.41 -10.28
N HIS B 149 44.93 -4.37 -10.10
CA HIS B 149 45.21 -5.79 -10.38
C HIS B 149 45.54 -6.09 -11.85
N GLU B 150 44.88 -5.40 -12.77
CA GLU B 150 45.14 -5.59 -14.20
C GLU B 150 46.46 -4.93 -14.56
N GLY B 151 46.78 -3.86 -13.85
CA GLY B 151 48.04 -3.15 -14.04
C GLY B 151 49.18 -4.06 -13.65
N VAL B 152 49.05 -4.70 -12.49
CA VAL B 152 50.06 -5.63 -11.97
C VAL B 152 50.24 -6.79 -12.96
N LYS B 153 49.12 -7.37 -13.39
CA LYS B 153 49.15 -8.48 -14.34
C LYS B 153 49.85 -8.07 -15.65
N ALA B 154 49.59 -6.84 -16.11
CA ALA B 154 50.18 -6.31 -17.33
C ALA B 154 51.70 -6.15 -17.21
N GLU B 155 52.14 -5.65 -16.05
CA GLU B 155 53.58 -5.46 -15.77
C GLU B 155 54.33 -6.79 -15.75
N ILE B 156 53.70 -7.82 -15.18
CA ILE B 156 54.30 -9.14 -15.10
C ILE B 156 54.43 -9.77 -16.50
N GLU B 157 53.40 -9.58 -17.32
CA GLU B 157 53.42 -10.09 -18.71
C GLU B 157 54.42 -9.30 -19.57
N TYR B 158 54.61 -8.02 -19.23
CA TYR B 158 55.55 -7.15 -19.92
C TYR B 158 56.99 -7.58 -19.67
N GLU B 159 57.29 -8.03 -18.45
CA GLU B 159 58.64 -8.52 -18.12
C GLU B 159 58.93 -9.89 -18.69
N LYS B 160 57.91 -10.75 -18.74
CA LYS B 160 58.07 -12.13 -19.23
C LYS B 160 58.58 -12.22 -20.68
N TYR B 161 58.25 -11.23 -21.51
CA TYR B 161 58.70 -11.21 -22.91
C TYR B 161 59.34 -9.86 -23.31
N ASN B 162 59.61 -9.02 -22.32
CA ASN B 162 60.18 -7.67 -22.53
C ASN B 162 59.49 -6.90 -23.67
N LYS B 163 58.15 -6.89 -23.64
CA LYS B 163 57.37 -6.19 -24.67
C LYS B 163 55.92 -5.98 -24.23
N ILE B 164 55.25 -5.08 -24.94
CA ILE B 164 53.83 -4.79 -24.70
C ILE B 164 53.02 -6.07 -24.95
N PRO B 165 52.31 -6.57 -23.92
CA PRO B 165 51.50 -7.77 -24.12
C PRO B 165 50.53 -7.59 -25.29
N GLU B 166 50.34 -8.66 -26.05
CA GLU B 166 49.49 -8.63 -27.24
C GLU B 166 48.01 -8.42 -26.91
N TYR B 167 47.55 -8.94 -25.77
CA TYR B 167 46.15 -8.77 -25.39
C TYR B 167 45.74 -7.29 -25.20
N LEU B 168 46.72 -6.44 -24.87
CA LEU B 168 46.48 -5.00 -24.68
C LEU B 168 46.36 -4.21 -25.98
N GLU B 169 46.81 -4.79 -27.10
CA GLU B 169 46.78 -4.09 -28.38
C GLU B 169 45.66 -4.55 -29.32
N THR B 170 45.24 -5.81 -29.18
CA THR B 170 44.15 -6.33 -30.01
C THR B 170 42.78 -5.80 -29.56
N GLU B 171 41.90 -5.55 -30.52
CA GLU B 171 40.54 -5.08 -30.24
C GLU B 171 39.53 -6.20 -30.12
N LEU B 172 39.99 -7.46 -30.28
CA LEU B 172 39.13 -8.63 -30.18
C LEU B 172 39.54 -9.48 -28.98
N ASP B 173 38.60 -10.31 -28.52
CA ASP B 173 38.86 -11.25 -27.41
C ASP B 173 39.20 -12.61 -28.02
N GLU B 174 39.56 -13.58 -27.17
CA GLU B 174 39.92 -14.93 -27.65
C GLU B 174 38.81 -15.66 -28.43
N ASN B 175 37.58 -15.11 -28.43
CA ASN B 175 36.44 -15.69 -29.17
C ASN B 175 36.11 -14.91 -30.45
N GLY B 176 36.98 -13.97 -30.84
CA GLY B 176 36.77 -13.16 -32.04
C GLY B 176 35.73 -12.05 -31.93
N LYS B 177 35.26 -11.79 -30.71
CA LYS B 177 34.26 -10.75 -30.46
C LYS B 177 34.93 -9.44 -30.03
N GLN B 178 34.35 -8.33 -30.46
CA GLN B 178 34.86 -6.98 -30.14
C GLN B 178 34.86 -6.76 -28.61
N LEU B 179 35.98 -6.27 -28.08
CA LEU B 179 36.09 -5.96 -26.65
C LEU B 179 35.22 -4.75 -26.35
N SER B 180 34.76 -4.63 -25.10
CA SER B 180 33.95 -3.47 -24.73
C SER B 180 34.79 -2.21 -24.83
N MET B 181 34.13 -1.07 -25.04
CA MET B 181 34.84 0.18 -25.12
C MET B 181 35.58 0.46 -23.79
N ASP B 182 34.97 0.08 -22.67
CA ASP B 182 35.60 0.27 -21.35
C ASP B 182 36.91 -0.51 -21.21
N LEU B 183 36.90 -1.75 -21.66
CA LEU B 183 38.10 -2.58 -21.58
C LEU B 183 39.19 -2.02 -22.51
N LYS B 184 38.81 -1.61 -23.73
CA LYS B 184 39.78 -1.03 -24.67
C LYS B 184 40.39 0.26 -24.11
N CYS B 185 39.57 1.12 -23.52
CA CYS B 185 40.07 2.38 -22.93
C CYS B 185 40.92 2.14 -21.66
N MET B 186 40.58 1.11 -20.88
CA MET B 186 41.39 0.75 -19.71
C MET B 186 42.74 0.26 -20.24
N TYR B 187 42.72 -0.63 -21.24
CA TYR B 187 43.95 -1.15 -21.83
C TYR B 187 44.84 -0.07 -22.43
N LYS B 188 44.22 0.97 -22.99
CA LYS B 188 44.95 2.10 -23.57
C LYS B 188 45.79 2.78 -22.49
N VAL B 189 45.19 2.96 -21.31
CA VAL B 189 45.89 3.57 -20.17
C VAL B 189 47.01 2.67 -19.66
N LEU B 190 46.74 1.36 -19.55
CA LEU B 190 47.75 0.41 -19.06
C LEU B 190 48.98 0.34 -19.98
N LYS B 191 48.74 0.38 -21.29
CA LYS B 191 49.83 0.39 -22.27
C LYS B 191 50.66 1.66 -22.11
N MET B 192 49.97 2.80 -22.04
CA MET B 192 50.63 4.09 -21.86
C MET B 192 51.48 4.08 -20.58
N GLU B 193 50.96 3.52 -19.48
CA GLU B 193 51.70 3.44 -18.22
C GLU B 193 52.88 2.44 -18.23
N LEU B 194 52.78 1.38 -19.05
CA LEU B 194 53.90 0.42 -19.17
C LEU B 194 55.11 1.10 -19.81
N LEU B 195 54.86 1.95 -20.80
CA LEU B 195 55.92 2.69 -21.49
C LEU B 195 56.58 3.75 -20.60
N LYS B 196 55.83 4.36 -19.70
CA LYS B 196 56.40 5.38 -18.79
C LYS B 196 57.16 4.73 -17.62
N ASN B 197 56.56 3.73 -17.01
CA ASN B 197 57.16 3.04 -15.88
C ASN B 197 56.50 1.66 -15.69
N PRO B 198 57.21 0.58 -16.08
CA PRO B 198 56.66 -0.77 -15.96
C PRO B 198 56.70 -1.36 -14.54
N PHE B 199 56.97 -0.53 -13.53
CA PHE B 199 56.93 -0.95 -12.13
C PHE B 199 55.90 -0.09 -11.32
N ARG B 200 55.20 0.81 -12.01
CA ARG B 200 54.19 1.70 -11.39
C ARG B 200 53.24 0.99 -10.41
N TRP B 201 52.53 -0.01 -10.93
CA TRP B 201 51.51 -0.74 -10.17
C TRP B 201 52.05 -1.61 -9.03
N ARG B 202 53.06 -2.43 -9.31
CA ARG B 202 53.67 -3.25 -8.25
C ARG B 202 54.29 -2.37 -7.18
N GLY B 203 54.81 -1.22 -7.59
CA GLY B 203 55.39 -0.23 -6.66
C GLY B 203 54.35 0.33 -5.69
N MET B 204 53.10 0.49 -6.17
CA MET B 204 52.00 0.99 -5.33
C MET B 204 51.61 0.01 -4.22
N LEU B 205 51.76 -1.29 -4.49
CA LEU B 205 51.40 -2.32 -3.51
C LEU B 205 52.09 -2.12 -2.18
N LYS B 206 53.36 -1.74 -2.22
CA LYS B 206 54.17 -1.52 -1.02
C LYS B 206 53.45 -0.67 0.04
N ASP B 207 52.81 0.41 -0.41
CA ASP B 207 52.12 1.34 0.50
C ASP B 207 50.57 1.20 0.58
N LEU B 208 50.00 0.22 -0.12
CA LEU B 208 48.55 -0.03 -0.11
C LEU B 208 48.12 -0.87 1.07
N TYR B 209 47.22 -0.31 1.88
CA TYR B 209 46.74 -0.97 3.09
C TYR B 209 45.30 -1.50 3.02
N GLY B 210 44.56 -1.14 1.97
CA GLY B 210 43.21 -1.65 1.81
C GLY B 210 42.26 -0.89 0.91
N VAL B 211 41.14 -1.56 0.61
CA VAL B 211 40.04 -1.00 -0.17
C VAL B 211 38.73 -1.33 0.55
N SER B 212 37.81 -0.35 0.60
CA SER B 212 36.49 -0.54 1.18
C SER B 212 35.53 -0.41 -0.01
N GLU B 213 34.80 -1.50 -0.29
CA GLU B 213 33.91 -1.62 -1.46
C GLU B 213 32.44 -1.42 -1.15
N GLU B 214 31.85 -0.52 -1.92
CA GLU B 214 30.48 -0.07 -1.72
C GLU B 214 29.33 -0.91 -2.24
N THR B 215 29.50 -1.56 -3.40
CA THR B 215 28.35 -2.19 -4.04
C THR B 215 28.48 -3.66 -4.37
N THR B 216 27.30 -4.28 -4.57
CA THR B 216 27.16 -5.71 -4.81
C THR B 216 28.07 -6.23 -5.93
N THR B 217 28.08 -5.52 -7.06
CA THR B 217 28.93 -5.91 -8.20
C THR B 217 30.43 -5.87 -7.83
N GLY B 218 30.83 -4.86 -7.06
CA GLY B 218 32.22 -4.75 -6.63
C GLY B 218 32.62 -5.86 -5.68
N VAL B 219 31.68 -6.24 -4.81
CA VAL B 219 31.92 -7.32 -3.85
C VAL B 219 32.06 -8.66 -4.59
N LEU B 220 31.22 -8.86 -5.59
CA LEU B 220 31.32 -10.08 -6.39
C LEU B 220 32.74 -10.16 -6.99
N ARG B 221 33.20 -9.07 -7.58
CA ARG B 221 34.56 -9.02 -8.13
C ARG B 221 35.62 -9.36 -7.06
N LEU B 222 35.48 -8.79 -5.86
CA LEU B 222 36.40 -9.08 -4.75
C LEU B 222 36.39 -10.55 -4.33
N LYS B 223 35.20 -11.14 -4.22
CA LYS B 223 35.05 -12.55 -3.83
C LYS B 223 35.69 -13.49 -4.84
N ILE B 224 35.59 -13.15 -6.13
CA ILE B 224 36.21 -13.95 -7.19
C ILE B 224 37.74 -13.89 -7.01
N MET B 225 38.28 -12.69 -6.82
CA MET B 225 39.74 -12.52 -6.60
C MET B 225 40.24 -13.24 -5.35
N GLU B 226 39.44 -13.17 -4.29
CA GLU B 226 39.76 -13.82 -3.03
C GLU B 226 39.81 -15.35 -3.20
N SER B 227 38.81 -15.92 -3.88
CA SER B 227 38.74 -17.38 -4.08
C SER B 227 39.90 -17.93 -4.92
N GLU B 228 40.34 -17.14 -5.90
CA GLU B 228 41.46 -17.53 -6.77
C GLU B 228 42.82 -17.17 -6.16
N GLY B 229 42.81 -16.61 -4.94
CA GLY B 229 44.05 -16.23 -4.26
C GLY B 229 44.81 -15.11 -4.94
N LYS B 230 44.09 -14.23 -5.66
CA LYS B 230 44.70 -13.12 -6.39
C LYS B 230 44.45 -11.71 -5.82
N LEU B 231 43.75 -11.63 -4.68
CA LEU B 231 43.48 -10.34 -4.03
C LEU B 231 44.83 -9.83 -3.48
N LEU B 232 45.20 -8.60 -3.85
CA LEU B 232 46.51 -8.01 -3.50
C LEU B 232 46.51 -7.01 -2.35
N LEU B 233 45.37 -6.84 -1.68
CA LEU B 233 45.30 -5.93 -0.53
C LEU B 233 44.11 -6.31 0.33
N PRO B 234 44.12 -5.91 1.62
CA PRO B 234 42.96 -6.18 2.48
C PRO B 234 41.72 -5.44 1.95
N ALA B 235 40.55 -6.04 2.13
CA ALA B 235 39.32 -5.44 1.67
C ALA B 235 38.22 -5.53 2.73
N ILE B 236 37.42 -4.46 2.80
CA ILE B 236 36.24 -4.43 3.65
C ILE B 236 35.04 -4.31 2.72
N ASN B 237 34.07 -5.17 2.95
CA ASN B 237 32.83 -5.22 2.18
C ASN B 237 31.82 -4.35 2.91
N VAL B 238 31.62 -3.13 2.43
CA VAL B 238 30.65 -2.19 2.99
C VAL B 238 29.24 -2.50 2.52
N ASN B 239 29.10 -3.01 1.31
CA ASN B 239 27.77 -3.34 0.78
C ASN B 239 26.96 -4.18 1.74
N ASP B 240 27.60 -5.16 2.36
CA ASP B 240 26.90 -6.10 3.24
C ASP B 240 26.72 -5.67 4.73
N SER B 241 27.08 -4.44 5.09
CA SER B 241 26.66 -3.94 6.40
C SER B 241 25.13 -3.91 6.29
N VAL B 242 24.43 -4.23 7.36
CA VAL B 242 22.95 -4.20 7.38
C VAL B 242 22.45 -2.77 7.10
N THR B 243 23.13 -1.77 7.69
CA THR B 243 22.76 -0.38 7.51
C THR B 243 23.12 0.16 6.13
N LYS B 244 23.72 -0.68 5.30
CA LYS B 244 23.99 -0.32 3.91
C LYS B 244 22.97 -1.08 3.03
N SER B 245 23.12 -2.40 2.92
CA SER B 245 22.26 -3.20 2.00
C SER B 245 20.74 -3.09 2.20
N LYS B 246 20.29 -3.07 3.45
CA LYS B 246 18.84 -2.96 3.75
C LYS B 246 18.27 -1.57 3.55
N PHE B 247 19.12 -0.58 3.39
CA PHE B 247 18.64 0.80 3.27
C PHE B 247 18.93 1.39 1.91
N ASP B 248 20.20 1.60 1.63
CA ASP B 248 20.67 2.08 0.32
C ASP B 248 20.13 1.26 -0.87
N ASN B 249 20.45 -0.03 -0.91
CA ASN B 249 20.06 -0.87 -2.05
C ASN B 249 18.54 -0.92 -2.28
N THR B 250 17.77 -1.00 -1.20
CA THR B 250 16.32 -1.10 -1.31
C THR B 250 15.62 0.23 -1.24
N TYR B 251 15.72 0.90 -0.09
CA TYR B 251 15.02 2.17 0.11
C TYR B 251 15.57 3.33 -0.70
N GLY B 252 16.86 3.33 -0.99
CA GLY B 252 17.45 4.38 -1.82
C GLY B 252 16.87 4.29 -3.22
N CYS B 253 16.87 3.08 -3.78
CA CYS B 253 16.31 2.85 -5.11
C CYS B 253 14.80 3.13 -5.19
N ARG B 254 14.07 2.87 -4.10
CA ARG B 254 12.63 3.09 -4.10
C ARG B 254 12.35 4.52 -4.50
N GLN B 255 13.15 5.47 -3.99
CA GLN B 255 13.01 6.88 -4.36
C GLN B 255 13.79 7.24 -5.63
N SER B 256 15.05 6.84 -5.73
CA SER B 256 15.89 7.29 -6.86
C SER B 256 15.56 6.67 -8.24
N LEU B 257 15.04 5.43 -8.27
CA LEU B 257 14.58 4.86 -9.53
C LEU B 257 13.43 5.71 -10.06
N LEU B 258 12.48 6.06 -9.19
CA LEU B 258 11.34 6.87 -9.61
C LEU B 258 11.81 8.22 -10.13
N HIS B 259 12.76 8.82 -9.42
CA HIS B 259 13.29 10.13 -9.84
C HIS B 259 13.91 10.03 -11.26
N GLY B 260 14.73 9.00 -11.49
CA GLY B 260 15.37 8.77 -12.81
C GLY B 260 14.33 8.55 -13.90
N LEU B 261 13.34 7.71 -13.61
CA LEU B 261 12.24 7.46 -14.56
C LEU B 261 11.41 8.70 -14.84
N PHE B 262 11.05 9.46 -13.80
CA PHE B 262 10.29 10.69 -14.01
C PHE B 262 11.06 11.67 -14.90
N ASN B 263 12.38 11.79 -14.70
CA ASN B 263 13.20 12.69 -15.51
C ASN B 263 13.36 12.21 -16.96
N GLY B 264 13.56 10.91 -17.12
CA GLY B 264 13.87 10.33 -18.42
C GLY B 264 12.70 9.83 -19.24
N CYS B 265 11.66 9.39 -18.56
CA CYS B 265 10.46 8.86 -19.21
C CYS B 265 9.27 9.80 -19.06
N ILE B 266 8.80 10.37 -20.16
CA ILE B 266 7.68 11.32 -20.09
C ILE B 266 6.32 10.71 -19.68
N GLN B 267 6.17 9.40 -19.83
CA GLN B 267 4.88 8.75 -19.60
C GLN B 267 4.51 8.51 -18.15
N MET B 268 3.20 8.38 -17.94
CA MET B 268 2.61 8.05 -16.68
C MET B 268 2.98 6.61 -16.34
N LEU B 269 3.39 6.36 -15.09
CA LEU B 269 3.71 4.99 -14.70
C LEU B 269 2.46 4.19 -14.31
N ALA B 270 1.42 4.89 -13.82
CA ALA B 270 0.19 4.22 -13.39
C ALA B 270 -0.45 3.39 -14.47
N GLY B 271 -0.85 2.18 -14.11
CA GLY B 271 -1.49 1.27 -15.07
C GLY B 271 -0.58 0.56 -16.05
N LYS B 272 0.69 0.97 -16.12
CA LYS B 272 1.64 0.33 -17.04
C LYS B 272 2.16 -1.00 -16.49
N LYS B 273 2.44 -1.92 -17.42
CA LYS B 273 3.07 -3.19 -17.11
C LYS B 273 4.56 -2.91 -17.14
N ILE B 274 5.18 -2.92 -15.97
CA ILE B 274 6.59 -2.61 -15.84
C ILE B 274 7.29 -3.87 -15.36
N VAL B 275 8.24 -4.37 -16.15
CA VAL B 275 8.97 -5.58 -15.80
C VAL B 275 10.22 -5.19 -15.01
N VAL B 276 10.37 -5.77 -13.83
CA VAL B 276 11.55 -5.55 -13.00
C VAL B 276 12.30 -6.87 -13.06
N LEU B 277 13.46 -6.86 -13.72
CA LEU B 277 14.25 -8.08 -13.89
C LEU B 277 15.24 -8.18 -12.73
N GLY B 278 14.98 -9.16 -11.85
CA GLY B 278 15.76 -9.35 -10.62
C GLY B 278 14.98 -8.76 -9.44
N TYR B 279 14.76 -9.62 -8.43
CA TYR B 279 14.02 -9.22 -7.23
C TYR B 279 14.89 -9.45 -5.98
N GLY B 280 16.10 -8.92 -6.06
CA GLY B 280 17.03 -8.94 -4.95
C GLY B 280 16.85 -7.65 -4.16
N GLU B 281 17.89 -7.17 -3.51
CA GLU B 281 17.73 -5.97 -2.68
C GLU B 281 17.31 -4.75 -3.48
N VAL B 282 17.92 -4.53 -4.63
CA VAL B 282 17.58 -3.40 -5.50
C VAL B 282 16.18 -3.58 -6.13
N GLY B 283 15.94 -4.76 -6.71
CA GLY B 283 14.64 -5.05 -7.34
C GLY B 283 13.47 -4.89 -6.41
N LYS B 284 13.64 -5.32 -5.15
CA LYS B 284 12.60 -5.18 -4.13
C LYS B 284 12.22 -3.71 -3.94
N GLY B 285 13.22 -2.84 -3.83
CA GLY B 285 12.96 -1.40 -3.66
C GLY B 285 12.31 -0.78 -4.90
N CYS B 286 12.79 -1.19 -6.07
CA CYS B 286 12.24 -0.71 -7.34
C CYS B 286 10.76 -1.05 -7.45
N ALA B 287 10.41 -2.30 -7.18
CA ALA B 287 9.02 -2.75 -7.24
C ALA B 287 8.12 -1.96 -6.29
N GLN B 288 8.61 -1.72 -5.08
N GLN B 288 8.61 -1.74 -5.06
CA GLN B 288 7.84 -1.01 -4.08
CA GLN B 288 7.90 -0.97 -4.03
C GLN B 288 7.50 0.42 -4.56
C GLN B 288 7.51 0.42 -4.54
N GLY B 289 8.49 1.12 -5.09
CA GLY B 289 8.28 2.49 -5.61
C GLY B 289 7.34 2.56 -6.81
N LEU B 290 7.55 1.65 -7.75
CA LEU B 290 6.71 1.56 -8.94
C LEU B 290 5.24 1.28 -8.58
N SER B 291 5.00 0.31 -7.70
N SER B 291 5.00 0.32 -7.69
CA SER B 291 3.62 -0.01 -7.30
CA SER B 291 3.64 0.00 -7.25
C SER B 291 3.02 1.15 -6.48
C SER B 291 3.04 1.19 -6.52
N GLY B 292 3.87 1.89 -5.76
CA GLY B 292 3.43 3.06 -5.00
C GLY B 292 2.86 4.18 -5.88
N VAL B 293 3.26 4.23 -7.15
CA VAL B 293 2.71 5.19 -8.09
C VAL B 293 1.77 4.53 -9.12
N GLY B 294 1.21 3.36 -8.76
CA GLY B 294 0.17 2.73 -9.59
C GLY B 294 0.54 1.78 -10.70
N ALA B 295 1.83 1.47 -10.85
CA ALA B 295 2.26 0.58 -11.90
C ALA B 295 1.91 -0.85 -11.55
N ARG B 296 1.77 -1.69 -12.58
CA ARG B 296 1.55 -3.11 -12.38
C ARG B 296 2.89 -3.78 -12.64
N VAL B 297 3.54 -4.21 -11.57
CA VAL B 297 4.89 -4.77 -11.67
C VAL B 297 4.88 -6.28 -11.92
N ILE B 298 5.68 -6.67 -12.92
CA ILE B 298 5.90 -8.06 -13.28
C ILE B 298 7.38 -8.31 -13.02
N VAL B 299 7.69 -9.35 -12.26
CA VAL B 299 9.05 -9.68 -11.88
C VAL B 299 9.59 -10.90 -12.64
N THR B 300 10.88 -10.86 -12.98
CA THR B 300 11.56 -12.04 -13.51
C THR B 300 12.61 -12.38 -12.45
N GLU B 301 12.86 -13.67 -12.29
CA GLU B 301 13.84 -14.18 -11.34
C GLU B 301 14.34 -15.57 -11.69
N ILE B 302 15.59 -15.82 -11.32
CA ILE B 302 16.25 -17.13 -11.44
C ILE B 302 16.25 -17.85 -10.08
N ASP B 303 16.10 -17.08 -9.01
CA ASP B 303 16.15 -17.60 -7.62
C ASP B 303 14.75 -17.92 -7.14
N PRO B 304 14.46 -19.20 -6.87
CA PRO B 304 13.09 -19.58 -6.48
C PRO B 304 12.60 -18.96 -5.16
N ILE B 305 13.51 -18.65 -4.25
CA ILE B 305 13.14 -18.02 -2.99
C ILE B 305 12.70 -16.57 -3.27
N CYS B 306 13.51 -15.84 -4.04
CA CYS B 306 13.17 -14.46 -4.40
C CYS B 306 11.87 -14.40 -5.20
N ALA B 307 11.66 -15.41 -6.06
CA ALA B 307 10.43 -15.48 -6.87
C ALA B 307 9.22 -15.59 -5.96
N LEU B 308 9.30 -16.46 -4.95
CA LEU B 308 8.20 -16.58 -4.00
C LEU B 308 7.99 -15.29 -3.18
N GLN B 309 9.06 -14.61 -2.80
CA GLN B 309 8.92 -13.33 -2.10
C GLN B 309 8.12 -12.34 -2.96
N ALA B 310 8.45 -12.25 -4.27
CA ALA B 310 7.71 -11.35 -5.15
C ALA B 310 6.21 -11.70 -5.19
N SER B 311 5.91 -13.00 -5.21
N SER B 311 5.90 -12.99 -5.22
CA SER B 311 4.53 -13.49 -5.25
CA SER B 311 4.51 -13.45 -5.24
C SER B 311 3.76 -13.11 -3.97
C SER B 311 3.76 -13.08 -3.97
N MET B 312 4.45 -13.14 -2.83
CA MET B 312 3.85 -12.75 -1.54
C MET B 312 3.51 -11.27 -1.47
N GLU B 313 4.15 -10.47 -2.32
CA GLU B 313 3.87 -9.02 -2.41
C GLU B 313 2.86 -8.71 -3.54
N GLY B 314 2.24 -9.76 -4.08
CA GLY B 314 1.24 -9.62 -5.12
C GLY B 314 1.72 -9.43 -6.55
N TYR B 315 2.97 -9.72 -6.85
CA TYR B 315 3.50 -9.55 -8.20
C TYR B 315 3.53 -10.83 -9.00
N GLN B 316 3.11 -10.72 -10.26
CA GLN B 316 3.21 -11.81 -11.23
C GLN B 316 4.71 -12.06 -11.46
N VAL B 317 5.10 -13.33 -11.57
CA VAL B 317 6.49 -13.69 -11.86
C VAL B 317 6.48 -14.46 -13.17
N SER B 318 7.12 -13.89 -14.18
CA SER B 318 7.16 -14.43 -15.52
C SER B 318 8.58 -14.48 -16.10
N VAL B 319 8.71 -15.19 -17.23
CA VAL B 319 9.97 -15.19 -17.97
C VAL B 319 9.82 -14.07 -19.00
N LEU B 320 10.93 -13.35 -19.25
CA LEU B 320 10.93 -12.20 -20.16
C LEU B 320 10.27 -12.48 -21.50
N GLU B 321 10.56 -13.65 -22.08
CA GLU B 321 10.00 -14.04 -23.38
C GLU B 321 8.48 -14.05 -23.45
N ASP B 322 7.82 -14.33 -22.33
CA ASP B 322 6.37 -14.40 -22.31
C ASP B 322 5.68 -13.04 -22.18
N VAL B 323 6.41 -12.00 -21.77
CA VAL B 323 5.84 -10.67 -21.59
C VAL B 323 6.54 -9.56 -22.39
N VAL B 324 7.59 -9.91 -23.14
CA VAL B 324 8.37 -8.88 -23.86
C VAL B 324 7.59 -8.08 -24.89
N SER B 325 6.59 -8.71 -25.53
N SER B 325 6.60 -8.70 -25.53
CA SER B 325 5.78 -8.02 -26.52
CA SER B 325 5.80 -8.03 -26.55
C SER B 325 4.62 -7.20 -25.91
C SER B 325 4.64 -7.21 -25.99
N GLU B 326 4.23 -7.49 -24.66
N GLU B 326 4.29 -7.42 -24.73
CA GLU B 326 3.08 -6.78 -24.03
CA GLU B 326 3.14 -6.73 -24.13
C GLU B 326 3.45 -5.71 -22.98
C GLU B 326 3.47 -5.71 -23.03
N ALA B 327 4.61 -5.84 -22.36
CA ALA B 327 5.00 -4.89 -21.32
C ALA B 327 5.42 -3.51 -21.86
N ASP B 328 5.24 -2.48 -21.03
CA ASP B 328 5.51 -1.11 -21.42
C ASP B 328 6.89 -0.59 -21.09
N ILE B 329 7.43 -1.04 -19.95
CA ILE B 329 8.71 -0.53 -19.46
C ILE B 329 9.49 -1.71 -18.88
N PHE B 330 10.80 -1.72 -19.08
CA PHE B 330 11.68 -2.81 -18.62
C PHE B 330 12.80 -2.22 -17.80
N ILE B 331 12.94 -2.70 -16.58
N ILE B 331 12.97 -2.71 -16.57
CA ILE B 331 13.97 -2.23 -15.64
CA ILE B 331 14.01 -2.21 -15.66
C ILE B 331 14.84 -3.42 -15.21
C ILE B 331 14.87 -3.35 -15.13
N THR B 332 16.13 -3.39 -15.56
CA THR B 332 17.05 -4.46 -15.18
C THR B 332 17.72 -4.16 -13.84
N ALA B 333 17.66 -5.12 -12.92
CA ALA B 333 18.23 -4.97 -11.59
C ALA B 333 18.88 -6.28 -11.13
N THR B 334 19.62 -6.92 -12.03
CA THR B 334 20.19 -8.23 -11.76
C THR B 334 21.65 -8.29 -11.38
N GLY B 335 22.46 -7.34 -11.84
CA GLY B 335 23.91 -7.43 -11.66
C GLY B 335 24.51 -8.47 -12.61
N ASN B 336 23.70 -9.01 -13.51
CA ASN B 336 24.12 -10.06 -14.45
C ASN B 336 24.38 -9.44 -15.85
N LYS B 337 24.45 -10.24 -16.90
CA LYS B 337 24.67 -9.66 -18.23
C LYS B 337 23.76 -10.30 -19.23
N ASP B 338 23.53 -9.58 -20.32
CA ASP B 338 22.71 -10.09 -21.41
C ASP B 338 21.30 -10.49 -20.98
N VAL B 339 20.71 -9.67 -20.11
N VAL B 339 20.67 -9.72 -20.07
CA VAL B 339 19.37 -9.92 -19.58
CA VAL B 339 19.29 -10.05 -19.65
C VAL B 339 18.32 -9.45 -20.59
C VAL B 339 18.28 -9.46 -20.62
N ILE B 340 18.66 -8.38 -21.30
CA ILE B 340 17.81 -7.80 -22.37
C ILE B 340 18.73 -7.75 -23.60
N THR B 341 18.41 -8.59 -24.58
CA THR B 341 19.19 -8.71 -25.80
C THR B 341 18.56 -7.89 -26.91
N VAL B 342 19.31 -7.72 -28.00
CA VAL B 342 18.77 -7.04 -29.19
C VAL B 342 17.53 -7.78 -29.67
N GLU B 343 17.58 -9.10 -29.69
CA GLU B 343 16.40 -9.87 -30.14
C GLU B 343 15.14 -9.58 -29.31
N HIS B 344 15.30 -9.39 -27.99
CA HIS B 344 14.17 -9.03 -27.15
C HIS B 344 13.64 -7.65 -27.57
N MET B 345 14.54 -6.70 -27.73
CA MET B 345 14.18 -5.33 -28.10
C MET B 345 13.40 -5.25 -29.42
N ARG B 346 13.76 -6.09 -30.39
CA ARG B 346 13.04 -6.12 -31.69
C ARG B 346 11.58 -6.52 -31.53
N LYS B 347 11.26 -7.23 -30.44
CA LYS B 347 9.88 -7.69 -30.19
C LYS B 347 9.04 -6.73 -29.37
N MET B 348 9.65 -5.70 -28.79
CA MET B 348 8.93 -4.77 -27.93
C MET B 348 7.91 -3.90 -28.66
N LYS B 349 6.89 -3.45 -27.93
CA LYS B 349 5.87 -2.61 -28.53
C LYS B 349 6.49 -1.23 -28.81
N GLU B 350 5.83 -0.47 -29.68
CA GLU B 350 6.23 0.88 -30.08
C GLU B 350 6.41 1.78 -28.86
N ASN B 351 7.58 2.41 -28.79
CA ASN B 351 7.95 3.33 -27.71
C ASN B 351 8.02 2.69 -26.33
N ALA B 352 8.35 1.40 -26.30
CA ALA B 352 8.66 0.75 -25.03
C ALA B 352 9.88 1.47 -24.47
N TYR B 353 9.93 1.58 -23.15
CA TYR B 353 11.07 2.20 -22.45
C TYR B 353 11.96 1.13 -21.81
N ILE B 354 13.27 1.36 -21.84
CA ILE B 354 14.24 0.41 -21.28
C ILE B 354 15.23 1.17 -20.41
N ALA B 355 15.46 0.64 -19.20
CA ALA B 355 16.43 1.23 -18.27
C ALA B 355 17.08 0.15 -17.44
N ASN B 356 18.26 0.48 -16.95
CA ASN B 356 19.04 -0.38 -16.08
C ASN B 356 19.36 0.37 -14.79
N ILE B 357 19.32 -0.34 -13.66
CA ILE B 357 19.67 0.26 -12.37
C ILE B 357 20.78 -0.55 -11.68
N GLY B 358 21.25 -1.60 -12.37
CA GLY B 358 22.38 -2.40 -11.89
C GLY B 358 23.65 -1.58 -12.10
N HIS B 359 24.76 -2.00 -11.51
CA HIS B 359 25.98 -1.17 -11.57
C HIS B 359 26.54 -0.93 -12.99
N PHE B 360 26.59 -1.98 -13.80
CA PHE B 360 27.11 -1.88 -15.16
C PHE B 360 26.03 -1.97 -16.23
N ASP B 361 26.37 -1.42 -17.37
CA ASP B 361 25.50 -1.38 -18.53
C ASP B 361 25.34 -2.73 -19.22
N ASP B 362 26.16 -3.71 -18.82
CA ASP B 362 26.16 -5.06 -19.38
C ASP B 362 24.81 -5.78 -19.37
N GLU B 363 23.90 -5.37 -18.48
CA GLU B 363 22.60 -6.04 -18.36
C GLU B 363 21.80 -5.99 -19.65
N ILE B 364 22.01 -4.91 -20.41
CA ILE B 364 21.32 -4.64 -21.68
C ILE B 364 22.35 -4.66 -22.79
N ASP B 365 22.02 -5.25 -23.93
CA ASP B 365 22.95 -5.29 -25.06
C ASP B 365 22.91 -3.98 -25.85
N VAL B 366 23.44 -2.91 -25.23
CA VAL B 366 23.46 -1.59 -25.86
C VAL B 366 24.34 -1.59 -27.10
N TYR B 367 25.49 -2.25 -27.03
CA TYR B 367 26.38 -2.32 -28.17
C TYR B 367 25.67 -2.98 -29.37
N GLY B 368 24.96 -4.07 -29.12
CA GLY B 368 24.23 -4.78 -30.18
C GLY B 368 23.15 -3.89 -30.81
N LEU B 369 22.48 -3.11 -29.96
CA LEU B 369 21.45 -2.16 -30.40
C LEU B 369 22.09 -1.08 -31.26
N GLU B 370 23.15 -0.47 -30.75
CA GLU B 370 23.84 0.61 -31.48
C GLU B 370 24.43 0.16 -32.81
N ASN B 371 24.85 -1.09 -32.88
CA ASN B 371 25.44 -1.64 -34.10
C ASN B 371 24.48 -2.41 -35.03
N TYR B 372 23.19 -2.37 -34.73
CA TYR B 372 22.19 -3.03 -35.55
C TYR B 372 22.20 -2.33 -36.93
N PRO B 373 22.15 -3.11 -38.03
CA PRO B 373 22.24 -2.49 -39.37
C PRO B 373 21.12 -1.46 -39.66
N GLY B 374 21.53 -0.23 -39.95
CA GLY B 374 20.60 0.83 -40.28
C GLY B 374 19.77 1.38 -39.11
N ILE B 375 20.16 1.08 -37.88
CA ILE B 375 19.42 1.59 -36.72
C ILE B 375 19.49 3.13 -36.80
N LYS B 376 18.38 3.80 -36.48
CA LYS B 376 18.34 5.25 -36.43
C LYS B 376 18.28 5.65 -34.96
N VAL B 377 19.07 6.65 -34.59
N VAL B 377 19.09 6.63 -34.55
CA VAL B 377 19.14 7.11 -33.22
CA VAL B 377 19.11 7.05 -33.14
C VAL B 377 18.86 8.60 -33.16
C VAL B 377 19.01 8.56 -33.00
N ILE B 378 18.04 9.02 -32.19
CA ILE B 378 17.80 10.45 -31.97
C ILE B 378 17.86 10.72 -30.47
N GLU B 379 18.43 11.87 -30.11
CA GLU B 379 18.47 12.27 -28.72
C GLU B 379 17.11 12.92 -28.41
N VAL B 380 16.36 12.31 -27.49
CA VAL B 380 15.05 12.83 -27.12
C VAL B 380 15.21 13.97 -26.11
N LYS B 381 16.14 13.76 -25.18
CA LYS B 381 16.50 14.78 -24.20
C LYS B 381 17.82 14.35 -23.62
N GLN B 382 18.30 15.08 -22.61
N GLN B 382 18.31 15.09 -22.64
CA GLN B 382 19.59 14.77 -22.01
CA GLN B 382 19.59 14.78 -21.99
C GLN B 382 19.63 13.31 -21.56
C GLN B 382 19.64 13.31 -21.55
N ASN B 383 20.58 12.57 -22.12
CA ASN B 383 20.80 11.17 -21.76
C ASN B 383 19.59 10.25 -22.01
N VAL B 384 18.79 10.54 -23.04
CA VAL B 384 17.64 9.70 -23.40
C VAL B 384 17.63 9.60 -24.92
N HIS B 385 17.61 8.39 -25.46
CA HIS B 385 17.71 8.17 -26.90
C HIS B 385 16.67 7.21 -27.41
N LYS B 386 16.09 7.54 -28.57
CA LYS B 386 15.11 6.69 -29.22
C LYS B 386 15.81 5.99 -30.38
N PHE B 387 15.65 4.67 -30.45
CA PHE B 387 16.29 3.83 -31.47
C PHE B 387 15.19 3.24 -32.33
N THR B 388 15.30 3.37 -33.64
CA THR B 388 14.30 2.84 -34.57
C THR B 388 14.89 1.75 -35.47
N PHE B 389 14.28 0.56 -35.44
CA PHE B 389 14.70 -0.58 -36.26
C PHE B 389 14.16 -0.37 -37.68
N PRO B 390 15.05 -0.37 -38.68
CA PRO B 390 14.59 -0.07 -40.04
C PRO B 390 13.66 -1.09 -40.68
N ASP B 391 13.78 -2.36 -40.30
CA ASP B 391 12.93 -3.42 -40.91
C ASP B 391 11.45 -3.42 -40.44
N THR B 392 11.22 -2.95 -39.23
CA THR B 392 9.85 -2.87 -38.67
C THR B 392 9.35 -1.44 -38.49
N GLN B 393 10.29 -0.49 -38.48
N GLN B 393 10.27 -0.47 -38.50
CA GLN B 393 10.01 0.94 -38.22
CA GLN B 393 9.98 0.96 -38.22
C GLN B 393 9.47 1.16 -36.80
C GLN B 393 9.50 1.18 -36.77
N LYS B 394 9.78 0.22 -35.90
CA LYS B 394 9.37 0.33 -34.49
C LYS B 394 10.52 0.92 -33.70
N SER B 395 10.19 1.67 -32.66
CA SER B 395 11.21 2.29 -31.83
C SER B 395 11.15 1.84 -30.37
N VAL B 396 12.32 1.91 -29.71
CA VAL B 396 12.44 1.69 -28.26
C VAL B 396 13.18 2.92 -27.72
N ILE B 397 12.92 3.26 -26.47
CA ILE B 397 13.55 4.41 -25.85
C ILE B 397 14.40 3.92 -24.70
N LEU B 398 15.70 4.20 -24.79
CA LEU B 398 16.68 3.78 -23.83
C LEU B 398 17.11 4.94 -22.96
N LEU B 399 17.05 4.74 -21.65
CA LEU B 399 17.49 5.76 -20.71
C LEU B 399 19.02 5.64 -20.44
N CYS B 400 19.71 6.77 -20.56
CA CYS B 400 21.17 6.95 -20.39
C CYS B 400 22.06 5.80 -20.84
N LYS B 401 21.80 5.32 -22.06
CA LYS B 401 22.57 4.27 -22.69
C LYS B 401 22.77 3.03 -21.83
N GLY B 402 21.75 2.66 -21.04
CA GLY B 402 21.85 1.49 -20.20
C GLY B 402 22.68 1.63 -18.93
N ARG B 403 23.21 2.83 -18.68
CA ARG B 403 23.97 3.08 -17.44
C ARG B 403 22.96 3.28 -16.31
N LEU B 404 23.42 3.07 -15.06
CA LEU B 404 22.52 3.11 -13.90
C LEU B 404 21.66 4.38 -13.91
N VAL B 405 20.35 4.16 -14.05
CA VAL B 405 19.41 5.24 -14.33
C VAL B 405 19.14 6.25 -13.24
N ASN B 406 19.21 5.82 -12.00
CA ASN B 406 18.99 6.73 -10.88
C ASN B 406 20.06 7.80 -10.81
N LEU B 407 21.27 7.45 -11.20
CA LEU B 407 22.42 8.38 -11.21
C LEU B 407 22.62 9.05 -12.57
N GLY B 408 22.21 8.35 -13.64
CA GLY B 408 22.35 8.87 -15.00
C GLY B 408 21.31 9.90 -15.38
N CYS B 409 20.03 9.62 -15.08
CA CYS B 409 18.92 10.53 -15.38
C CYS B 409 18.47 11.36 -14.19
N ALA B 410 18.94 11.02 -12.99
CA ALA B 410 18.64 11.81 -11.81
C ALA B 410 19.92 12.07 -10.98
N THR B 411 19.81 12.11 -9.66
CA THR B 411 20.95 12.48 -8.81
C THR B 411 21.28 11.39 -7.79
N GLY B 412 20.83 10.18 -8.04
CA GLY B 412 21.10 9.08 -7.13
C GLY B 412 20.27 9.15 -5.87
N HIS B 413 20.67 8.35 -4.90
CA HIS B 413 19.97 8.27 -3.62
C HIS B 413 20.02 9.59 -2.81
N PRO B 414 19.05 9.79 -1.91
CA PRO B 414 19.06 11.00 -1.08
C PRO B 414 20.05 10.95 0.11
N PRO B 415 20.35 12.11 0.71
CA PRO B 415 21.31 12.21 1.82
C PRO B 415 21.17 11.25 2.98
N LEU B 416 19.97 11.03 3.50
CA LEU B 416 19.80 10.13 4.66
C LEU B 416 20.41 8.72 4.45
N VAL B 417 20.00 7.99 3.41
CA VAL B 417 20.57 6.66 3.20
C VAL B 417 22.03 6.73 2.78
N MET B 418 22.42 7.75 2.03
CA MET B 418 23.83 7.86 1.66
C MET B 418 24.69 8.11 2.90
N SER B 419 24.13 8.78 3.91
CA SER B 419 24.88 9.01 5.16
C SER B 419 25.10 7.68 5.89
N MET B 420 24.09 6.81 5.84
CA MET B 420 24.22 5.50 6.44
C MET B 420 25.31 4.69 5.72
N SER B 421 25.28 4.70 4.39
CA SER B 421 26.28 3.98 3.61
C SER B 421 27.68 4.57 3.81
N PHE B 422 27.75 5.90 3.81
CA PHE B 422 29.05 6.57 3.95
C PHE B 422 29.64 6.55 5.37
N THR B 423 28.79 6.46 6.38
CA THR B 423 29.27 6.32 7.76
C THR B 423 30.01 4.97 7.83
N ASN B 424 29.42 3.94 7.20
CA ASN B 424 30.10 2.63 7.06
C ASN B 424 31.45 2.79 6.34
N GLN B 425 31.48 3.55 5.25
CA GLN B 425 32.75 3.78 4.51
C GLN B 425 33.84 4.40 5.39
N VAL B 426 33.49 5.44 6.15
CA VAL B 426 34.48 6.10 7.00
C VAL B 426 35.02 5.13 8.07
N LEU B 427 34.11 4.37 8.72
CA LEU B 427 34.52 3.41 9.75
C LEU B 427 35.42 2.33 9.15
N ALA B 428 35.11 1.93 7.91
CA ALA B 428 35.91 0.95 7.15
C ALA B 428 37.31 1.48 6.87
N GLN B 429 37.39 2.73 6.40
CA GLN B 429 38.68 3.38 6.13
C GLN B 429 39.51 3.50 7.42
N MET B 430 38.87 3.89 8.53
CA MET B 430 39.56 3.98 9.80
C MET B 430 40.08 2.61 10.25
N ASP B 431 39.28 1.57 10.05
CA ASP B 431 39.68 0.21 10.45
C ASP B 431 40.91 -0.24 9.65
N LEU B 432 40.86 -0.04 8.34
CA LEU B 432 41.97 -0.40 7.45
C LEU B 432 43.25 0.40 7.79
N TRP B 433 43.10 1.71 8.00
CA TRP B 433 44.23 2.57 8.35
C TRP B 433 44.88 2.20 9.68
N LYS B 434 44.07 2.00 10.71
CA LYS B 434 44.58 1.64 12.05
C LYS B 434 45.28 0.28 12.11
N SER B 435 44.87 -0.66 11.28
N SER B 435 44.86 -0.66 11.27
CA SER B 435 45.48 -2.00 11.25
CA SER B 435 45.47 -1.99 11.25
C SER B 435 46.61 -2.14 10.23
C SER B 435 46.56 -2.15 10.18
N ARG B 436 47.02 -1.04 9.59
CA ARG B 436 48.05 -1.07 8.53
C ARG B 436 49.38 -1.77 8.88
N GLU B 437 49.79 -1.73 10.15
CA GLU B 437 51.05 -2.37 10.58
C GLU B 437 50.98 -3.91 10.45
N LEU B 438 49.77 -4.46 10.47
CA LEU B 438 49.59 -5.90 10.35
C LEU B 438 49.72 -6.41 8.91
N VAL B 439 49.83 -5.50 7.93
CA VAL B 439 50.02 -5.86 6.52
C VAL B 439 51.54 -6.02 6.34
N ASP B 440 52.00 -7.26 6.14
CA ASP B 440 53.43 -7.56 5.97
C ASP B 440 53.61 -8.33 4.66
N ARG B 441 53.88 -7.60 3.58
CA ARG B 441 54.01 -8.18 2.24
C ARG B 441 55.20 -9.11 1.99
N SER B 442 56.12 -9.18 2.94
CA SER B 442 57.24 -10.11 2.83
C SER B 442 56.80 -11.49 3.31
N LYS B 443 55.82 -11.52 4.22
CA LYS B 443 55.32 -12.78 4.80
C LYS B 443 53.91 -13.19 4.31
N ASN B 444 52.85 -12.53 4.82
CA ASN B 444 51.47 -12.88 4.42
C ASN B 444 51.15 -12.38 2.99
N THR B 445 51.11 -13.33 2.06
CA THR B 445 50.85 -13.04 0.64
C THR B 445 49.35 -13.13 0.30
N ARG B 446 48.53 -13.67 1.23
CA ARG B 446 47.09 -13.86 0.95
C ARG B 446 46.17 -12.89 1.71
N PHE B 447 45.42 -12.09 0.96
CA PHE B 447 44.49 -11.11 1.53
C PHE B 447 43.02 -11.59 1.44
N PHE B 448 42.20 -11.08 2.37
CA PHE B 448 40.81 -11.50 2.52
C PHE B 448 39.83 -10.32 2.56
N VAL B 449 38.55 -10.65 2.37
CA VAL B 449 37.45 -9.71 2.45
C VAL B 449 36.78 -9.91 3.81
N LYS B 450 36.55 -8.81 4.54
CA LYS B 450 35.83 -8.90 5.81
C LYS B 450 34.72 -7.83 5.84
N LYS B 451 33.85 -7.93 6.84
CA LYS B 451 32.77 -6.97 7.01
C LYS B 451 32.93 -6.28 8.36
N LEU B 452 32.30 -5.13 8.52
CA LEU B 452 32.31 -4.42 9.81
C LEU B 452 31.50 -5.22 10.84
N SER B 453 31.80 -5.01 12.11
CA SER B 453 31.10 -5.73 13.19
C SER B 453 29.66 -5.27 13.33
N LYS B 454 28.84 -6.11 13.94
CA LYS B 454 27.43 -5.78 14.17
C LYS B 454 27.32 -4.61 15.16
N GLU B 455 28.28 -4.52 16.07
CA GLU B 455 28.32 -3.39 17.01
C GLU B 455 28.40 -2.05 16.25
N LEU B 456 29.27 -2.00 15.23
CA LEU B 456 29.40 -0.77 14.43
C LEU B 456 28.19 -0.54 13.55
N ASP B 457 27.60 -1.63 13.07
CA ASP B 457 26.41 -1.57 12.21
C ASP B 457 25.28 -0.93 13.00
N GLU B 458 25.06 -1.41 14.24
CA GLU B 458 24.03 -0.86 15.12
C GLU B 458 24.33 0.62 15.47
N TYR B 459 25.61 0.94 15.62
CA TYR B 459 26.04 2.31 15.91
C TYR B 459 25.64 3.25 14.75
N VAL B 460 25.86 2.81 13.51
CA VAL B 460 25.47 3.62 12.34
C VAL B 460 23.96 3.98 12.42
N ALA B 461 23.14 2.99 12.75
CA ALA B 461 21.69 3.20 12.87
C ALA B 461 21.39 4.20 13.99
N ARG B 462 22.02 4.01 15.14
CA ARG B 462 21.80 4.91 16.29
C ARG B 462 22.07 6.35 15.96
N LEU B 463 23.11 6.58 15.18
CA LEU B 463 23.47 7.93 14.78
C LEU B 463 22.42 8.67 13.94
N HIS B 464 21.50 7.91 13.31
CA HIS B 464 20.48 8.52 12.45
C HIS B 464 19.04 8.51 13.00
N LEU B 465 18.83 7.97 14.21
CA LEU B 465 17.47 7.91 14.79
C LEU B 465 16.81 9.28 14.97
N ASP B 466 17.56 10.25 15.47
CA ASP B 466 17.04 11.62 15.68
C ASP B 466 16.59 12.33 14.40
N VAL B 467 17.20 12.01 13.27
CA VAL B 467 16.76 12.59 11.99
C VAL B 467 15.25 12.38 11.82
N LEU B 468 14.77 11.20 12.22
CA LEU B 468 13.38 10.83 12.00
C LEU B 468 12.50 10.81 13.25
N GLY B 469 12.99 11.39 14.34
CA GLY B 469 12.23 11.45 15.60
C GLY B 469 11.90 10.10 16.19
N ILE B 470 12.77 9.12 15.96
CA ILE B 470 12.57 7.77 16.48
C ILE B 470 12.95 7.71 17.97
N LYS B 471 12.09 7.13 18.79
CA LYS B 471 12.38 6.96 20.21
C LYS B 471 12.58 5.47 20.48
N LEU B 472 13.80 5.12 20.85
CA LEU B 472 14.19 3.75 21.08
C LEU B 472 13.91 3.32 22.51
N THR B 473 13.41 2.11 22.65
CA THR B 473 13.13 1.52 23.96
C THR B 473 14.42 0.91 24.51
N LYS B 474 14.56 0.93 25.83
CA LYS B 474 15.72 0.36 26.47
C LYS B 474 15.29 -0.86 27.30
N LEU B 475 16.02 -1.96 27.12
CA LEU B 475 15.77 -3.19 27.85
C LEU B 475 16.07 -3.01 29.33
N THR B 476 15.29 -3.67 30.19
CA THR B 476 15.59 -3.70 31.63
C THR B 476 16.62 -4.83 31.79
N GLU B 477 17.27 -4.89 32.95
N GLU B 477 17.27 -4.89 32.95
CA GLU B 477 18.26 -5.92 33.24
CA GLU B 477 18.28 -5.91 33.20
C GLU B 477 17.66 -7.31 33.06
C GLU B 477 17.69 -7.33 33.12
N THR B 478 16.45 -7.48 33.61
CA THR B 478 15.74 -8.76 33.56
C THR B 478 15.42 -9.19 32.13
N GLN B 479 14.98 -8.25 31.31
CA GLN B 479 14.67 -8.55 29.90
C GLN B 479 15.92 -8.90 29.10
N ALA B 480 17.00 -8.16 29.31
CA ALA B 480 18.27 -8.41 28.63
C ALA B 480 18.77 -9.83 28.94
N LYS B 481 18.64 -10.23 30.21
CA LYS B 481 19.04 -11.56 30.63
C LYS B 481 18.13 -12.59 30.00
N TYR B 482 16.83 -12.28 29.92
CA TYR B 482 15.84 -13.23 29.36
C TYR B 482 16.07 -13.54 27.88
N ILE B 483 16.40 -12.53 27.08
CA ILE B 483 16.68 -12.74 25.65
C ILE B 483 18.19 -12.93 25.38
N ASN B 484 18.98 -12.96 26.45
CA ASN B 484 20.41 -13.24 26.38
C ASN B 484 21.22 -12.24 25.54
N VAL B 485 21.02 -10.94 25.78
CA VAL B 485 21.81 -9.91 25.11
C VAL B 485 22.21 -8.87 26.12
N SER B 486 23.17 -8.05 25.76
CA SER B 486 23.55 -6.91 26.58
C SER B 486 22.54 -5.79 26.33
N ILE B 487 22.29 -4.98 27.34
CA ILE B 487 21.42 -3.82 27.22
C ILE B 487 21.89 -2.91 26.08
N ASN B 488 23.20 -2.88 25.84
CA ASN B 488 23.78 -2.03 24.80
C ASN B 488 23.98 -2.74 23.46
N GLY B 489 23.52 -3.98 23.33
CA GLY B 489 23.67 -4.72 22.08
C GLY B 489 25.04 -5.38 21.97
N PRO B 490 25.31 -6.12 20.89
CA PRO B 490 24.37 -6.37 19.78
C PRO B 490 23.11 -7.14 20.18
N TYR B 491 22.01 -6.88 19.46
CA TYR B 491 20.70 -7.47 19.82
C TYR B 491 20.29 -8.68 19.01
N LYS B 492 21.04 -8.97 17.93
CA LYS B 492 20.70 -10.07 17.02
C LYS B 492 21.91 -10.96 16.75
N SER B 493 21.67 -12.23 16.44
N SER B 493 21.66 -12.22 16.44
CA SER B 493 22.76 -13.15 16.14
CA SER B 493 22.74 -13.17 16.13
C SER B 493 23.38 -12.77 14.80
C SER B 493 23.36 -12.79 14.78
N GLU B 494 24.57 -13.27 14.56
CA GLU B 494 25.31 -12.93 13.33
C GLU B 494 24.58 -13.34 12.03
N ASP B 495 23.78 -14.40 12.08
CA ASP B 495 23.03 -14.86 10.90
C ASP B 495 21.63 -14.23 10.74
N TYR B 496 21.31 -13.22 11.56
CA TYR B 496 19.99 -12.60 11.51
C TYR B 496 19.81 -11.85 10.19
N ARG B 497 18.63 -12.02 9.55
CA ARG B 497 18.40 -11.44 8.22
C ARG B 497 17.60 -10.14 8.14
N TYR B 498 17.13 -9.63 9.29
CA TYR B 498 16.39 -8.37 9.35
C TYR B 498 15.21 -8.33 8.35
N MET C 6 7.44 37.15 -36.91
CA MET C 6 6.01 37.05 -36.50
C MET C 6 5.81 37.81 -35.17
N GLU C 7 4.70 37.57 -34.47
CA GLU C 7 4.41 38.30 -33.21
C GLU C 7 4.51 37.47 -31.91
N SER C 8 4.77 36.16 -31.99
CA SER C 8 4.92 35.35 -30.75
C SER C 8 6.12 35.78 -29.89
N ARG C 9 5.98 35.63 -28.57
CA ARG C 9 7.07 35.92 -27.66
C ARG C 9 7.33 34.69 -26.81
N ILE C 10 8.47 34.06 -27.05
CA ILE C 10 8.86 32.84 -26.38
C ILE C 10 10.35 32.91 -26.06
N LYS C 11 10.85 31.94 -25.28
CA LYS C 11 12.25 31.92 -24.90
C LYS C 11 13.24 31.66 -26.04
N ASP C 12 13.06 30.56 -26.77
CA ASP C 12 14.03 30.15 -27.78
C ASP C 12 13.44 29.20 -28.83
N ILE C 13 13.26 29.73 -30.04
CA ILE C 13 12.72 28.96 -31.18
C ILE C 13 13.58 27.71 -31.53
N SER C 14 14.87 27.73 -31.21
CA SER C 14 15.77 26.59 -31.52
C SER C 14 15.47 25.31 -30.73
N LEU C 15 14.61 25.41 -29.72
CA LEU C 15 14.21 24.24 -28.92
C LEU C 15 13.04 23.47 -29.58
N ALA C 16 12.54 23.98 -30.71
CA ALA C 16 11.36 23.41 -31.37
C ALA C 16 11.46 21.92 -31.75
N GLU C 17 12.61 21.49 -32.27
CA GLU C 17 12.71 20.09 -32.68
C GLU C 17 12.59 19.13 -31.47
N PHE C 18 13.15 19.52 -30.31
CA PHE C 18 13.02 18.69 -29.10
C PHE C 18 11.54 18.63 -28.69
N GLY C 19 10.87 19.77 -28.78
CA GLY C 19 9.45 19.86 -28.47
C GLY C 19 8.61 18.98 -29.37
N LEU C 20 8.88 19.02 -30.67
CA LEU C 20 8.14 18.22 -31.65
C LEU C 20 8.32 16.72 -31.41
N GLN C 21 9.55 16.29 -31.12
N GLN C 21 9.54 16.30 -31.13
CA GLN C 21 9.81 14.89 -30.85
CA GLN C 21 9.82 14.89 -30.84
C GLN C 21 9.12 14.43 -29.56
C GLN C 21 9.10 14.44 -29.57
N ASP C 22 9.09 15.29 -28.54
CA ASP C 22 8.39 14.97 -27.29
C ASP C 22 6.89 14.84 -27.50
N MET C 23 6.32 15.70 -28.35
CA MET C 23 4.90 15.61 -28.69
C MET C 23 4.57 14.26 -29.34
N GLU C 24 5.42 13.81 -30.25
CA GLU C 24 5.18 12.51 -30.90
C GLU C 24 5.22 11.34 -29.91
N ILE C 25 6.15 11.39 -28.96
CA ILE C 25 6.26 10.35 -27.94
C ILE C 25 5.05 10.42 -27.03
N ALA C 26 4.70 11.63 -26.59
CA ALA C 26 3.53 11.80 -25.71
C ALA C 26 2.24 11.23 -26.33
N LYS C 27 2.06 11.46 -27.64
CA LYS C 27 0.89 10.98 -28.38
C LYS C 27 0.65 9.48 -28.34
N THR C 28 1.68 8.71 -27.98
CA THR C 28 1.50 7.26 -27.80
C THR C 28 0.44 7.01 -26.72
N ASP C 29 0.44 7.82 -25.65
CA ASP C 29 -0.54 7.70 -24.59
C ASP C 29 -1.73 8.68 -24.69
N MET C 30 -1.65 9.71 -25.54
CA MET C 30 -2.76 10.68 -25.62
C MET C 30 -3.76 10.23 -26.69
N MET C 31 -4.28 9.02 -26.53
N MET C 31 -4.28 9.02 -26.54
CA MET C 31 -5.17 8.41 -27.52
CA MET C 31 -5.18 8.44 -27.53
C MET C 31 -6.48 9.16 -27.76
C MET C 31 -6.44 9.26 -27.80
N GLY C 32 -6.95 9.92 -26.76
CA GLY C 32 -8.16 10.71 -26.91
C GLY C 32 -7.92 11.85 -27.90
N LEU C 33 -6.81 12.55 -27.75
CA LEU C 33 -6.52 13.64 -28.67
C LEU C 33 -6.22 13.11 -30.07
N VAL C 34 -5.50 12.00 -30.15
CA VAL C 34 -5.18 11.38 -31.45
C VAL C 34 -6.47 10.99 -32.17
N GLU C 35 -7.44 10.42 -31.46
CA GLU C 35 -8.70 10.04 -32.08
C GLU C 35 -9.51 11.26 -32.52
N LEU C 36 -9.54 12.32 -31.70
CA LEU C 36 -10.29 13.51 -32.12
C LEU C 36 -9.70 14.11 -33.40
N GLN C 37 -8.37 14.14 -33.51
CA GLN C 37 -7.73 14.63 -34.73
C GLN C 37 -8.08 13.76 -35.94
N ARG C 38 -8.01 12.43 -35.78
CA ARG C 38 -8.33 11.50 -36.86
C ARG C 38 -9.79 11.66 -37.31
N LYS C 39 -10.69 11.75 -36.35
CA LYS C 39 -12.11 11.80 -36.65
C LYS C 39 -12.58 13.14 -37.22
N TYR C 40 -11.99 14.24 -36.77
CA TYR C 40 -12.50 15.57 -37.15
C TYR C 40 -11.60 16.50 -37.97
N ARG C 41 -10.38 16.07 -38.33
CA ARG C 41 -9.50 16.99 -39.07
C ARG C 41 -10.00 17.36 -40.47
N ASP C 42 -10.83 16.50 -41.07
CA ASP C 42 -11.38 16.75 -42.40
C ASP C 42 -12.58 17.67 -42.39
N SER C 43 -13.52 17.42 -41.48
CA SER C 43 -14.75 18.21 -41.39
C SER C 43 -14.52 19.56 -40.69
N LYS C 44 -13.47 19.64 -39.89
CA LYS C 44 -13.11 20.88 -39.20
C LYS C 44 -14.28 21.56 -38.48
N PRO C 45 -14.81 20.91 -37.44
CA PRO C 45 -15.95 21.48 -36.72
C PRO C 45 -15.68 22.84 -36.07
N LEU C 46 -14.41 23.22 -35.86
CA LEU C 46 -14.07 24.52 -35.26
C LEU C 46 -13.66 25.61 -36.26
N LYS C 47 -13.84 25.36 -37.55
CA LYS C 47 -13.47 26.32 -38.58
C LYS C 47 -14.10 27.70 -38.34
N GLY C 48 -13.26 28.74 -38.30
CA GLY C 48 -13.70 30.11 -38.07
C GLY C 48 -13.66 30.57 -36.61
N ALA C 49 -13.37 29.66 -35.70
CA ALA C 49 -13.33 30.03 -34.29
C ALA C 49 -11.99 30.65 -33.94
N ARG C 50 -12.02 31.72 -33.16
CA ARG C 50 -10.81 32.35 -32.63
C ARG C 50 -10.76 31.89 -31.18
N ILE C 51 -9.78 31.07 -30.83
CA ILE C 51 -9.67 30.54 -29.47
C ILE C 51 -8.45 31.10 -28.76
N THR C 52 -8.68 31.69 -27.59
CA THR C 52 -7.61 32.16 -26.75
C THR C 52 -7.49 31.18 -25.60
N GLY C 53 -6.28 30.69 -25.32
CA GLY C 53 -6.05 29.78 -24.21
C GLY C 53 -5.12 30.36 -23.16
N SER C 54 -5.47 30.16 -21.87
CA SER C 54 -4.65 30.58 -20.73
C SER C 54 -4.50 29.29 -19.90
N LEU C 55 -3.47 28.52 -20.22
CA LEU C 55 -3.30 27.20 -19.63
C LEU C 55 -1.86 26.75 -19.77
N HIS C 56 -1.24 26.39 -18.63
CA HIS C 56 0.16 25.92 -18.54
C HIS C 56 0.62 25.27 -19.85
N LEU C 57 1.57 25.91 -20.53
CA LEU C 57 2.03 25.45 -21.83
C LEU C 57 3.16 24.43 -21.73
N THR C 58 2.76 23.17 -21.55
CA THR C 58 3.64 22.01 -21.48
C THR C 58 3.51 21.25 -22.80
N ILE C 59 4.28 20.19 -22.96
CA ILE C 59 4.18 19.35 -24.17
C ILE C 59 2.76 18.83 -24.37
N GLU C 60 2.11 18.43 -23.28
CA GLU C 60 0.75 17.92 -23.35
C GLU C 60 -0.19 19.00 -23.88
N THR C 61 0.02 20.22 -23.43
CA THR C 61 -0.79 21.34 -23.89
C THR C 61 -0.55 21.61 -25.39
N SER C 62 0.67 21.39 -25.86
CA SER C 62 0.97 21.56 -27.27
C SER C 62 0.15 20.58 -28.13
N VAL C 63 -0.12 19.39 -27.60
CA VAL C 63 -0.92 18.41 -28.33
C VAL C 63 -2.40 18.88 -28.32
N LEU C 64 -2.83 19.51 -27.23
CA LEU C 64 -4.19 20.09 -27.19
C LEU C 64 -4.32 21.16 -28.27
N VAL C 65 -3.36 22.08 -28.33
CA VAL C 65 -3.37 23.16 -29.33
C VAL C 65 -3.36 22.61 -30.75
N GLU C 66 -2.51 21.62 -31.00
CA GLU C 66 -2.46 20.94 -32.28
C GLU C 66 -3.83 20.36 -32.64
N THR C 67 -4.52 19.78 -31.66
CA THR C 67 -5.83 19.17 -31.90
C THR C 67 -6.85 20.26 -32.29
N LEU C 68 -6.86 21.37 -31.54
CA LEU C 68 -7.78 22.48 -31.84
C LEU C 68 -7.52 23.03 -33.23
N TYR C 69 -6.24 23.15 -33.57
CA TYR C 69 -5.83 23.64 -34.88
C TYR C 69 -6.27 22.71 -36.02
N GLU C 70 -6.04 21.42 -35.86
CA GLU C 70 -6.43 20.43 -36.86
C GLU C 70 -7.96 20.43 -37.05
N LEU C 71 -8.68 20.76 -35.98
CA LEU C 71 -10.15 20.88 -36.04
C LEU C 71 -10.67 22.19 -36.65
N GLY C 72 -9.76 23.08 -37.05
CA GLY C 72 -10.12 24.32 -37.75
C GLY C 72 -9.98 25.66 -37.04
N ALA C 73 -9.64 25.65 -35.76
CA ALA C 73 -9.53 26.92 -35.03
C ALA C 73 -8.25 27.69 -35.29
N GLU C 74 -8.33 29.02 -35.09
CA GLU C 74 -7.15 29.91 -35.07
C GLU C 74 -6.91 30.04 -33.57
N ILE C 75 -5.65 30.04 -33.17
CA ILE C 75 -5.32 29.99 -31.76
C ILE C 75 -4.25 30.98 -31.29
N ARG C 76 -4.51 31.61 -30.13
CA ARG C 76 -3.55 32.47 -29.42
C ARG C 76 -3.45 31.84 -28.03
N TRP C 77 -2.24 31.73 -27.47
CA TRP C 77 -2.06 31.03 -26.20
C TRP C 77 -1.05 31.66 -25.26
N CYS C 78 -1.29 31.48 -23.96
CA CYS C 78 -0.38 31.90 -22.89
C CYS C 78 -0.49 30.89 -21.74
N SER C 79 0.49 30.89 -20.83
CA SER C 79 0.43 29.99 -19.66
C SER C 79 -0.34 30.67 -18.53
N CYS C 80 -0.90 29.86 -17.63
CA CYS C 80 -1.63 30.42 -16.49
C CYS C 80 -0.78 30.42 -15.21
N ASN C 81 0.55 30.35 -15.38
CA ASN C 81 1.47 30.46 -14.24
C ASN C 81 2.83 30.93 -14.76
N ILE C 82 3.50 31.77 -13.98
CA ILE C 82 4.80 32.29 -14.39
C ILE C 82 5.92 31.24 -14.51
N TYR C 83 5.75 30.09 -13.87
CA TYR C 83 6.78 29.05 -13.89
C TYR C 83 6.43 27.77 -14.62
N SER C 84 5.23 27.66 -15.15
CA SER C 84 4.80 26.37 -15.69
C SER C 84 5.07 26.05 -17.17
N THR C 85 5.45 27.05 -17.95
CA THR C 85 5.72 26.82 -19.37
C THR C 85 6.94 25.92 -19.59
N GLN C 86 6.84 25.00 -20.55
CA GLN C 86 7.98 24.19 -20.98
C GLN C 86 8.41 24.89 -22.25
N ASP C 87 9.60 25.50 -22.25
CA ASP C 87 10.04 26.29 -23.41
C ASP C 87 10.12 25.52 -24.76
N HIS C 88 10.52 24.25 -24.73
CA HIS C 88 10.55 23.48 -25.99
C HIS C 88 9.12 23.24 -26.53
N ALA C 89 8.15 23.11 -25.62
CA ALA C 89 6.76 22.94 -26.01
C ALA C 89 6.24 24.19 -26.70
N ALA C 90 6.61 25.37 -26.19
CA ALA C 90 6.15 26.63 -26.78
C ALA C 90 6.80 26.82 -28.15
N ALA C 91 8.10 26.52 -28.23
CA ALA C 91 8.84 26.64 -29.48
C ALA C 91 8.23 25.77 -30.57
N ALA C 92 7.80 24.57 -30.20
CA ALA C 92 7.21 23.64 -31.17
C ALA C 92 5.97 24.25 -31.84
N LEU C 93 5.12 24.91 -31.07
CA LEU C 93 3.92 25.54 -31.64
C LEU C 93 4.23 26.70 -32.57
N VAL C 94 5.21 27.51 -32.19
CA VAL C 94 5.62 28.65 -33.02
C VAL C 94 6.28 28.16 -34.31
N LYS C 95 7.14 27.14 -34.20
CA LYS C 95 7.83 26.60 -35.39
C LYS C 95 6.84 26.02 -36.40
N LYS C 96 5.87 25.24 -35.91
CA LYS C 96 4.82 24.70 -36.79
C LYS C 96 3.84 25.76 -37.25
N ASN C 97 3.91 26.94 -36.63
CA ASN C 97 3.05 28.05 -36.97
C ASN C 97 1.57 27.71 -36.78
N ILE C 98 1.21 26.97 -35.72
CA ILE C 98 -0.20 26.62 -35.46
C ILE C 98 -0.87 27.45 -34.36
N ALA C 99 -0.11 28.35 -33.74
CA ALA C 99 -0.65 29.24 -32.74
C ALA C 99 0.27 30.41 -32.54
N THR C 100 -0.28 31.53 -32.06
CA THR C 100 0.50 32.69 -31.69
C THR C 100 0.66 32.51 -30.18
N VAL C 101 1.90 32.39 -29.71
CA VAL C 101 2.18 32.08 -28.31
C VAL C 101 2.88 33.21 -27.56
N PHE C 102 2.46 33.47 -26.32
CA PHE C 102 3.08 34.47 -25.44
C PHE C 102 3.33 33.75 -24.13
N ALA C 103 4.48 33.08 -24.03
CA ALA C 103 4.78 32.25 -22.86
C ALA C 103 6.24 31.80 -22.75
N TRP C 104 6.75 31.83 -21.53
CA TRP C 104 8.08 31.33 -21.25
C TRP C 104 8.19 30.97 -19.79
N LYS C 105 9.09 30.05 -19.45
CA LYS C 105 9.28 29.68 -18.05
C LYS C 105 9.97 30.86 -17.39
N ASN C 106 9.57 31.13 -16.15
CA ASN C 106 10.15 32.21 -15.33
C ASN C 106 9.80 33.63 -15.81
N GLU C 107 8.52 33.85 -16.08
CA GLU C 107 8.06 35.20 -16.44
C GLU C 107 8.02 36.05 -15.17
N THR C 108 8.09 37.36 -15.32
CA THR C 108 7.85 38.25 -14.19
C THR C 108 6.33 38.34 -14.15
N ILE C 109 5.78 38.73 -13.00
CA ILE C 109 4.34 38.90 -12.88
C ILE C 109 3.87 39.99 -13.88
N GLU C 110 4.68 41.03 -14.05
CA GLU C 110 4.31 42.08 -15.01
C GLU C 110 4.14 41.48 -16.41
N ASP C 111 5.11 40.69 -16.85
CA ASP C 111 5.07 40.07 -18.18
C ASP C 111 3.92 39.07 -18.34
N TYR C 112 3.56 38.43 -17.23
CA TYR C 112 2.47 37.47 -17.23
C TYR C 112 1.16 38.08 -17.72
N TRP C 113 0.80 39.22 -17.14
CA TRP C 113 -0.44 39.91 -17.48
C TRP C 113 -0.40 40.53 -18.88
N VAL C 114 0.78 40.97 -19.33
CA VAL C 114 0.94 41.47 -20.69
C VAL C 114 0.73 40.32 -21.68
N CYS C 115 1.28 39.13 -21.39
CA CYS C 115 1.11 37.95 -22.28
C CYS C 115 -0.36 37.55 -22.41
N LEU C 116 -1.06 37.53 -21.28
CA LEU C 116 -2.49 37.19 -21.28
C LEU C 116 -3.27 38.20 -22.10
N ASN C 117 -3.05 39.48 -21.83
CA ASN C 117 -3.74 40.53 -22.57
C ASN C 117 -3.48 40.40 -24.08
N ASP C 118 -2.23 40.12 -24.46
CA ASP C 118 -1.87 39.94 -25.87
C ASP C 118 -2.56 38.70 -26.49
N ALA C 119 -2.66 37.62 -25.71
CA ALA C 119 -3.33 36.40 -26.18
C ALA C 119 -4.81 36.66 -26.44
N MET C 120 -5.40 37.60 -25.70
CA MET C 120 -6.81 37.98 -25.86
C MET C 120 -7.07 38.99 -26.99
N THR C 121 -6.00 39.56 -27.54
CA THR C 121 -6.09 40.59 -28.57
C THR C 121 -5.94 40.01 -29.98
N TRP C 122 -7.00 40.13 -30.79
CA TRP C 122 -7.02 39.63 -32.16
C TRP C 122 -7.16 40.76 -33.16
N ARG C 123 -6.53 40.62 -34.33
CA ARG C 123 -6.63 41.65 -35.37
C ARG C 123 -7.91 41.44 -36.15
N ASN C 124 -8.53 42.55 -36.56
CA ASN C 124 -9.75 42.49 -37.36
C ASN C 124 -9.26 42.33 -38.80
N PRO C 125 -9.71 41.26 -39.50
CA PRO C 125 -9.26 41.08 -40.90
C PRO C 125 -9.82 42.13 -41.88
N ASN C 126 -10.93 42.76 -41.52
CA ASN C 126 -11.59 43.80 -42.36
C ASN C 126 -11.14 45.24 -42.05
N ASP C 127 -10.44 45.45 -40.93
CA ASP C 127 -9.98 46.78 -40.55
C ASP C 127 -8.69 46.72 -39.72
N LYS C 128 -7.59 47.15 -40.33
CA LYS C 128 -6.26 47.19 -39.69
C LYS C 128 -6.21 47.97 -38.36
N ASP C 129 -7.13 48.93 -38.19
CA ASP C 129 -7.21 49.75 -36.96
C ASP C 129 -7.93 49.02 -35.83
N LYS C 130 -9.03 48.36 -36.15
CA LYS C 130 -9.86 47.65 -35.16
C LYS C 130 -9.26 46.36 -34.58
N ILE C 131 -9.54 46.19 -33.30
CA ILE C 131 -9.11 45.05 -32.50
C ILE C 131 -10.36 44.26 -32.12
N CME C 132 -10.20 42.97 -31.92
CA CME C 132 -11.31 42.19 -31.39
CB CME C 132 -12.24 41.71 -32.47
SG CME C 132 -11.41 40.77 -33.68
SD CME C 132 -12.53 41.62 -35.08
CE CME C 132 -14.19 41.16 -34.68
CZ CME C 132 -15.08 41.16 -35.92
OH CME C 132 -16.16 40.25 -35.72
C CME C 132 -10.80 41.12 -30.50
O CME C 132 -9.59 41.01 -30.28
N GLY C 133 -11.73 40.34 -29.95
CA GLY C 133 -11.40 39.30 -29.01
C GLY C 133 -11.65 37.91 -29.54
N PRO C 134 -11.43 36.92 -28.68
CA PRO C 134 -11.67 35.55 -29.05
C PRO C 134 -13.15 35.27 -29.07
N ASN C 135 -13.52 34.19 -29.76
CA ASN C 135 -14.88 33.70 -29.77
C ASN C 135 -15.05 32.72 -28.63
N LEU C 136 -13.95 32.06 -28.28
CA LEU C 136 -13.94 31.00 -27.27
C LEU C 136 -12.67 31.08 -26.43
N ILE C 137 -12.79 30.70 -25.16
CA ILE C 137 -11.66 30.73 -24.25
C ILE C 137 -11.47 29.36 -23.58
N VAL C 138 -10.22 28.92 -23.51
CA VAL C 138 -9.83 27.71 -22.76
C VAL C 138 -9.11 28.34 -21.58
N ASP C 139 -9.60 28.13 -20.37
CA ASP C 139 -9.05 28.79 -19.20
C ASP C 139 -8.70 27.74 -18.13
N ASP C 140 -7.66 28.03 -17.37
CA ASP C 140 -7.23 27.15 -16.29
C ASP C 140 -6.89 28.09 -15.14
N GLY C 141 -7.80 28.19 -14.18
CA GLY C 141 -7.62 29.07 -13.02
C GLY C 141 -8.48 30.32 -13.11
N GLY C 142 -9.09 30.55 -14.28
CA GLY C 142 -9.97 31.68 -14.47
C GLY C 142 -9.35 33.06 -14.71
N ASP C 143 -8.05 33.15 -14.98
CA ASP C 143 -7.44 34.48 -15.23
C ASP C 143 -7.93 35.18 -16.52
N ALA C 144 -8.17 34.42 -17.59
CA ALA C 144 -8.68 35.02 -18.84
C ALA C 144 -10.10 35.51 -18.58
N THR C 145 -10.86 34.71 -17.85
CA THR C 145 -12.23 35.05 -17.49
C THR C 145 -12.24 36.29 -16.58
N LEU C 146 -11.28 36.32 -15.65
CA LEU C 146 -11.13 37.44 -14.72
C LEU C 146 -10.81 38.78 -15.41
N ILE C 147 -9.81 38.78 -16.29
CA ILE C 147 -9.41 40.00 -16.96
C ILE C 147 -10.55 40.53 -17.82
N LEU C 148 -11.32 39.63 -18.43
CA LEU C 148 -12.50 40.01 -19.23
C LEU C 148 -13.54 40.72 -18.36
N HIS C 149 -13.96 40.07 -17.26
CA HIS C 149 -14.99 40.65 -16.39
C HIS C 149 -14.53 41.90 -15.64
N GLU C 150 -13.27 41.90 -15.23
CA GLU C 150 -12.72 43.07 -14.54
C GLU C 150 -12.52 44.20 -15.52
N GLY C 151 -12.28 43.85 -16.78
CA GLY C 151 -12.13 44.86 -17.83
C GLY C 151 -13.47 45.54 -18.10
N VAL C 152 -14.53 44.73 -18.16
CA VAL C 152 -15.87 45.26 -18.36
C VAL C 152 -16.23 46.19 -17.19
N LYS C 153 -16.02 45.72 -15.96
N LYS C 153 -16.00 45.71 -15.97
CA LYS C 153 -16.30 46.52 -14.76
CA LYS C 153 -16.27 46.50 -14.76
C LYS C 153 -15.52 47.84 -14.76
C LYS C 153 -15.53 47.83 -14.80
N ALA C 154 -14.25 47.78 -15.16
CA ALA C 154 -13.40 48.99 -15.22
C ALA C 154 -13.94 50.00 -16.23
N GLU C 155 -14.38 49.53 -17.39
CA GLU C 155 -14.95 50.40 -18.44
C GLU C 155 -16.25 51.08 -18.00
N ILE C 156 -17.08 50.34 -17.26
CA ILE C 156 -18.34 50.86 -16.75
C ILE C 156 -18.08 51.94 -15.71
N GLU C 157 -17.12 51.71 -14.82
CA GLU C 157 -16.77 52.68 -13.78
C GLU C 157 -16.11 53.91 -14.43
N TYR C 158 -15.34 53.67 -15.50
CA TYR C 158 -14.66 54.74 -16.23
C TYR C 158 -15.68 55.73 -16.78
N GLU C 159 -16.76 55.22 -17.37
CA GLU C 159 -17.83 56.07 -17.91
C GLU C 159 -18.65 56.78 -16.83
N LYS C 160 -18.79 56.15 -15.67
CA LYS C 160 -19.58 56.74 -14.58
C LYS C 160 -19.05 58.09 -14.10
N TYR C 161 -17.73 58.23 -14.00
CA TYR C 161 -17.10 59.49 -13.57
C TYR C 161 -16.19 60.11 -14.64
N ASN C 162 -16.19 59.53 -15.83
CA ASN C 162 -15.36 59.99 -16.94
C ASN C 162 -13.89 60.20 -16.52
N LYS C 163 -13.33 59.18 -15.88
CA LYS C 163 -11.93 59.17 -15.44
C LYS C 163 -11.49 57.76 -15.05
N ILE C 164 -10.18 57.57 -14.95
CA ILE C 164 -9.63 56.28 -14.56
C ILE C 164 -10.09 56.02 -13.13
N PRO C 165 -10.84 54.92 -12.91
CA PRO C 165 -11.31 54.59 -11.56
C PRO C 165 -10.16 54.57 -10.59
N GLU C 166 -10.34 55.16 -9.41
CA GLU C 166 -9.26 55.25 -8.42
C GLU C 166 -8.75 53.92 -7.91
N TYR C 167 -9.61 52.90 -7.89
CA TYR C 167 -9.17 51.60 -7.39
C TYR C 167 -8.04 50.98 -8.23
N LEU C 168 -7.93 51.41 -9.49
CA LEU C 168 -6.88 50.91 -10.40
C LEU C 168 -5.52 51.59 -10.21
N GLU C 169 -5.50 52.75 -9.54
CA GLU C 169 -4.28 53.52 -9.33
C GLU C 169 -3.69 53.39 -7.93
N THR C 170 -4.50 52.95 -6.98
CA THR C 170 -4.01 52.77 -5.61
C THR C 170 -3.28 51.42 -5.45
N GLU C 171 -2.27 51.41 -4.58
CA GLU C 171 -1.53 50.18 -4.28
C GLU C 171 -2.12 49.44 -3.08
N LEU C 172 -3.21 49.96 -2.51
CA LEU C 172 -3.86 49.35 -1.35
C LEU C 172 -5.25 48.84 -1.71
N ASP C 173 -5.74 47.93 -0.88
CA ASP C 173 -7.07 47.35 -1.08
C ASP C 173 -8.07 48.09 -0.19
N GLU C 174 -9.27 47.54 -0.07
CA GLU C 174 -10.32 48.12 0.78
C GLU C 174 -9.85 48.39 2.22
N ASN C 175 -9.18 47.40 2.82
CA ASN C 175 -8.72 47.48 4.21
C ASN C 175 -7.36 48.14 4.44
N GLY C 176 -6.80 48.79 3.42
CA GLY C 176 -5.50 49.45 3.56
C GLY C 176 -4.30 48.52 3.43
N LYS C 177 -4.54 47.25 3.11
CA LYS C 177 -3.48 46.25 2.93
C LYS C 177 -2.98 46.32 1.48
N GLN C 178 -1.67 46.09 1.30
CA GLN C 178 -1.04 46.14 -0.02
C GLN C 178 -1.68 45.13 -0.98
N LEU C 179 -2.03 45.59 -2.18
CA LEU C 179 -2.59 44.70 -3.18
C LEU C 179 -1.54 43.66 -3.58
N SER C 180 -2.01 42.48 -3.98
CA SER C 180 -1.07 41.46 -4.44
C SER C 180 -0.42 42.00 -5.71
N MET C 181 0.79 41.50 -6.01
CA MET C 181 1.50 41.94 -7.20
C MET C 181 0.66 41.60 -8.45
N ASP C 182 0.01 40.44 -8.43
CA ASP C 182 -0.84 40.01 -9.55
C ASP C 182 -1.97 41.00 -9.84
N LEU C 183 -2.62 41.48 -8.78
N LEU C 183 -2.66 41.46 -8.80
CA LEU C 183 -3.71 42.43 -8.93
CA LEU C 183 -3.73 42.45 -8.97
C LEU C 183 -3.18 43.77 -9.43
C LEU C 183 -3.17 43.78 -9.47
N LYS C 184 -2.04 44.22 -8.90
CA LYS C 184 -1.42 45.47 -9.34
C LYS C 184 -1.02 45.39 -10.81
N CYS C 185 -0.47 44.25 -11.21
CA CYS C 185 -0.03 44.07 -12.61
C CYS C 185 -1.22 43.92 -13.58
N MET C 186 -2.31 43.30 -13.12
CA MET C 186 -3.51 43.20 -13.95
C MET C 186 -4.10 44.61 -14.08
N TYR C 187 -4.16 45.34 -12.98
CA TYR C 187 -4.70 46.70 -13.02
C TYR C 187 -3.90 47.63 -13.93
N LYS C 188 -2.59 47.45 -13.99
CA LYS C 188 -1.72 48.24 -14.86
C LYS C 188 -2.15 48.04 -16.34
N VAL C 189 -2.43 46.79 -16.70
CA VAL C 189 -2.91 46.46 -18.06
C VAL C 189 -4.27 47.12 -18.30
N LEU C 190 -5.18 46.98 -17.33
CA LEU C 190 -6.53 47.55 -17.47
C LEU C 190 -6.50 49.06 -17.65
N LYS C 191 -5.61 49.74 -16.92
N LYS C 191 -5.62 49.73 -16.92
CA LYS C 191 -5.52 51.20 -17.06
CA LYS C 191 -5.44 51.18 -17.02
C LYS C 191 -5.02 51.57 -18.46
C LYS C 191 -5.00 51.57 -18.41
N MET C 192 -4.00 50.85 -18.93
CA MET C 192 -3.43 51.09 -20.25
C MET C 192 -4.49 50.90 -21.36
N GLU C 193 -5.33 49.87 -21.22
CA GLU C 193 -6.38 49.60 -22.22
C GLU C 193 -7.52 50.62 -22.14
N LEU C 194 -7.83 51.13 -20.95
CA LEU C 194 -8.87 52.17 -20.82
C LEU C 194 -8.46 53.43 -21.58
N LEU C 195 -7.18 53.76 -21.52
CA LEU C 195 -6.65 54.94 -22.22
C LEU C 195 -6.62 54.73 -23.73
N LYS C 196 -6.35 53.52 -24.20
CA LYS C 196 -6.33 53.24 -25.65
C LYS C 196 -7.74 53.15 -26.23
N ASN C 197 -8.57 52.31 -25.63
CA ASN C 197 -9.94 52.14 -26.08
C ASN C 197 -10.80 51.68 -24.91
N PRO C 198 -11.63 52.59 -24.36
CA PRO C 198 -12.50 52.25 -23.24
C PRO C 198 -13.73 51.38 -23.55
N PHE C 199 -13.81 50.83 -24.77
N PHE C 199 -13.82 50.82 -24.77
CA PHE C 199 -14.90 49.91 -25.16
CA PHE C 199 -14.91 49.90 -25.10
C PHE C 199 -14.35 48.54 -25.57
C PHE C 199 -14.34 48.57 -25.62
N ARG C 200 -13.05 48.34 -25.35
CA ARG C 200 -12.37 47.10 -25.74
C ARG C 200 -13.04 45.84 -25.17
N TRP C 201 -13.19 45.80 -23.85
CA TRP C 201 -13.73 44.59 -23.21
C TRP C 201 -15.20 44.34 -23.50
N ARG C 202 -16.00 45.40 -23.46
CA ARG C 202 -17.42 45.26 -23.78
C ARG C 202 -17.60 44.88 -25.26
N GLY C 203 -16.70 45.38 -26.10
CA GLY C 203 -16.71 45.05 -27.52
C GLY C 203 -16.46 43.56 -27.73
N MET C 204 -15.52 43.01 -26.96
CA MET C 204 -15.19 41.57 -27.04
C MET C 204 -16.37 40.70 -26.66
N LEU C 205 -17.12 41.10 -25.63
CA LEU C 205 -18.29 40.30 -25.17
C LEU C 205 -19.26 39.94 -26.25
N LYS C 206 -19.46 40.85 -27.19
CA LYS C 206 -20.41 40.64 -28.27
C LYS C 206 -20.14 39.38 -29.11
N ASP C 207 -18.88 39.01 -29.28
CA ASP C 207 -18.52 37.84 -30.09
C ASP C 207 -18.03 36.63 -29.27
N LEU C 208 -18.16 36.70 -27.94
CA LEU C 208 -17.76 35.61 -27.04
C LEU C 208 -18.88 34.61 -26.84
N TYR C 209 -18.63 33.36 -27.22
CA TYR C 209 -19.63 32.33 -27.11
C TYR C 209 -19.40 31.38 -25.92
N GLY C 210 -18.27 31.52 -25.24
CA GLY C 210 -18.03 30.70 -24.06
C GLY C 210 -16.61 30.46 -23.60
N VAL C 211 -16.52 29.89 -22.40
CA VAL C 211 -15.26 29.53 -21.79
C VAL C 211 -15.38 28.11 -21.21
N SER C 212 -14.31 27.33 -21.35
CA SER C 212 -14.26 25.97 -20.78
C SER C 212 -13.13 26.04 -19.74
N GLU C 213 -13.50 25.82 -18.48
CA GLU C 213 -12.60 25.96 -17.35
C GLU C 213 -12.09 24.62 -16.83
N GLU C 214 -10.78 24.56 -16.66
CA GLU C 214 -10.06 23.34 -16.30
C GLU C 214 -9.95 22.95 -14.83
N THR C 215 -9.79 23.92 -13.93
CA THR C 215 -9.47 23.56 -12.55
C THR C 215 -10.41 24.06 -11.47
N THR C 216 -10.35 23.39 -10.33
CA THR C 216 -11.22 23.65 -9.18
C THR C 216 -11.28 25.14 -8.79
N THR C 217 -10.13 25.79 -8.71
CA THR C 217 -10.09 27.21 -8.37
C THR C 217 -10.83 28.07 -9.40
N GLY C 218 -10.67 27.76 -10.68
CA GLY C 218 -11.38 28.53 -11.72
C GLY C 218 -12.89 28.27 -11.67
N VAL C 219 -13.27 27.02 -11.36
CA VAL C 219 -14.69 26.67 -11.25
C VAL C 219 -15.33 27.41 -10.07
N LEU C 220 -14.60 27.52 -8.96
CA LEU C 220 -15.07 28.27 -7.80
C LEU C 220 -15.37 29.71 -8.21
N ARG C 221 -14.45 30.33 -8.94
CA ARG C 221 -14.67 31.69 -9.44
C ARG C 221 -15.95 31.79 -10.29
N LEU C 222 -16.14 30.82 -11.18
CA LEU C 222 -17.34 30.77 -12.03
C LEU C 222 -18.61 30.63 -11.20
N LYS C 223 -18.57 29.77 -10.18
CA LYS C 223 -19.73 29.52 -9.33
C LYS C 223 -20.15 30.75 -8.56
N ILE C 224 -19.17 31.53 -8.09
CA ILE C 224 -19.46 32.78 -7.39
C ILE C 224 -20.15 33.74 -8.36
N MET C 225 -19.61 33.85 -9.58
CA MET C 225 -20.22 34.74 -10.60
C MET C 225 -21.65 34.37 -10.96
N GLU C 226 -21.89 33.08 -11.28
CA GLU C 226 -23.25 32.70 -11.70
C GLU C 226 -24.29 32.83 -10.59
N SER C 227 -23.88 32.61 -9.33
CA SER C 227 -24.81 32.72 -8.20
C SER C 227 -25.19 34.19 -7.90
N GLU C 228 -24.50 35.13 -8.54
CA GLU C 228 -24.76 36.56 -8.35
C GLU C 228 -25.18 37.30 -9.64
N GLY C 229 -25.46 36.57 -10.72
CA GLY C 229 -25.87 37.19 -11.98
C GLY C 229 -24.75 38.00 -12.63
N LYS C 230 -23.51 37.53 -12.45
CA LYS C 230 -22.32 38.24 -12.94
C LYS C 230 -21.50 37.50 -13.98
N LEU C 231 -21.94 36.31 -14.39
CA LEU C 231 -21.23 35.55 -15.42
C LEU C 231 -21.77 36.01 -16.76
N LEU C 232 -20.90 36.62 -17.57
CA LEU C 232 -21.31 37.27 -18.81
C LEU C 232 -21.09 36.47 -20.12
N LEU C 233 -20.77 35.18 -20.01
CA LEU C 233 -20.68 34.30 -21.19
C LEU C 233 -20.91 32.87 -20.71
N PRO C 234 -21.41 31.99 -21.59
CA PRO C 234 -21.62 30.60 -21.19
C PRO C 234 -20.32 29.95 -20.74
N ALA C 235 -20.42 29.00 -19.80
CA ALA C 235 -19.23 28.30 -19.34
C ALA C 235 -19.47 26.79 -19.23
N ILE C 236 -18.43 26.04 -19.53
CA ILE C 236 -18.44 24.63 -19.32
C ILE C 236 -17.38 24.30 -18.27
N ASN C 237 -17.83 23.60 -17.22
CA ASN C 237 -16.98 23.16 -16.12
C ASN C 237 -16.34 21.82 -16.51
N VAL C 238 -15.07 21.87 -16.92
CA VAL C 238 -14.35 20.66 -17.33
C VAL C 238 -13.78 19.94 -16.11
N ASN C 239 -13.42 20.71 -15.08
CA ASN C 239 -12.85 20.12 -13.87
C ASN C 239 -13.72 19.00 -13.33
N ASP C 240 -15.04 19.18 -13.37
CA ASP C 240 -15.95 18.22 -12.77
C ASP C 240 -16.42 17.06 -13.66
N SER C 241 -15.83 16.92 -14.86
CA SER C 241 -16.07 15.70 -15.62
C SER C 241 -15.41 14.61 -14.75
N VAL C 242 -16.02 13.43 -14.71
CA VAL C 242 -15.45 12.33 -13.93
C VAL C 242 -14.05 11.95 -14.43
N THR C 243 -13.89 11.95 -15.76
CA THR C 243 -12.61 11.58 -16.38
C THR C 243 -11.56 12.67 -16.26
N LYS C 244 -11.92 13.78 -15.60
CA LYS C 244 -10.95 14.84 -15.32
C LYS C 244 -10.64 14.78 -13.80
N SER C 245 -11.60 15.16 -12.93
CA SER C 245 -11.35 15.22 -11.47
C SER C 245 -10.82 13.96 -10.84
N LYS C 246 -11.38 12.79 -11.20
CA LYS C 246 -10.92 11.53 -10.62
C LYS C 246 -9.56 11.06 -11.10
N PHE C 247 -9.03 11.64 -12.18
CA PHE C 247 -7.78 11.19 -12.77
C PHE C 247 -6.69 12.23 -12.66
N ASP C 248 -6.88 13.34 -13.32
CA ASP C 248 -5.94 14.47 -13.28
C ASP C 248 -5.69 14.93 -11.85
N ASN C 249 -6.75 15.36 -11.15
CA ASN C 249 -6.56 15.94 -9.82
C ASN C 249 -5.88 15.02 -8.81
N THR C 250 -6.27 13.75 -8.83
CA THR C 250 -5.77 12.76 -7.89
C THR C 250 -4.57 12.00 -8.43
N TYR C 251 -4.78 11.20 -9.46
CA TYR C 251 -3.71 10.38 -10.00
C TYR C 251 -2.59 11.16 -10.70
N GLY C 252 -2.93 12.30 -11.27
CA GLY C 252 -1.91 13.15 -11.90
C GLY C 252 -0.95 13.65 -10.83
N CYS C 253 -1.52 14.15 -9.73
CA CYS C 253 -0.70 14.67 -8.60
C CYS C 253 0.08 13.57 -7.89
N ARG C 254 -0.46 12.36 -7.85
CA ARG C 254 0.25 11.25 -7.20
C ARG C 254 1.63 11.12 -7.80
N GLN C 255 1.73 11.26 -9.13
CA GLN C 255 3.02 11.22 -9.79
C GLN C 255 3.75 12.59 -9.82
N SER C 256 3.04 13.64 -10.26
CA SER C 256 3.67 14.94 -10.48
C SER C 256 4.11 15.68 -9.22
N LEU C 257 3.44 15.48 -8.09
CA LEU C 257 3.89 16.07 -6.82
C LEU C 257 5.24 15.47 -6.48
N LEU C 258 5.34 14.14 -6.58
CA LEU C 258 6.61 13.45 -6.27
C LEU C 258 7.73 13.96 -7.19
N HIS C 259 7.42 14.13 -8.46
CA HIS C 259 8.44 14.60 -9.41
C HIS C 259 8.92 16.02 -8.99
N GLY C 260 7.99 16.89 -8.62
CA GLY C 260 8.34 18.25 -8.19
C GLY C 260 9.17 18.28 -6.92
N LEU C 261 8.78 17.47 -5.94
CA LEU C 261 9.52 17.35 -4.68
C LEU C 261 10.90 16.76 -4.92
N PHE C 262 10.97 15.69 -5.72
CA PHE C 262 12.28 15.10 -6.03
C PHE C 262 13.23 16.12 -6.69
N ASN C 263 12.69 16.96 -7.57
CA ASN C 263 13.55 17.94 -8.23
C ASN C 263 13.91 19.10 -7.30
N GLY C 264 12.95 19.57 -6.51
CA GLY C 264 13.17 20.74 -5.65
C GLY C 264 13.73 20.49 -4.27
N CYS C 265 13.40 19.34 -3.70
CA CYS C 265 13.82 18.95 -2.36
C CYS C 265 14.87 17.84 -2.41
N ILE C 266 16.06 18.12 -1.91
CA ILE C 266 17.18 17.17 -1.95
C ILE C 266 17.00 15.96 -0.99
N GLN C 267 16.12 16.07 0.00
CA GLN C 267 16.00 15.06 1.03
C GLN C 267 15.15 13.83 0.70
N MET C 268 15.45 12.78 1.44
CA MET C 268 14.70 11.55 1.36
C MET C 268 13.32 11.81 1.95
N LEU C 269 12.29 11.26 1.32
CA LEU C 269 10.95 11.44 1.83
C LEU C 269 10.57 10.35 2.85
N ALA C 270 11.17 9.17 2.72
CA ALA C 270 10.88 8.06 3.62
C ALA C 270 11.13 8.40 5.08
N GLY C 271 10.17 8.05 5.93
CA GLY C 271 10.31 8.31 7.35
C GLY C 271 9.96 9.71 7.81
N LYS C 272 9.84 10.65 6.88
CA LYS C 272 9.53 12.02 7.25
C LYS C 272 8.06 12.21 7.56
N LYS C 273 7.80 13.15 8.45
CA LYS C 273 6.44 13.56 8.75
C LYS C 273 6.14 14.66 7.74
N ILE C 274 5.24 14.35 6.81
CA ILE C 274 4.88 15.27 5.77
C ILE C 274 3.41 15.64 5.95
N VAL C 275 3.17 16.91 6.15
CA VAL C 275 1.80 17.41 6.34
C VAL C 275 1.19 17.74 4.99
N VAL C 276 0.04 17.12 4.71
CA VAL C 276 -0.73 17.41 3.52
C VAL C 276 -1.94 18.22 4.00
N LEU C 277 -1.97 19.50 3.67
CA LEU C 277 -3.07 20.38 4.10
C LEU C 277 -4.16 20.39 3.04
N GLY C 278 -5.28 19.77 3.39
CA GLY C 278 -6.39 19.61 2.48
C GLY C 278 -6.36 18.19 1.94
N TYR C 279 -7.48 17.47 2.10
CA TYR C 279 -7.59 16.09 1.67
C TYR C 279 -8.81 15.93 0.74
N GLY C 280 -8.84 16.80 -0.27
CA GLY C 280 -9.81 16.74 -1.34
C GLY C 280 -9.24 15.86 -2.45
N GLU C 281 -9.62 16.14 -3.68
CA GLU C 281 -9.16 15.28 -4.79
C GLU C 281 -7.63 15.32 -4.97
N VAL C 282 -7.06 16.51 -4.86
CA VAL C 282 -5.60 16.69 -4.97
C VAL C 282 -4.85 16.10 -3.76
N GLY C 283 -5.31 16.44 -2.57
CA GLY C 283 -4.67 15.95 -1.34
C GLY C 283 -4.66 14.44 -1.25
N LYS C 284 -5.76 13.82 -1.69
CA LYS C 284 -5.85 12.37 -1.70
C LYS C 284 -4.72 11.76 -2.55
N GLY C 285 -4.49 12.33 -3.72
CA GLY C 285 -3.43 11.85 -4.62
C GLY C 285 -2.04 12.09 -4.06
N CYS C 286 -1.84 13.28 -3.47
CA CYS C 286 -0.55 13.62 -2.88
C CYS C 286 -0.20 12.63 -1.77
N ALA C 287 -1.17 12.36 -0.89
CA ALA C 287 -0.95 11.44 0.23
C ALA C 287 -0.59 10.03 -0.26
N GLN C 288 -1.29 9.56 -1.28
N GLN C 288 -1.31 9.56 -1.29
CA GLN C 288 -1.04 8.24 -1.82
CA GLN C 288 -1.05 8.25 -1.88
C GLN C 288 0.41 8.15 -2.36
C GLN C 288 0.42 8.16 -2.34
N GLY C 289 0.84 9.16 -3.10
CA GLY C 289 2.21 9.19 -3.64
C GLY C 289 3.29 9.25 -2.57
N LEU C 290 3.09 10.13 -1.59
CA LEU C 290 4.03 10.30 -0.48
C LEU C 290 4.18 9.02 0.35
N SER C 291 3.05 8.39 0.69
N SER C 291 3.05 8.40 0.70
CA SER C 291 3.08 7.14 1.44
CA SER C 291 3.08 7.15 1.48
C SER C 291 3.77 6.06 0.63
C SER C 291 3.67 6.00 0.64
N GLY C 292 3.55 6.09 -0.69
CA GLY C 292 4.14 5.10 -1.59
C GLY C 292 5.66 5.07 -1.56
N VAL C 293 6.29 6.18 -1.16
CA VAL C 293 7.74 6.26 -1.03
C VAL C 293 8.19 6.36 0.45
N GLY C 294 7.33 5.87 1.36
CA GLY C 294 7.68 5.75 2.77
C GLY C 294 7.49 6.89 3.74
N ALA C 295 6.87 7.97 3.29
CA ALA C 295 6.63 9.10 4.17
C ALA C 295 5.50 8.78 5.13
N ARG C 296 5.50 9.47 6.26
CA ARG C 296 4.39 9.37 7.23
C ARG C 296 3.58 10.65 7.03
N VAL C 297 2.43 10.49 6.40
CA VAL C 297 1.58 11.63 6.07
C VAL C 297 0.63 11.97 7.20
N ILE C 298 0.59 13.27 7.51
CA ILE C 298 -0.33 13.87 8.49
C ILE C 298 -1.20 14.83 7.69
N VAL C 299 -2.51 14.70 7.84
CA VAL C 299 -3.47 15.52 7.13
C VAL C 299 -4.12 16.61 8.00
N THR C 300 -4.39 17.78 7.39
CA THR C 300 -5.22 18.80 8.03
C THR C 300 -6.46 18.94 7.14
N GLU C 301 -7.59 19.18 7.76
CA GLU C 301 -8.87 19.34 7.07
C GLU C 301 -9.86 20.17 7.87
N ILE C 302 -10.71 20.88 7.14
CA ILE C 302 -11.85 21.62 7.71
C ILE C 302 -13.15 20.82 7.52
N ASP C 303 -13.14 19.85 6.59
CA ASP C 303 -14.33 19.06 6.24
C ASP C 303 -14.31 17.74 7.02
N PRO C 304 -15.31 17.51 7.90
CA PRO C 304 -15.32 16.31 8.70
C PRO C 304 -15.41 14.99 7.90
N ILE C 305 -16.04 15.03 6.73
CA ILE C 305 -16.13 13.84 5.89
C ILE C 305 -14.74 13.53 5.32
N CYS C 306 -14.09 14.53 4.75
CA CYS C 306 -12.75 14.32 4.20
C CYS C 306 -11.76 13.89 5.31
N ALA C 307 -11.93 14.45 6.51
CA ALA C 307 -11.07 14.08 7.64
C ALA C 307 -11.24 12.58 7.97
N LEU C 308 -12.47 12.09 7.98
CA LEU C 308 -12.72 10.67 8.22
C LEU C 308 -12.15 9.80 7.11
N GLN C 309 -12.25 10.24 5.86
CA GLN C 309 -11.65 9.48 4.76
C GLN C 309 -10.14 9.31 4.96
N ALA C 310 -9.47 10.37 5.40
CA ALA C 310 -8.02 10.30 5.63
C ALA C 310 -7.72 9.28 6.74
N SER C 311 -8.52 9.29 7.80
N SER C 311 -8.51 9.29 7.80
CA SER C 311 -8.33 8.35 8.93
CA SER C 311 -8.35 8.34 8.91
C SER C 311 -8.48 6.91 8.46
C SER C 311 -8.47 6.90 8.44
N MET C 312 -9.42 6.67 7.53
CA MET C 312 -9.65 5.32 6.96
C MET C 312 -8.47 4.81 6.14
N GLU C 313 -7.61 5.73 5.68
CA GLU C 313 -6.41 5.39 4.95
C GLU C 313 -5.18 5.36 5.89
N GLY C 314 -5.43 5.43 7.20
CA GLY C 314 -4.39 5.31 8.20
C GLY C 314 -3.63 6.57 8.53
N TYR C 315 -4.13 7.73 8.10
CA TYR C 315 -3.42 8.97 8.36
C TYR C 315 -3.92 9.70 9.59
N GLN C 316 -2.97 10.23 10.36
CA GLN C 316 -3.26 11.10 11.50
C GLN C 316 -3.88 12.39 10.92
N VAL C 317 -4.90 12.93 11.58
CA VAL C 317 -5.51 14.18 11.17
C VAL C 317 -5.36 15.15 12.34
N SER C 318 -4.63 16.24 12.11
CA SER C 318 -4.35 17.22 13.16
C SER C 318 -4.52 18.62 12.64
N VAL C 319 -4.59 19.61 13.55
N VAL C 319 -4.53 19.57 13.56
CA VAL C 319 -4.62 20.99 13.10
CA VAL C 319 -4.58 20.98 13.25
C VAL C 319 -3.14 21.35 13.00
C VAL C 319 -3.11 21.34 13.01
N LEU C 320 -2.80 22.21 12.05
CA LEU C 320 -1.39 22.57 11.77
C LEU C 320 -0.56 22.93 13.00
N GLU C 321 -1.13 23.78 13.87
CA GLU C 321 -0.44 24.21 15.09
C GLU C 321 0.05 23.04 15.96
N ASP C 322 -0.69 21.91 15.96
CA ASP C 322 -0.34 20.72 16.75
C ASP C 322 0.98 20.06 16.31
N VAL C 323 1.33 20.18 15.02
CA VAL C 323 2.49 19.47 14.45
C VAL C 323 3.51 20.35 13.75
N VAL C 324 3.26 21.65 13.70
CA VAL C 324 4.13 22.54 12.95
C VAL C 324 5.60 22.56 13.42
N SER C 325 5.85 22.36 14.70
N SER C 325 5.87 22.36 14.71
CA SER C 325 7.22 22.37 15.23
CA SER C 325 7.25 22.38 15.18
C SER C 325 7.97 21.04 15.03
C SER C 325 7.98 21.05 14.96
N GLU C 326 7.24 19.97 14.74
CA GLU C 326 7.84 18.62 14.58
C GLU C 326 7.88 18.06 13.14
N ALA C 327 7.02 18.54 12.25
CA ALA C 327 6.97 18.00 10.90
C ALA C 327 8.13 18.47 10.03
N ASP C 328 8.42 17.69 8.99
CA ASP C 328 9.58 17.97 8.11
C ASP C 328 9.27 18.70 6.84
N ILE C 329 8.12 18.41 6.25
CA ILE C 329 7.72 18.97 4.96
C ILE C 329 6.22 19.31 5.04
N PHE C 330 5.83 20.41 4.40
CA PHE C 330 4.45 20.90 4.39
C PHE C 330 4.04 21.15 2.95
N ILE C 331 2.92 20.55 2.57
N ILE C 331 2.91 20.57 2.56
CA ILE C 331 2.36 20.63 1.22
CA ILE C 331 2.37 20.67 1.23
C ILE C 331 0.91 21.12 1.29
C ILE C 331 0.91 21.12 1.29
N THR C 332 0.63 22.32 0.77
CA THR C 332 -0.73 22.88 0.76
C THR C 332 -1.48 22.44 -0.51
N ALA C 333 -2.70 21.91 -0.33
CA ALA C 333 -3.55 21.39 -1.40
C ALA C 333 -5.02 21.77 -1.13
N THR C 334 -5.24 22.99 -0.63
CA THR C 334 -6.59 23.42 -0.21
C THR C 334 -7.40 24.23 -1.20
N GLY C 335 -6.72 24.99 -2.04
CA GLY C 335 -7.40 25.94 -2.90
C GLY C 335 -7.90 27.15 -2.09
N ASN C 336 -7.43 27.27 -0.85
CA ASN C 336 -7.87 28.34 0.05
C ASN C 336 -6.71 29.34 0.18
N LYS C 337 -6.78 30.25 1.15
CA LYS C 337 -5.71 31.20 1.35
C LYS C 337 -5.28 31.30 2.82
N ASP C 338 -4.02 31.72 3.01
CA ASP C 338 -3.47 31.94 4.36
C ASP C 338 -3.51 30.68 5.24
N VAL C 339 -3.21 29.55 4.64
N VAL C 339 -3.24 29.51 4.66
CA VAL C 339 -3.21 28.27 5.30
CA VAL C 339 -3.23 28.26 5.43
C VAL C 339 -1.89 28.06 6.06
C VAL C 339 -1.87 28.05 6.11
N ILE C 340 -0.80 28.56 5.50
CA ILE C 340 0.51 28.53 6.15
C ILE C 340 0.94 30.00 6.26
N THR C 341 0.90 30.50 7.48
CA THR C 341 1.27 31.89 7.77
C THR C 341 2.74 32.02 8.15
N VAL C 342 3.21 33.27 8.21
CA VAL C 342 4.57 33.55 8.65
C VAL C 342 4.81 33.05 10.08
N GLU C 343 3.81 33.21 10.94
N GLU C 343 3.79 33.21 10.93
CA GLU C 343 3.94 32.74 12.34
CA GLU C 343 3.89 32.73 12.33
C GLU C 343 4.12 31.21 12.42
C GLU C 343 4.12 31.22 12.40
N HIS C 344 3.49 30.47 11.50
CA HIS C 344 3.68 29.03 11.46
C HIS C 344 5.12 28.74 11.07
N MET C 345 5.59 29.45 10.05
CA MET C 345 6.95 29.27 9.52
C MET C 345 8.06 29.52 10.55
N ARG C 346 7.85 30.52 11.40
CA ARG C 346 8.82 30.85 12.45
C ARG C 346 8.98 29.75 13.49
N LYS C 347 8.01 28.84 13.58
CA LYS C 347 8.08 27.72 14.53
C LYS C 347 8.55 26.40 13.90
N MET C 348 8.80 26.39 12.61
CA MET C 348 9.23 25.15 11.94
C MET C 348 10.66 24.76 12.29
N LYS C 349 10.97 23.47 12.17
CA LYS C 349 12.34 23.03 12.47
C LYS C 349 13.29 23.50 11.38
N GLU C 350 14.58 23.50 11.72
CA GLU C 350 15.64 23.91 10.82
C GLU C 350 15.56 23.14 9.50
N ASN C 351 15.57 23.89 8.41
CA ASN C 351 15.52 23.36 7.05
C ASN C 351 14.24 22.56 6.70
N ALA C 352 13.13 22.92 7.34
CA ALA C 352 11.84 22.38 6.95
C ALA C 352 11.56 22.87 5.53
N TYR C 353 10.89 22.01 4.73
CA TYR C 353 10.50 22.35 3.36
C TYR C 353 9.03 22.70 3.27
N ILE C 354 8.72 23.66 2.40
CA ILE C 354 7.37 24.13 2.20
C ILE C 354 7.07 24.21 0.71
N ALA C 355 5.92 23.65 0.31
CA ALA C 355 5.48 23.71 -1.06
C ALA C 355 3.97 23.76 -1.16
N ASN C 356 3.50 24.26 -2.29
CA ASN C 356 2.09 24.35 -2.59
C ASN C 356 1.79 23.65 -3.89
N ILE C 357 0.65 22.97 -3.94
CA ILE C 357 0.21 22.29 -5.16
C ILE C 357 -1.16 22.81 -5.62
N GLY C 358 -1.73 23.73 -4.83
CA GLY C 358 -2.97 24.41 -5.21
C GLY C 358 -2.69 25.36 -6.37
N HIS C 359 -3.75 25.84 -6.99
CA HIS C 359 -3.60 26.66 -8.18
C HIS C 359 -2.85 27.96 -7.96
N PHE C 360 -3.19 28.66 -6.88
CA PHE C 360 -2.56 29.95 -6.55
C PHE C 360 -1.60 29.88 -5.38
N ASP C 361 -0.65 30.83 -5.38
CA ASP C 361 0.36 30.95 -4.33
C ASP C 361 -0.18 31.40 -2.96
N ASP C 362 -1.40 31.95 -2.95
CA ASP C 362 -2.09 32.46 -1.75
C ASP C 362 -2.18 31.53 -0.56
N GLU C 363 -2.03 30.23 -0.78
CA GLU C 363 -2.14 29.24 0.31
C GLU C 363 -1.07 29.47 1.37
N ILE C 364 0.10 29.94 0.93
CA ILE C 364 1.25 30.23 1.79
C ILE C 364 1.44 31.74 1.75
N ASP C 365 1.74 32.35 2.91
CA ASP C 365 1.97 33.79 2.94
C ASP C 365 3.40 34.08 2.47
N VAL C 366 3.61 33.89 1.17
CA VAL C 366 4.93 34.13 0.56
C VAL C 366 5.34 35.61 0.67
N TYR C 367 4.41 36.52 0.44
CA TYR C 367 4.72 37.96 0.55
C TYR C 367 5.22 38.32 1.95
N GLY C 368 4.52 37.82 2.97
CA GLY C 368 4.88 38.08 4.36
C GLY C 368 6.26 37.52 4.72
N LEU C 369 6.59 36.38 4.15
CA LEU C 369 7.88 35.75 4.39
C LEU C 369 8.98 36.60 3.75
N GLU C 370 8.80 36.91 2.46
CA GLU C 370 9.74 37.71 1.71
C GLU C 370 9.97 39.10 2.28
N ASN C 371 8.96 39.64 2.93
CA ASN C 371 9.01 40.97 3.52
C ASN C 371 9.11 40.98 5.02
N TYR C 372 9.40 39.83 5.63
CA TYR C 372 9.57 39.78 7.06
C TYR C 372 10.83 40.65 7.39
N PRO C 373 10.75 41.51 8.41
CA PRO C 373 11.91 42.40 8.68
C PRO C 373 13.20 41.65 9.05
N GLY C 374 14.23 41.84 8.24
CA GLY C 374 15.51 41.21 8.49
C GLY C 374 15.65 39.83 7.92
N ILE C 375 14.62 39.33 7.23
CA ILE C 375 14.70 38.00 6.62
C ILE C 375 15.90 37.96 5.63
N LYS C 376 16.61 36.86 5.64
CA LYS C 376 17.70 36.65 4.70
C LYS C 376 17.26 35.59 3.71
N VAL C 377 17.56 35.79 2.43
CA VAL C 377 17.18 34.84 1.39
C VAL C 377 18.35 34.46 0.47
N ILE C 378 18.45 33.17 0.12
CA ILE C 378 19.45 32.72 -0.84
C ILE C 378 18.79 31.73 -1.78
N GLU C 379 19.20 31.76 -3.04
CA GLU C 379 18.71 30.82 -4.03
C GLU C 379 19.51 29.53 -3.86
N VAL C 380 18.84 28.42 -3.59
CA VAL C 380 19.49 27.12 -3.39
C VAL C 380 19.75 26.50 -4.76
N LYS C 381 18.72 26.49 -5.58
CA LYS C 381 18.82 26.03 -6.95
C LYS C 381 17.77 26.82 -7.68
N GLN C 382 17.58 26.59 -8.97
CA GLN C 382 16.61 27.39 -9.66
C GLN C 382 15.21 27.07 -9.12
N ASN C 383 14.50 28.14 -8.79
CA ASN C 383 13.16 28.05 -8.25
C ASN C 383 13.08 27.37 -6.86
N VAL C 384 14.15 27.47 -6.06
CA VAL C 384 14.16 26.98 -4.68
C VAL C 384 14.91 28.01 -3.84
N HIS C 385 14.30 28.48 -2.76
CA HIS C 385 14.90 29.53 -1.93
C HIS C 385 14.86 29.22 -0.45
N LYS C 386 15.96 29.54 0.23
CA LYS C 386 16.08 29.35 1.66
C LYS C 386 15.96 30.71 2.35
N PHE C 387 15.07 30.78 3.32
CA PHE C 387 14.77 31.99 4.08
C PHE C 387 15.18 31.78 5.53
N THR C 388 15.95 32.72 6.08
CA THR C 388 16.44 32.63 7.44
C THR C 388 15.93 33.80 8.29
N PHE C 389 15.32 33.48 9.42
CA PHE C 389 14.80 34.50 10.31
C PHE C 389 15.94 35.09 11.15
N PRO C 390 15.95 36.42 11.33
CA PRO C 390 17.05 37.06 12.06
C PRO C 390 17.14 36.77 13.56
N ASP C 391 16.00 36.54 14.20
CA ASP C 391 15.97 36.32 15.66
C ASP C 391 16.42 34.92 16.06
N THR C 392 15.87 33.88 15.43
CA THR C 392 16.23 32.52 15.75
C THR C 392 17.40 31.99 14.94
N GLN C 393 17.68 32.60 13.79
CA GLN C 393 18.70 32.11 12.84
C GLN C 393 18.29 30.76 12.22
N LYS C 394 17.01 30.40 12.34
CA LYS C 394 16.50 29.17 11.73
C LYS C 394 16.04 29.45 10.30
N SER C 395 16.13 28.43 9.45
CA SER C 395 15.74 28.57 8.05
C SER C 395 14.62 27.62 7.62
N VAL C 396 13.84 28.06 6.63
CA VAL C 396 12.86 27.22 5.94
C VAL C 396 13.17 27.30 4.45
N ILE C 397 12.84 26.24 3.72
CA ILE C 397 13.12 26.16 2.29
C ILE C 397 11.81 26.09 1.54
N LEU C 398 11.59 27.08 0.68
CA LEU C 398 10.37 27.23 -0.09
C LEU C 398 10.57 26.82 -1.55
N LEU C 399 9.70 25.94 -2.03
CA LEU C 399 9.78 25.53 -3.41
C LEU C 399 8.99 26.48 -4.32
N CYS C 400 9.65 26.91 -5.41
N CYS C 400 9.64 26.92 -5.39
CA CYS C 400 9.16 27.83 -6.45
CA CYS C 400 9.09 27.77 -6.45
C CYS C 400 8.20 28.93 -5.99
C CYS C 400 8.20 28.93 -6.00
N LYS C 401 8.65 29.65 -4.96
CA LYS C 401 7.92 30.79 -4.40
C LYS C 401 6.45 30.52 -4.09
N GLY C 402 6.16 29.30 -3.67
CA GLY C 402 4.80 28.93 -3.36
C GLY C 402 3.88 28.67 -4.53
N ARG C 403 4.40 28.72 -5.75
CA ARG C 403 3.58 28.41 -6.94
C ARG C 403 3.47 26.88 -7.08
N LEU C 404 2.47 26.43 -7.82
CA LEU C 404 2.17 25.00 -7.95
C LEU C 404 3.43 24.21 -8.33
N VAL C 405 3.87 23.40 -7.35
CA VAL C 405 5.16 22.75 -7.37
C VAL C 405 5.37 21.71 -8.44
N ASN C 406 4.31 20.98 -8.80
CA ASN C 406 4.44 19.97 -9.84
C ASN C 406 4.82 20.57 -11.20
N LEU C 407 4.28 21.76 -11.51
CA LEU C 407 4.58 22.47 -12.76
C LEU C 407 5.75 23.46 -12.64
N GLY C 408 6.00 23.95 -11.42
CA GLY C 408 7.07 24.91 -11.18
C GLY C 408 8.43 24.25 -11.04
N CYS C 409 8.50 23.16 -10.29
CA CYS C 409 9.76 22.42 -10.08
C CYS C 409 9.89 21.19 -10.98
N ALA C 410 8.80 20.80 -11.64
CA ALA C 410 8.87 19.68 -12.58
C ALA C 410 8.10 20.04 -13.86
N THR C 411 7.45 19.05 -14.48
CA THR C 411 6.77 19.30 -15.77
C THR C 411 5.28 19.00 -15.74
N GLY C 412 4.68 18.98 -14.55
CA GLY C 412 3.25 18.71 -14.43
C GLY C 412 2.89 17.25 -14.64
N HIS C 413 1.61 17.03 -14.83
CA HIS C 413 1.08 15.67 -15.02
C HIS C 413 1.56 15.01 -16.30
N PRO C 414 1.54 13.67 -16.34
CA PRO C 414 1.97 12.96 -17.54
C PRO C 414 0.90 12.95 -18.67
N PRO C 415 1.31 12.61 -19.90
CA PRO C 415 0.43 12.62 -21.06
C PRO C 415 -0.90 11.88 -20.94
N LEU C 416 -0.92 10.68 -20.34
CA LEU C 416 -2.20 9.90 -20.26
C LEU C 416 -3.33 10.66 -19.57
N VAL C 417 -3.10 11.17 -18.35
CA VAL C 417 -4.15 11.91 -17.66
C VAL C 417 -4.42 13.25 -18.33
N MET C 418 -3.40 13.91 -18.87
CA MET C 418 -3.64 15.18 -19.55
C MET C 418 -4.48 14.97 -20.82
N SER C 419 -4.34 13.83 -21.47
CA SER C 419 -5.16 13.52 -22.64
C SER C 419 -6.62 13.38 -22.21
N MET C 420 -6.85 12.79 -21.05
CA MET C 420 -8.21 12.64 -20.53
C MET C 420 -8.82 14.03 -20.27
N SER C 421 -8.08 14.88 -19.57
CA SER C 421 -8.55 16.24 -19.28
C SER C 421 -8.76 17.03 -20.57
N PHE C 422 -7.78 16.95 -21.48
CA PHE C 422 -7.85 17.70 -22.72
C PHE C 422 -8.85 17.20 -23.77
N THR C 423 -9.19 15.91 -23.72
CA THR C 423 -10.23 15.39 -24.60
C THR C 423 -11.54 16.07 -24.16
N ASN C 424 -11.73 16.23 -22.85
CA ASN C 424 -12.89 16.95 -22.31
C ASN C 424 -12.87 18.39 -22.79
N GLN C 425 -11.68 19.04 -22.73
CA GLN C 425 -11.56 20.43 -23.21
C GLN C 425 -11.99 20.60 -24.66
N VAL C 426 -11.51 19.73 -25.54
CA VAL C 426 -11.88 19.80 -26.95
C VAL C 426 -13.39 19.57 -27.15
N LEU C 427 -13.97 18.59 -26.45
CA LEU C 427 -15.42 18.35 -26.56
C LEU C 427 -16.22 19.56 -26.05
N ALA C 428 -15.69 20.23 -25.01
CA ALA C 428 -16.33 21.42 -24.45
C ALA C 428 -16.30 22.57 -25.46
N GLN C 429 -15.13 22.77 -26.08
CA GLN C 429 -14.97 23.81 -27.10
C GLN C 429 -15.91 23.53 -28.28
N MET C 430 -15.99 22.28 -28.72
CA MET C 430 -16.90 21.91 -29.82
C MET C 430 -18.35 22.20 -29.43
N ASP C 431 -18.72 21.86 -28.21
CA ASP C 431 -20.08 22.12 -27.68
C ASP C 431 -20.43 23.61 -27.66
N LEU C 432 -19.54 24.44 -27.12
CA LEU C 432 -19.75 25.89 -27.06
C LEU C 432 -19.85 26.53 -28.45
N TRP C 433 -18.99 26.11 -29.36
CA TRP C 433 -18.98 26.64 -30.71
C TRP C 433 -20.27 26.25 -31.45
N LYS C 434 -20.64 24.97 -31.38
CA LYS C 434 -21.85 24.49 -32.08
C LYS C 434 -23.17 25.13 -31.58
N SER C 435 -23.21 25.48 -30.29
N SER C 435 -23.23 25.47 -30.30
CA SER C 435 -24.37 26.09 -29.66
CA SER C 435 -24.43 26.08 -29.74
C SER C 435 -24.38 27.62 -29.72
C SER C 435 -24.34 27.61 -29.68
N ARG C 436 -23.39 28.21 -30.41
CA ARG C 436 -23.21 29.68 -30.42
C ARG C 436 -24.41 30.55 -30.83
N GLU C 437 -25.28 30.00 -31.69
CA GLU C 437 -26.48 30.72 -32.13
C GLU C 437 -27.50 30.93 -30.99
N LEU C 438 -27.42 30.11 -29.93
CA LEU C 438 -28.29 30.23 -28.75
C LEU C 438 -27.84 31.35 -27.81
N VAL C 439 -26.67 31.93 -28.08
CA VAL C 439 -26.16 33.05 -27.28
C VAL C 439 -26.71 34.33 -27.91
N ASP C 440 -27.85 34.80 -27.40
CA ASP C 440 -28.52 35.99 -27.94
C ASP C 440 -28.57 37.07 -26.85
N ARG C 441 -27.60 37.99 -26.89
CA ARG C 441 -27.48 39.05 -25.90
C ARG C 441 -28.56 40.15 -25.94
N SER C 442 -29.45 40.13 -26.93
CA SER C 442 -30.60 41.04 -26.92
C SER C 442 -31.69 40.43 -26.02
N LYS C 443 -31.47 39.18 -25.57
CA LYS C 443 -32.43 38.47 -24.71
C LYS C 443 -31.87 38.13 -23.34
N ASN C 444 -30.64 37.62 -23.31
CA ASN C 444 -30.00 37.23 -22.05
C ASN C 444 -28.56 37.66 -22.07
N THR C 445 -28.14 38.32 -20.99
CA THR C 445 -26.76 38.77 -20.85
C THR C 445 -26.05 38.07 -19.69
N ARG C 446 -26.80 37.31 -18.88
CA ARG C 446 -26.25 36.57 -17.72
C ARG C 446 -26.31 35.08 -18.03
N PHE C 447 -25.22 34.37 -17.76
CA PHE C 447 -25.16 32.94 -18.11
C PHE C 447 -24.83 32.02 -16.94
N PHE C 448 -24.92 30.72 -17.21
CA PHE C 448 -24.66 29.71 -16.19
C PHE C 448 -23.58 28.74 -16.62
N VAL C 449 -23.11 27.97 -15.64
CA VAL C 449 -22.09 26.96 -15.81
C VAL C 449 -22.77 25.61 -16.06
N LYS C 450 -22.31 24.85 -17.06
CA LYS C 450 -22.82 23.49 -17.26
C LYS C 450 -21.65 22.50 -17.36
N LYS C 451 -21.95 21.21 -17.27
CA LYS C 451 -20.98 20.15 -17.39
C LYS C 451 -21.28 19.29 -18.61
N LEU C 452 -20.28 18.56 -19.08
CA LEU C 452 -20.48 17.65 -20.20
C LEU C 452 -21.32 16.47 -19.72
N SER C 453 -22.05 15.84 -20.66
CA SER C 453 -22.91 14.69 -20.34
C SER C 453 -22.10 13.47 -19.88
N LYS C 454 -22.77 12.56 -19.16
CA LYS C 454 -22.12 11.34 -18.72
C LYS C 454 -21.76 10.48 -19.93
N GLU C 455 -22.53 10.59 -21.02
CA GLU C 455 -22.22 9.82 -22.26
C GLU C 455 -20.83 10.21 -22.77
N LEU C 456 -20.54 11.50 -22.82
CA LEU C 456 -19.25 11.97 -23.30
C LEU C 456 -18.14 11.61 -22.33
N ASP C 457 -18.45 11.68 -21.04
CA ASP C 457 -17.50 11.34 -19.98
C ASP C 457 -17.05 9.87 -20.15
N GLU C 458 -18.01 8.96 -20.34
CA GLU C 458 -17.69 7.55 -20.57
C GLU C 458 -16.88 7.36 -21.87
N TYR C 459 -17.23 8.15 -22.89
CA TYR C 459 -16.54 8.11 -24.19
C TYR C 459 -15.08 8.49 -24.01
N VAL C 460 -14.82 9.51 -23.19
CA VAL C 460 -13.43 9.91 -22.91
C VAL C 460 -12.64 8.71 -22.34
N ALA C 461 -13.26 7.99 -21.39
CA ALA C 461 -12.63 6.81 -20.80
C ALA C 461 -12.44 5.72 -21.85
N ARG C 462 -13.46 5.46 -22.66
CA ARG C 462 -13.35 4.43 -23.70
C ARG C 462 -12.16 4.67 -24.62
N LEU C 463 -11.91 5.92 -24.96
CA LEU C 463 -10.81 6.26 -25.86
C LEU C 463 -9.42 5.94 -25.33
N HIS C 464 -9.27 5.75 -24.01
CA HIS C 464 -7.97 5.49 -23.40
C HIS C 464 -7.77 4.08 -22.85
N LEU C 465 -8.75 3.20 -23.03
CA LEU C 465 -8.64 1.84 -22.50
C LEU C 465 -7.47 1.08 -23.11
N ASP C 466 -7.30 1.19 -24.44
CA ASP C 466 -6.23 0.49 -25.15
C ASP C 466 -4.81 0.92 -24.77
N VAL C 467 -4.65 2.11 -24.22
CA VAL C 467 -3.34 2.53 -23.75
C VAL C 467 -2.84 1.54 -22.70
N LEU C 468 -3.75 1.05 -21.86
CA LEU C 468 -3.39 0.18 -20.74
C LEU C 468 -3.77 -1.29 -20.90
N GLY C 469 -4.17 -1.69 -22.10
CA GLY C 469 -4.56 -3.10 -22.34
C GLY C 469 -5.78 -3.56 -21.54
N ILE C 470 -6.66 -2.62 -21.20
CA ILE C 470 -7.88 -2.91 -20.47
C ILE C 470 -8.88 -3.63 -21.37
N LYS C 471 -9.46 -4.73 -20.87
CA LYS C 471 -10.48 -5.48 -21.63
C LYS C 471 -11.82 -5.30 -20.93
N LEU C 472 -12.72 -4.57 -21.58
CA LEU C 472 -14.02 -4.25 -21.01
C LEU C 472 -15.05 -5.36 -21.27
N THR C 473 -15.85 -5.65 -20.24
CA THR C 473 -16.91 -6.63 -20.32
C THR C 473 -18.13 -5.98 -20.93
N LYS C 474 -18.87 -6.75 -21.72
CA LYS C 474 -20.09 -6.26 -22.34
C LYS C 474 -21.29 -6.95 -21.68
N LEU C 475 -22.25 -6.14 -21.25
CA LEU C 475 -23.49 -6.66 -20.63
C LEU C 475 -24.31 -7.44 -21.63
N THR C 476 -25.01 -8.48 -21.17
CA THR C 476 -25.98 -9.18 -22.02
C THR C 476 -27.28 -8.36 -21.97
N GLU C 477 -28.17 -8.59 -22.92
N GLU C 477 -28.27 -8.75 -22.76
CA GLU C 477 -29.45 -7.84 -23.00
CA GLU C 477 -29.58 -8.10 -22.74
C GLU C 477 -30.22 -7.92 -21.70
C GLU C 477 -30.33 -8.43 -21.43
N THR C 478 -30.28 -9.13 -21.12
N THR C 478 -30.17 -9.65 -20.89
CA THR C 478 -31.01 -9.37 -19.87
CA THR C 478 -30.87 -9.99 -19.66
C THR C 478 -30.31 -8.75 -18.66
C THR C 478 -30.28 -9.18 -18.49
N GLN C 479 -28.99 -8.89 -18.54
CA GLN C 479 -28.28 -8.17 -17.47
C GLN C 479 -28.56 -6.66 -17.54
N ALA C 480 -28.54 -6.11 -18.75
CA ALA C 480 -28.80 -4.69 -18.96
C ALA C 480 -30.21 -4.31 -18.48
N LYS C 481 -31.17 -5.17 -18.78
CA LYS C 481 -32.53 -4.98 -18.33
C LYS C 481 -32.58 -5.10 -16.79
N TYR C 482 -31.86 -6.06 -16.24
CA TYR C 482 -31.83 -6.28 -14.80
C TYR C 482 -31.34 -5.06 -14.02
N ILE C 483 -30.24 -4.46 -14.44
CA ILE C 483 -29.72 -3.26 -13.75
C ILE C 483 -30.28 -1.95 -14.35
N ASN C 484 -31.20 -2.08 -15.30
CA ASN C 484 -31.89 -0.94 -15.89
C ASN C 484 -30.98 0.08 -16.61
N VAL C 485 -30.09 -0.43 -17.47
CA VAL C 485 -29.20 0.44 -18.25
C VAL C 485 -29.16 -0.06 -19.68
N SER C 486 -28.69 0.81 -20.58
CA SER C 486 -28.48 0.42 -21.94
C SER C 486 -27.16 -0.33 -22.00
N ILE C 487 -27.04 -1.30 -22.91
CA ILE C 487 -25.79 -2.02 -23.11
C ILE C 487 -24.63 -1.05 -23.40
N ASN C 488 -24.96 0.06 -24.05
CA ASN C 488 -23.96 1.07 -24.43
C ASN C 488 -23.82 2.22 -23.43
N GLY C 489 -24.46 2.11 -22.27
CA GLY C 489 -24.38 3.15 -21.22
C GLY C 489 -25.25 4.35 -21.55
N PRO C 490 -25.28 5.38 -20.70
CA PRO C 490 -24.50 5.45 -19.46
C PRO C 490 -24.84 4.38 -18.43
N TYR C 491 -23.84 3.99 -17.63
CA TYR C 491 -23.99 2.89 -16.67
C TYR C 491 -24.33 3.27 -15.23
N LYS C 492 -24.24 4.57 -14.93
CA LYS C 492 -24.44 5.07 -13.58
C LYS C 492 -25.38 6.26 -13.58
N SER C 493 -26.07 6.45 -12.46
N SER C 493 -26.08 6.43 -12.46
CA SER C 493 -26.98 7.57 -12.31
CA SER C 493 -26.98 7.57 -12.30
C SER C 493 -26.16 8.85 -12.18
C SER C 493 -26.16 8.85 -12.16
N GLU C 494 -26.77 9.98 -12.47
CA GLU C 494 -26.10 11.28 -12.42
C GLU C 494 -25.38 11.65 -11.11
N ASP C 495 -25.87 11.16 -9.98
CA ASP C 495 -25.26 11.48 -8.68
C ASP C 495 -24.20 10.45 -8.21
N TYR C 496 -23.85 9.50 -9.06
CA TYR C 496 -22.87 8.48 -8.70
C TYR C 496 -21.51 9.15 -8.45
N ARG C 497 -20.83 8.74 -7.36
CA ARG C 497 -19.59 9.37 -6.95
C ARG C 497 -18.29 8.68 -7.35
N TYR C 498 -18.40 7.50 -7.96
CA TYR C 498 -17.22 6.75 -8.42
C TYR C 498 -16.20 6.52 -7.30
N LYS D 5 -0.16 -46.45 27.81
CA LYS D 5 -0.71 -45.13 27.36
C LYS D 5 -0.85 -45.11 25.82
N MET D 6 -1.49 -46.15 25.28
CA MET D 6 -1.66 -46.27 23.82
C MET D 6 -3.03 -45.76 23.33
N GLU D 7 -3.80 -45.13 24.22
CA GLU D 7 -5.12 -44.60 23.87
C GLU D 7 -5.05 -43.07 23.72
N SER D 8 -5.54 -42.54 22.60
CA SER D 8 -5.54 -41.08 22.36
C SER D 8 -6.54 -40.37 23.27
N ARG D 9 -6.26 -39.11 23.58
CA ARG D 9 -7.15 -38.28 24.38
C ARG D 9 -7.38 -36.98 23.62
N ILE D 10 -8.56 -36.91 23.01
CA ILE D 10 -9.02 -35.78 22.21
C ILE D 10 -10.43 -35.39 22.61
N LYS D 11 -10.91 -34.28 22.05
CA LYS D 11 -12.24 -33.78 22.37
C LYS D 11 -13.39 -34.62 21.81
N ASP D 12 -13.40 -34.85 20.50
CA ASP D 12 -14.53 -35.50 19.83
C ASP D 12 -14.14 -36.18 18.51
N ILE D 13 -14.16 -37.52 18.50
CA ILE D 13 -13.81 -38.32 17.33
C ILE D 13 -14.75 -38.11 16.13
N SER D 14 -16.01 -37.75 16.40
CA SER D 14 -17.00 -37.54 15.35
C SER D 14 -16.73 -36.31 14.47
N LEU D 15 -15.74 -35.50 14.83
CA LEU D 15 -15.35 -34.36 14.01
C LEU D 15 -14.33 -34.81 12.92
N ALA D 16 -13.99 -36.09 12.90
CA ALA D 16 -12.97 -36.63 11.98
C ALA D 16 -13.21 -36.39 10.50
N GLU D 17 -14.46 -36.54 10.04
CA GLU D 17 -14.78 -36.39 8.62
C GLU D 17 -14.49 -34.96 8.13
N PHE D 18 -14.86 -33.97 8.94
N PHE D 18 -14.89 -33.96 8.91
CA PHE D 18 -14.61 -32.57 8.61
CA PHE D 18 -14.61 -32.56 8.59
C PHE D 18 -13.10 -32.32 8.55
C PHE D 18 -13.10 -32.31 8.55
N GLY D 19 -12.37 -32.93 9.48
CA GLY D 19 -10.92 -32.81 9.54
C GLY D 19 -10.27 -33.43 8.31
N LEU D 20 -10.74 -34.61 7.91
CA LEU D 20 -10.20 -35.30 6.74
C LEU D 20 -10.47 -34.49 5.48
N GLN D 21 -11.67 -33.92 5.37
N GLN D 21 -11.67 -33.92 5.37
CA GLN D 21 -12.01 -33.11 4.22
CA GLN D 21 -12.02 -33.10 4.21
C GLN D 21 -11.14 -31.86 4.12
C GLN D 21 -11.15 -31.84 4.11
N ASP D 22 -10.92 -31.19 5.24
CA ASP D 22 -10.07 -29.98 5.28
C ASP D 22 -8.64 -30.33 4.91
N MET D 23 -8.16 -31.49 5.34
CA MET D 23 -6.82 -31.92 4.98
C MET D 23 -6.67 -32.06 3.46
N GLU D 24 -7.69 -32.60 2.78
CA GLU D 24 -7.58 -32.77 1.30
C GLU D 24 -7.61 -31.43 0.58
N ILE D 25 -8.39 -30.49 1.07
CA ILE D 25 -8.44 -29.16 0.48
C ILE D 25 -7.08 -28.47 0.73
N ALA D 26 -6.59 -28.51 1.96
CA ALA D 26 -5.29 -27.92 2.30
C ALA D 26 -4.17 -28.45 1.41
N LYS D 27 -4.20 -29.75 1.08
CA LYS D 27 -3.14 -30.36 0.22
C LYS D 27 -2.99 -29.74 -1.15
N THR D 28 -4.04 -29.11 -1.66
CA THR D 28 -3.94 -28.40 -2.95
C THR D 28 -2.79 -27.38 -2.93
N ASP D 29 -2.57 -26.73 -1.78
CA ASP D 29 -1.49 -25.74 -1.62
C ASP D 29 -0.25 -26.27 -0.94
N MET D 30 -0.33 -27.39 -0.24
CA MET D 30 0.83 -27.92 0.48
C MET D 30 1.62 -28.86 -0.42
N MET D 31 2.03 -28.37 -1.58
N MET D 31 2.03 -28.34 -1.58
CA MET D 31 2.70 -29.21 -2.58
CA MET D 31 2.77 -29.11 -2.61
C MET D 31 4.06 -29.75 -2.14
C MET D 31 4.03 -29.77 -2.10
N GLY D 32 4.68 -29.11 -1.16
CA GLY D 32 5.92 -29.60 -0.58
C GLY D 32 5.71 -30.94 0.10
N LEU D 33 4.68 -31.02 0.95
CA LEU D 33 4.35 -32.25 1.67
C LEU D 33 3.78 -33.33 0.72
N VAL D 34 2.97 -32.90 -0.26
CA VAL D 34 2.41 -33.82 -1.26
C VAL D 34 3.57 -34.49 -2.04
N GLU D 35 4.56 -33.70 -2.46
CA GLU D 35 5.70 -34.23 -3.18
C GLU D 35 6.55 -35.18 -2.33
N LEU D 36 6.82 -34.81 -1.07
CA LEU D 36 7.60 -35.70 -0.19
C LEU D 36 6.90 -37.04 -0.02
N GLN D 37 5.57 -37.04 0.14
CA GLN D 37 4.83 -38.29 0.24
C GLN D 37 4.95 -39.12 -1.04
N ARG D 38 4.75 -38.47 -2.18
CA ARG D 38 4.83 -39.17 -3.47
C ARG D 38 6.20 -39.80 -3.67
N LYS D 39 7.23 -39.02 -3.36
CA LYS D 39 8.61 -39.43 -3.58
C LYS D 39 9.17 -40.47 -2.62
N TYR D 40 8.75 -40.44 -1.38
CA TYR D 40 9.34 -41.32 -0.37
C TYR D 40 8.43 -42.35 0.30
N ARG D 41 7.15 -42.41 -0.06
CA ARG D 41 6.25 -43.40 0.60
C ARG D 41 6.61 -44.85 0.32
N ASP D 42 7.27 -45.12 -0.80
CA ASP D 42 7.67 -46.50 -1.13
C ASP D 42 8.95 -46.93 -0.38
N SER D 43 9.98 -46.09 -0.41
CA SER D 43 11.26 -46.40 0.24
C SER D 43 11.22 -46.23 1.76
N LYS D 44 10.31 -45.39 2.25
CA LYS D 44 10.14 -45.16 3.69
C LYS D 44 11.44 -44.85 4.43
N PRO D 45 12.06 -43.69 4.14
CA PRO D 45 13.33 -43.33 4.78
C PRO D 45 13.27 -43.21 6.31
N LEU D 46 12.07 -43.05 6.89
CA LEU D 46 11.90 -42.94 8.34
C LEU D 46 11.39 -44.22 9.01
N LYS D 47 11.47 -45.35 8.30
CA LYS D 47 10.98 -46.60 8.87
C LYS D 47 11.68 -47.01 10.17
N GLY D 48 10.86 -47.31 11.17
CA GLY D 48 11.33 -47.70 12.49
C GLY D 48 11.50 -46.53 13.45
N ALA D 49 11.37 -45.29 12.97
CA ALA D 49 11.57 -44.14 13.84
C ALA D 49 10.35 -43.86 14.71
N ARG D 50 10.60 -43.50 15.97
CA ARG D 50 9.54 -43.10 16.89
C ARG D 50 9.67 -41.58 17.00
N ILE D 51 8.66 -40.87 16.52
CA ILE D 51 8.68 -39.41 16.52
C ILE D 51 7.64 -38.86 17.47
N THR D 52 8.06 -37.98 18.37
CA THR D 52 7.15 -37.30 19.26
C THR D 52 7.11 -35.83 18.82
N GLY D 53 5.92 -35.32 18.57
CA GLY D 53 5.74 -33.93 18.17
C GLY D 53 5.03 -33.11 19.23
N SER D 54 5.55 -31.90 19.46
CA SER D 54 4.92 -30.92 20.35
C SER D 54 4.78 -29.67 19.49
N LEU D 55 3.66 -29.57 18.78
CA LEU D 55 3.45 -28.49 17.83
C LEU D 55 1.96 -28.33 17.53
N HIS D 56 1.47 -27.09 17.67
CA HIS D 56 0.04 -26.71 17.45
C HIS D 56 -0.63 -27.65 16.47
N LEU D 57 -1.61 -28.40 16.94
CA LEU D 57 -2.23 -29.42 16.09
C LEU D 57 -3.42 -28.87 15.30
N THR D 58 -3.11 -28.25 14.16
CA THR D 58 -4.08 -27.67 13.24
C THR D 58 -4.20 -28.62 12.04
N ILE D 59 -5.10 -28.32 11.12
CA ILE D 59 -5.21 -29.10 9.89
C ILE D 59 -3.86 -29.20 9.17
N GLU D 60 -3.09 -28.11 9.13
CA GLU D 60 -1.80 -28.11 8.45
C GLU D 60 -0.86 -29.14 9.11
N THR D 61 -0.90 -29.20 10.44
CA THR D 61 -0.08 -30.14 11.22
C THR D 61 -0.53 -31.58 10.94
N SER D 62 -1.83 -31.79 10.72
CA SER D 62 -2.28 -33.14 10.40
C SER D 62 -1.67 -33.65 9.09
N VAL D 63 -1.39 -32.75 8.17
CA VAL D 63 -0.76 -33.12 6.88
C VAL D 63 0.72 -33.44 7.13
N LEU D 64 1.38 -32.70 8.03
CA LEU D 64 2.77 -33.01 8.40
C LEU D 64 2.87 -34.43 8.99
N VAL D 65 1.97 -34.73 9.93
CA VAL D 65 1.92 -36.04 10.58
C VAL D 65 1.67 -37.14 9.55
N GLU D 66 0.75 -36.89 8.62
CA GLU D 66 0.45 -37.84 7.55
C GLU D 66 1.72 -38.08 6.73
N THR D 67 2.48 -37.02 6.50
CA THR D 67 3.71 -37.13 5.73
C THR D 67 4.74 -38.01 6.44
N LEU D 68 4.97 -37.76 7.73
CA LEU D 68 5.92 -38.55 8.51
C LEU D 68 5.46 -40.01 8.53
N TYR D 69 4.16 -40.22 8.72
CA TYR D 69 3.59 -41.56 8.71
C TYR D 69 3.80 -42.27 7.37
N GLU D 70 3.52 -41.59 6.25
CA GLU D 70 3.72 -42.19 4.92
C GLU D 70 5.20 -42.53 4.67
N LEU D 71 6.09 -41.77 5.30
CA LEU D 71 7.54 -42.02 5.21
C LEU D 71 8.06 -43.13 6.15
N GLY D 72 7.15 -43.75 6.90
CA GLY D 72 7.45 -44.90 7.76
C GLY D 72 7.58 -44.71 9.26
N ALA D 73 7.35 -43.50 9.77
CA ALA D 73 7.50 -43.28 11.19
C ALA D 73 6.26 -43.68 11.99
N GLU D 74 6.46 -43.98 13.28
CA GLU D 74 5.37 -44.19 14.25
C GLU D 74 5.34 -42.83 14.97
N ILE D 75 4.16 -42.35 15.34
CA ILE D 75 4.04 -40.99 15.83
C ILE D 75 3.12 -40.80 17.04
N ARG D 76 3.58 -39.97 17.99
CA ARG D 76 2.80 -39.53 19.14
C ARG D 76 2.81 -38.01 19.04
N TRP D 77 1.69 -37.35 19.33
CA TRP D 77 1.62 -35.91 19.16
C TRP D 77 0.80 -35.17 20.21
N CYS D 78 1.20 -33.93 20.47
CA CYS D 78 0.50 -33.02 21.38
C CYS D 78 0.70 -31.62 20.84
N SER D 79 -0.11 -30.67 21.29
CA SER D 79 0.04 -29.25 20.89
C SER D 79 0.98 -28.53 21.83
N CYS D 80 1.55 -27.42 21.36
CA CYS D 80 2.46 -26.61 22.16
C CYS D 80 1.79 -25.35 22.74
N ASN D 81 0.45 -25.35 22.77
CA ASN D 81 -0.32 -24.30 23.39
C ASN D 81 -1.68 -24.86 23.80
N ILE D 82 -2.17 -24.38 24.94
CA ILE D 82 -3.46 -24.83 25.48
C ILE D 82 -4.68 -24.47 24.62
N TYR D 83 -4.56 -23.47 23.72
CA TYR D 83 -5.67 -23.03 22.86
C TYR D 83 -5.50 -23.27 21.35
N SER D 84 -4.37 -23.80 20.92
CA SER D 84 -4.10 -23.88 19.47
C SER D 84 -4.61 -25.10 18.72
N THR D 85 -5.04 -26.14 19.41
CA THR D 85 -5.51 -27.34 18.74
C THR D 85 -6.80 -27.08 17.96
N GLN D 86 -6.89 -27.67 16.77
CA GLN D 86 -8.14 -27.68 16.00
C GLN D 86 -8.64 -29.09 16.26
N ASP D 87 -9.76 -29.20 17.01
CA ASP D 87 -10.29 -30.53 17.41
C ASP D 87 -10.63 -31.46 16.23
N HIS D 88 -11.06 -30.88 15.10
CA HIS D 88 -11.37 -31.72 13.92
C HIS D 88 -10.07 -32.26 13.30
N ALA D 89 -8.97 -31.48 13.38
CA ALA D 89 -7.68 -31.94 12.88
C ALA D 89 -7.17 -33.11 13.75
N ALA D 90 -7.34 -33.00 15.07
CA ALA D 90 -6.92 -34.07 16.00
C ALA D 90 -7.72 -35.36 15.75
N ALA D 91 -9.02 -35.20 15.57
CA ALA D 91 -9.93 -36.31 15.30
C ALA D 91 -9.55 -37.05 14.02
N ALA D 92 -9.18 -36.31 12.98
CA ALA D 92 -8.82 -36.91 11.69
C ALA D 92 -7.68 -37.90 11.87
N LEU D 93 -6.65 -37.48 12.59
CA LEU D 93 -5.48 -38.33 12.87
C LEU D 93 -5.82 -39.61 13.64
N VAL D 94 -6.67 -39.48 14.65
CA VAL D 94 -7.05 -40.64 15.46
C VAL D 94 -7.91 -41.59 14.66
N LYS D 95 -8.84 -41.05 13.87
CA LYS D 95 -9.71 -41.88 13.03
C LYS D 95 -8.87 -42.68 12.03
N LYS D 96 -7.97 -42.00 11.34
CA LYS D 96 -7.04 -42.64 10.38
C LYS D 96 -6.06 -43.58 11.06
N ASN D 97 -5.93 -43.45 12.38
CA ASN D 97 -5.06 -44.30 13.18
C ASN D 97 -3.57 -44.16 12.77
N ILE D 98 -3.16 -42.95 12.43
CA ILE D 98 -1.77 -42.71 12.01
C ILE D 98 -0.90 -42.05 13.10
N ALA D 99 -1.52 -41.74 14.24
CA ALA D 99 -0.79 -41.18 15.37
C ALA D 99 -1.59 -41.34 16.64
N THR D 100 -0.90 -41.34 17.78
CA THR D 100 -1.55 -41.37 19.07
C THR D 100 -1.46 -39.89 19.48
N VAL D 101 -2.62 -39.30 19.75
CA VAL D 101 -2.75 -37.88 20.02
C VAL D 101 -3.27 -37.56 21.40
N PHE D 102 -2.67 -36.55 22.02
CA PHE D 102 -3.08 -36.03 23.31
C PHE D 102 -3.19 -34.53 23.10
N ALA D 103 -4.38 -34.09 22.68
CA ALA D 103 -4.60 -32.67 22.37
C ALA D 103 -6.05 -32.29 22.17
N TRP D 104 -6.41 -31.13 22.71
CA TRP D 104 -7.72 -30.53 22.54
C TRP D 104 -7.63 -29.03 22.79
N LYS D 105 -8.54 -28.29 22.16
CA LYS D 105 -8.59 -26.86 22.35
C LYS D 105 -9.06 -26.60 23.76
N ASN D 106 -8.48 -25.59 24.41
CA ASN D 106 -8.89 -25.19 25.77
C ASN D 106 -8.50 -26.21 26.87
N GLU D 107 -7.24 -26.63 26.86
CA GLU D 107 -6.70 -27.49 27.91
C GLU D 107 -6.38 -26.66 29.15
N THR D 108 -6.48 -27.28 30.32
CA THR D 108 -6.00 -26.61 31.53
C THR D 108 -4.47 -26.67 31.41
N ILE D 109 -3.75 -25.81 32.13
CA ILE D 109 -2.29 -25.87 32.10
C ILE D 109 -1.80 -27.22 32.66
N GLU D 110 -2.51 -27.77 33.64
CA GLU D 110 -2.14 -29.09 34.19
C GLU D 110 -2.22 -30.16 33.11
N ASP D 111 -3.34 -30.20 32.40
CA ASP D 111 -3.51 -31.19 31.33
C ASP D 111 -2.51 -31.02 30.18
N TYR D 112 -2.07 -29.79 29.91
CA TYR D 112 -1.09 -29.55 28.87
C TYR D 112 0.18 -30.37 29.12
N TRP D 113 0.72 -30.23 30.33
CA TRP D 113 1.95 -30.93 30.71
C TRP D 113 1.77 -32.45 30.78
N VAL D 114 0.58 -32.90 31.18
CA VAL D 114 0.28 -34.34 31.21
C VAL D 114 0.24 -34.86 29.76
N CYS D 115 -0.36 -34.08 28.84
CA CYS D 115 -0.42 -34.45 27.41
C CYS D 115 0.98 -34.57 26.79
N LEU D 116 1.84 -33.59 27.07
CA LEU D 116 3.21 -33.61 26.56
C LEU D 116 3.97 -34.82 27.09
N ASN D 117 3.84 -35.09 28.38
CA ASN D 117 4.51 -36.23 28.99
C ASN D 117 4.00 -37.53 28.36
N ASP D 118 2.69 -37.62 28.13
CA ASP D 118 2.10 -38.81 27.49
C ASP D 118 2.61 -38.98 26.06
N ALA D 119 2.74 -37.88 25.33
CA ALA D 119 3.28 -37.92 23.96
C ALA D 119 4.74 -38.41 23.95
N MET D 120 5.50 -38.10 25.01
CA MET D 120 6.90 -38.51 25.15
C MET D 120 7.08 -39.95 25.66
N THR D 121 5.98 -40.59 26.07
CA THR D 121 6.03 -41.93 26.65
C THR D 121 5.64 -43.00 25.63
N TRP D 122 6.58 -43.88 25.31
CA TRP D 122 6.37 -44.96 24.34
C TRP D 122 6.42 -46.30 25.05
N ARG D 123 5.62 -47.25 24.57
CA ARG D 123 5.58 -48.58 25.13
C ARG D 123 6.86 -49.38 24.79
N ASN D 124 7.41 -50.08 25.77
CA ASN D 124 8.62 -50.90 25.58
C ASN D 124 8.18 -52.35 25.40
N PRO D 125 8.42 -52.92 24.20
CA PRO D 125 8.01 -54.30 23.91
C PRO D 125 8.88 -55.38 24.57
N ASN D 126 10.14 -55.07 24.84
CA ASN D 126 11.07 -56.02 25.46
C ASN D 126 10.74 -56.28 26.93
N LYS D 128 9.73 -55.92 30.29
CA LYS D 128 8.48 -56.62 30.02
C LYS D 128 7.40 -55.60 29.63
N ASP D 129 7.18 -54.63 30.51
CA ASP D 129 6.21 -53.57 30.30
C ASP D 129 6.80 -52.28 30.89
N LYS D 130 7.99 -51.94 30.39
CA LYS D 130 8.72 -50.74 30.81
C LYS D 130 8.42 -49.63 29.78
N ILE D 131 9.09 -48.49 29.90
CA ILE D 131 8.86 -47.35 29.00
C ILE D 131 10.08 -47.01 28.13
N CYS D 132 9.79 -46.51 26.92
CA CYS D 132 10.80 -45.99 25.99
C CYS D 132 10.41 -44.54 25.69
N GLY D 133 11.36 -43.80 25.11
CA GLY D 133 11.13 -42.42 24.72
C GLY D 133 11.20 -42.35 23.21
N PRO D 134 11.06 -41.15 22.64
CA PRO D 134 11.15 -41.04 21.20
C PRO D 134 12.59 -41.09 20.65
N ASN D 135 12.72 -41.43 19.38
CA ASN D 135 14.00 -41.38 18.68
C ASN D 135 14.24 -39.98 18.17
N LEU D 136 13.16 -39.31 17.78
CA LEU D 136 13.21 -37.97 17.22
C LEU D 136 12.10 -37.10 17.78
N ILE D 137 12.36 -35.81 17.89
CA ILE D 137 11.38 -34.88 18.38
C ILE D 137 11.15 -33.74 17.39
N VAL D 138 9.87 -33.42 17.13
CA VAL D 138 9.48 -32.25 16.34
C VAL D 138 8.97 -31.29 17.44
N ASP D 139 9.66 -30.15 17.60
CA ASP D 139 9.30 -29.24 18.70
C ASP D 139 9.00 -27.84 18.18
N ASP D 140 8.10 -27.15 18.87
CA ASP D 140 7.71 -25.78 18.52
C ASP D 140 7.57 -25.01 19.82
N GLY D 141 8.59 -24.24 20.16
CA GLY D 141 8.63 -23.49 21.40
C GLY D 141 9.61 -24.10 22.41
N GLY D 142 10.01 -25.33 22.17
CA GLY D 142 10.98 -26.01 23.02
C GLY D 142 10.47 -26.73 24.25
N ASP D 143 9.15 -26.89 24.41
CA ASP D 143 8.62 -27.56 25.60
C ASP D 143 8.99 -29.05 25.70
N ALA D 144 9.00 -29.77 24.58
CA ALA D 144 9.39 -31.18 24.60
C ALA D 144 10.87 -31.28 24.98
N THR D 145 11.66 -30.40 24.41
CA THR D 145 13.08 -30.35 24.68
C THR D 145 13.33 -29.97 26.13
N LEU D 146 12.50 -29.05 26.64
CA LEU D 146 12.62 -28.62 28.02
C LEU D 146 12.32 -29.72 29.03
N ILE D 147 11.20 -30.43 28.84
CA ILE D 147 10.81 -31.46 29.80
C ILE D 147 11.84 -32.59 29.83
N LEU D 148 12.45 -32.88 28.69
CA LEU D 148 13.54 -33.88 28.63
C LEU D 148 14.72 -33.40 29.45
N HIS D 149 15.22 -32.20 29.17
CA HIS D 149 16.39 -31.67 29.92
C HIS D 149 16.14 -31.46 31.41
N GLU D 150 14.96 -30.94 31.75
CA GLU D 150 14.63 -30.73 33.17
C GLU D 150 14.39 -32.06 33.87
N GLY D 151 13.93 -33.05 33.11
CA GLY D 151 13.71 -34.41 33.62
C GLY D 151 15.05 -35.02 34.01
N VAL D 152 16.01 -34.93 33.11
CA VAL D 152 17.36 -35.42 33.39
C VAL D 152 17.95 -34.70 34.62
N LYS D 153 17.83 -33.37 34.67
CA LYS D 153 18.35 -32.60 35.83
C LYS D 153 17.70 -33.05 37.14
N ALA D 154 16.39 -33.26 37.10
CA ALA D 154 15.66 -33.67 38.26
C ALA D 154 16.12 -35.04 38.77
N GLU D 155 16.35 -35.98 37.86
CA GLU D 155 16.83 -37.32 38.21
C GLU D 155 18.22 -37.26 38.85
N ILE D 156 19.09 -36.45 38.28
CA ILE D 156 20.44 -36.25 38.81
C ILE D 156 20.37 -35.65 40.22
N GLU D 157 19.52 -34.65 40.41
CA GLU D 157 19.36 -34.00 41.70
C GLU D 157 18.76 -34.99 42.70
N TYR D 158 17.81 -35.80 42.24
CA TYR D 158 17.17 -36.83 43.07
C TYR D 158 18.21 -37.82 43.60
N GLU D 159 19.13 -38.24 42.74
CA GLU D 159 20.19 -39.19 43.12
C GLU D 159 21.20 -38.66 44.13
N LYS D 160 21.48 -37.37 44.10
CA LYS D 160 22.41 -36.78 45.06
C LYS D 160 22.03 -37.09 46.51
N TYR D 161 20.74 -37.00 46.83
CA TYR D 161 20.29 -37.19 48.20
C TYR D 161 19.19 -38.26 48.39
N ASN D 162 18.88 -39.02 47.35
CA ASN D 162 17.83 -40.05 47.39
C ASN D 162 16.53 -39.50 47.93
N LYS D 163 16.11 -38.35 47.41
CA LYS D 163 14.85 -37.72 47.77
C LYS D 163 14.42 -36.77 46.67
N ILE D 164 13.13 -36.45 46.68
CA ILE D 164 12.57 -35.51 45.71
C ILE D 164 13.20 -34.14 45.95
N PRO D 165 13.83 -33.54 44.91
CA PRO D 165 14.43 -32.21 45.07
C PRO D 165 13.43 -31.16 45.56
N GLU D 166 13.87 -30.29 46.48
N GLU D 166 13.85 -30.30 46.48
CA GLU D 166 13.04 -29.25 47.08
CA GLU D 166 12.97 -29.30 47.08
C GLU D 166 12.43 -28.27 46.08
C GLU D 166 12.42 -28.28 46.07
N TYR D 167 13.19 -27.94 45.04
CA TYR D 167 12.74 -26.97 44.03
C TYR D 167 11.49 -27.44 43.27
N LEU D 168 11.28 -28.76 43.18
CA LEU D 168 10.10 -29.31 42.51
C LEU D 168 8.84 -29.15 43.36
N GLU D 169 9.00 -28.98 44.67
CA GLU D 169 7.86 -28.90 45.59
C GLU D 169 7.42 -27.50 46.00
N THR D 170 8.33 -26.53 45.94
CA THR D 170 7.98 -25.16 46.32
C THR D 170 7.10 -24.44 45.28
N GLU D 171 6.32 -23.47 45.76
CA GLU D 171 5.46 -22.63 44.94
C GLU D 171 6.24 -21.38 44.50
N LEU D 172 7.44 -21.19 45.05
CA LEU D 172 8.25 -20.00 44.82
C LEU D 172 9.56 -20.26 44.08
N ASP D 173 10.16 -19.17 43.60
CA ASP D 173 11.46 -19.21 42.92
C ASP D 173 12.52 -18.65 43.87
N GLU D 174 13.77 -18.54 43.41
CA GLU D 174 14.87 -17.99 44.23
C GLU D 174 14.53 -16.62 44.84
N ASN D 175 13.97 -15.75 44.02
CA ASN D 175 13.59 -14.39 44.39
C ASN D 175 12.43 -14.36 45.41
N GLY D 176 11.63 -15.42 45.43
CA GLY D 176 10.50 -15.51 46.34
C GLY D 176 9.15 -15.21 45.69
N LYS D 177 9.13 -14.93 44.38
CA LYS D 177 7.86 -14.69 43.68
C LYS D 177 7.27 -16.02 43.18
N GLN D 178 5.95 -16.09 43.16
CA GLN D 178 5.20 -17.26 42.72
C GLN D 178 5.67 -17.77 41.33
N LEU D 179 5.96 -19.07 41.24
CA LEU D 179 6.37 -19.69 39.96
C LEU D 179 5.19 -19.60 39.04
N SER D 180 5.45 -19.56 37.73
CA SER D 180 4.35 -19.52 36.77
C SER D 180 3.60 -20.85 36.85
N MET D 181 2.34 -20.84 36.48
CA MET D 181 1.55 -22.07 36.46
C MET D 181 2.19 -23.14 35.57
N ASP D 182 2.74 -22.73 34.44
CA ASP D 182 3.39 -23.67 33.54
C ASP D 182 4.59 -24.37 34.20
N LEU D 183 5.40 -23.63 34.92
CA LEU D 183 6.55 -24.22 35.59
C LEU D 183 6.08 -25.14 36.72
N LYS D 184 5.09 -24.71 37.50
CA LYS D 184 4.55 -25.54 38.58
C LYS D 184 3.97 -26.84 38.03
N CYS D 185 3.24 -26.77 36.93
CA CYS D 185 2.62 -27.97 36.37
C CYS D 185 3.64 -28.90 35.70
N MET D 186 4.73 -28.34 35.17
CA MET D 186 5.77 -29.18 34.59
C MET D 186 6.45 -29.91 35.74
N TYR D 187 6.78 -29.16 36.79
CA TYR D 187 7.42 -29.75 37.97
C TYR D 187 6.60 -30.87 38.63
N LYS D 188 5.27 -30.73 38.67
N LYS D 188 5.27 -30.72 38.65
CA LYS D 188 4.42 -31.79 39.22
CA LYS D 188 4.39 -31.75 39.20
C LYS D 188 4.51 -33.06 38.38
C LYS D 188 4.51 -33.04 38.39
N VAL D 189 4.65 -32.91 37.07
CA VAL D 189 4.78 -34.07 36.18
C VAL D 189 6.13 -34.72 36.44
N LEU D 190 7.18 -33.90 36.63
CA LEU D 190 8.51 -34.43 36.90
C LEU D 190 8.57 -35.16 38.26
N LYS D 191 7.89 -34.65 39.28
CA LYS D 191 7.85 -35.30 40.60
C LYS D 191 7.13 -36.66 40.48
N MET D 192 6.01 -36.67 39.78
CA MET D 192 5.26 -37.92 39.53
C MET D 192 6.16 -38.99 38.91
N GLU D 193 6.89 -38.61 37.85
CA GLU D 193 7.78 -39.56 37.16
C GLU D 193 8.99 -39.95 38.01
N LEU D 194 9.47 -39.07 38.89
CA LEU D 194 10.54 -39.49 39.81
C LEU D 194 10.01 -40.57 40.76
N LEU D 195 8.75 -40.43 41.19
CA LEU D 195 8.12 -41.42 42.06
C LEU D 195 7.88 -42.73 41.31
N LYS D 196 7.58 -42.65 40.02
CA LYS D 196 7.34 -43.85 39.20
C LYS D 196 8.63 -44.59 38.85
N ASN D 197 9.60 -43.85 38.33
CA ASN D 197 10.88 -44.41 37.88
C ASN D 197 11.90 -43.29 37.70
N PRO D 198 12.81 -43.13 38.68
CA PRO D 198 13.82 -42.07 38.63
C PRO D 198 14.96 -42.26 37.59
N PHE D 199 14.79 -43.23 36.67
CA PHE D 199 15.74 -43.47 35.57
C PHE D 199 15.08 -43.26 34.20
N ARG D 200 13.80 -42.86 34.21
CA ARG D 200 13.02 -42.62 32.99
C ARG D 200 13.69 -41.75 31.94
N TRP D 201 14.02 -40.53 32.32
CA TRP D 201 14.52 -39.55 31.37
C TRP D 201 15.91 -39.88 30.84
N ARG D 202 16.81 -40.25 31.74
CA ARG D 202 18.17 -40.62 31.32
C ARG D 202 18.11 -41.86 30.42
N GLY D 203 17.15 -42.75 30.69
CA GLY D 203 16.97 -43.95 29.86
C GLY D 203 16.57 -43.61 28.43
N MET D 204 15.84 -42.50 28.24
CA MET D 204 15.43 -42.05 26.90
C MET D 204 16.60 -41.58 26.02
N LEU D 205 17.64 -41.03 26.64
CA LEU D 205 18.80 -40.49 25.93
C LEU D 205 19.49 -41.48 25.01
N LYS D 206 19.55 -42.74 25.45
CA LYS D 206 20.19 -43.81 24.69
C LYS D 206 19.74 -43.88 23.22
N ASP D 207 18.43 -43.82 22.97
CA ASP D 207 17.86 -43.92 21.62
C ASP D 207 17.37 -42.58 21.03
N LEU D 208 17.72 -41.47 21.67
CA LEU D 208 17.31 -40.16 21.20
C LEU D 208 18.37 -39.60 20.23
N TYR D 209 17.95 -39.34 18.99
CA TYR D 209 18.86 -38.90 17.93
C TYR D 209 18.76 -37.44 17.52
N GLY D 210 17.73 -36.72 17.96
CA GLY D 210 17.64 -35.31 17.61
C GLY D 210 16.30 -34.65 17.74
N VAL D 211 16.33 -33.33 17.65
CA VAL D 211 15.14 -32.49 17.69
C VAL D 211 15.25 -31.46 16.58
N SER D 212 14.13 -31.21 15.88
CA SER D 212 14.05 -30.16 14.86
C SER D 212 13.09 -29.11 15.44
N GLU D 213 13.60 -27.88 15.62
CA GLU D 213 12.87 -26.80 16.28
C GLU D 213 12.33 -25.75 15.31
N GLU D 214 11.03 -25.50 15.46
CA GLU D 214 10.25 -24.65 14.59
C GLU D 214 10.31 -23.14 14.76
N THR D 215 10.37 -22.65 16.00
CA THR D 215 10.21 -21.20 16.23
C THR D 215 11.35 -20.49 16.96
N THR D 216 11.33 -19.17 16.81
CA THR D 216 12.34 -18.25 17.33
C THR D 216 12.63 -18.46 18.82
N THR D 217 11.58 -18.53 19.63
CA THR D 217 11.72 -18.74 21.08
C THR D 217 12.39 -20.09 21.40
N GLY D 218 12.01 -21.13 20.68
CA GLY D 218 12.58 -22.46 20.85
C GLY D 218 14.06 -22.46 20.48
N VAL D 219 14.40 -21.74 19.41
CA VAL D 219 15.78 -21.66 18.97
C VAL D 219 16.62 -20.90 20.02
N LEU D 220 16.04 -19.86 20.61
CA LEU D 220 16.78 -19.13 21.67
C LEU D 220 17.10 -20.09 22.81
N ARG D 221 16.12 -20.90 23.22
CA ARG D 221 16.33 -21.91 24.25
C ARG D 221 17.44 -22.91 23.86
N LEU D 222 17.46 -23.36 22.61
CA LEU D 222 18.51 -24.26 22.12
C LEU D 222 19.89 -23.61 22.18
N LYS D 223 19.97 -22.37 21.72
CA LYS D 223 21.27 -21.64 21.73
C LYS D 223 21.83 -21.43 23.13
N ILE D 224 20.95 -21.22 24.11
CA ILE D 224 21.37 -21.07 25.51
C ILE D 224 21.91 -22.40 26.00
N MET D 225 21.19 -23.50 25.74
CA MET D 225 21.66 -24.82 26.13
C MET D 225 23.01 -25.16 25.48
N GLU D 226 23.12 -24.84 24.20
CA GLU D 226 24.35 -25.10 23.44
C GLU D 226 25.56 -24.34 24.02
N SER D 227 25.40 -23.04 24.28
CA SER D 227 26.53 -22.23 24.78
C SER D 227 26.95 -22.63 26.21
N GLU D 228 26.04 -23.23 26.98
CA GLU D 228 26.35 -23.69 28.34
C GLU D 228 26.90 -25.12 28.32
N GLY D 229 26.97 -25.74 27.15
CA GLY D 229 27.43 -27.12 27.02
C GLY D 229 26.46 -28.13 27.62
N LYS D 230 25.16 -27.80 27.65
CA LYS D 230 24.15 -28.67 28.26
C LYS D 230 23.14 -29.33 27.31
N LEU D 231 23.29 -29.11 26.01
CA LEU D 231 22.38 -29.70 25.03
C LEU D 231 22.67 -31.20 25.01
N LEU D 232 21.62 -32.00 25.16
CA LEU D 232 21.76 -33.45 25.27
C LEU D 232 21.47 -34.23 24.00
N LEU D 233 21.23 -33.54 22.88
CA LEU D 233 20.97 -34.23 21.63
C LEU D 233 21.21 -33.29 20.46
N PRO D 234 21.47 -33.86 19.26
CA PRO D 234 21.66 -32.98 18.10
C PRO D 234 20.39 -32.20 17.79
N ALA D 235 20.52 -30.99 17.26
CA ALA D 235 19.35 -30.18 16.95
C ALA D 235 19.46 -29.51 15.59
N ILE D 236 18.32 -29.40 14.92
CA ILE D 236 18.23 -28.66 13.66
C ILE D 236 17.29 -27.49 13.89
N ASN D 237 17.80 -26.30 13.59
CA ASN D 237 17.07 -25.07 13.70
C ASN D 237 16.31 -24.86 12.38
N VAL D 238 15.02 -25.17 12.38
CA VAL D 238 14.15 -25.02 11.21
C VAL D 238 13.68 -23.56 11.06
N ASN D 239 13.51 -22.84 12.19
CA ASN D 239 13.06 -21.45 12.14
C ASN D 239 13.89 -20.64 11.18
N ASP D 240 15.19 -20.88 11.17
CA ASP D 240 16.10 -20.09 10.35
C ASP D 240 16.35 -20.53 8.89
N SER D 241 15.60 -21.52 8.42
CA SER D 241 15.61 -21.77 6.98
C SER D 241 15.01 -20.49 6.41
N VAL D 242 15.49 -20.06 5.25
CA VAL D 242 14.97 -18.86 4.61
C VAL D 242 13.48 -19.08 4.26
N THR D 243 13.15 -20.29 3.78
CA THR D 243 11.79 -20.62 3.38
C THR D 243 10.84 -20.79 4.58
N LYS D 244 11.39 -20.64 5.80
CA LYS D 244 10.56 -20.67 6.99
C LYS D 244 10.48 -19.23 7.53
N SER D 245 11.57 -18.68 8.02
CA SER D 245 11.54 -17.34 8.64
C SER D 245 10.95 -16.21 7.78
N LYS D 246 11.33 -16.13 6.51
CA LYS D 246 10.84 -15.05 5.64
C LYS D 246 9.42 -15.23 5.17
N PHE D 247 8.82 -16.40 5.41
CA PHE D 247 7.48 -16.67 4.93
C PHE D 247 6.49 -16.87 6.06
N ASP D 248 6.70 -17.93 6.84
CA ASP D 248 5.86 -18.22 8.01
C ASP D 248 5.80 -17.04 8.98
N ASN D 249 6.97 -16.65 9.50
CA ASN D 249 7.01 -15.58 10.53
C ASN D 249 6.39 -14.27 10.08
N THR D 250 6.66 -13.87 8.84
CA THR D 250 6.19 -12.62 8.31
C THR D 250 4.85 -12.71 7.57
N TYR D 251 4.82 -13.41 6.45
CA TYR D 251 3.62 -13.49 5.66
C TYR D 251 2.50 -14.33 6.30
N GLY D 252 2.89 -15.31 7.11
CA GLY D 252 1.91 -16.12 7.83
C GLY D 252 1.13 -15.20 8.77
N CYS D 253 1.86 -14.43 9.58
CA CYS D 253 1.23 -13.48 10.53
C CYS D 253 0.45 -12.37 9.83
N ARG D 254 0.91 -11.91 8.67
CA ARG D 254 0.16 -10.87 7.95
C ARG D 254 -1.30 -11.27 7.79
N GLN D 255 -1.55 -12.55 7.51
CA GLN D 255 -2.92 -13.04 7.39
C GLN D 255 -3.52 -13.49 8.74
N SER D 256 -2.77 -14.32 9.48
CA SER D 256 -3.30 -14.94 10.69
C SER D 256 -3.48 -13.99 11.89
N LEU D 257 -2.69 -12.93 11.98
CA LEU D 257 -2.96 -11.92 13.03
C LEU D 257 -4.32 -11.27 12.77
N LEU D 258 -4.55 -10.89 11.51
CA LEU D 258 -5.83 -10.26 11.14
C LEU D 258 -6.99 -11.18 11.46
N HIS D 259 -6.85 -12.46 11.09
CA HIS D 259 -7.89 -13.42 11.33
C HIS D 259 -8.17 -13.53 12.82
N GLY D 260 -7.11 -13.56 13.63
CA GLY D 260 -7.25 -13.61 15.07
C GLY D 260 -7.94 -12.39 15.64
N LEU D 261 -7.53 -11.22 15.18
CA LEU D 261 -8.12 -9.98 15.65
C LEU D 261 -9.59 -9.85 15.19
N PHE D 262 -9.88 -10.18 13.95
CA PHE D 262 -11.25 -10.08 13.46
C PHE D 262 -12.17 -10.99 14.29
N ASN D 263 -11.68 -12.18 14.64
CA ASN D 263 -12.46 -13.11 15.47
C ASN D 263 -12.62 -12.63 16.91
N GLY D 264 -11.54 -12.15 17.51
CA GLY D 264 -11.56 -11.75 18.92
C GLY D 264 -11.95 -10.31 19.26
N CYS D 265 -11.64 -9.39 18.36
CA CYS D 265 -11.90 -7.99 18.59
C CYS D 265 -13.01 -7.53 17.67
N ILE D 266 -14.13 -7.12 18.23
CA ILE D 266 -15.30 -6.71 17.44
C ILE D 266 -15.12 -5.41 16.64
N GLN D 267 -14.17 -4.57 17.06
CA GLN D 267 -14.00 -3.27 16.47
C GLN D 267 -13.31 -3.21 15.12
N MET D 268 -13.57 -2.10 14.43
CA MET D 268 -12.94 -1.80 13.16
C MET D 268 -11.48 -1.43 13.39
N LEU D 269 -10.58 -1.97 12.58
CA LEU D 269 -9.16 -1.66 12.73
C LEU D 269 -8.80 -0.35 12.03
N ALA D 270 -9.52 -0.02 10.96
CA ALA D 270 -9.24 1.22 10.21
C ALA D 270 -9.26 2.46 11.09
N GLY D 271 -8.25 3.31 10.92
CA GLY D 271 -8.17 4.55 11.70
C GLY D 271 -7.62 4.41 13.12
N LYS D 272 -7.63 3.19 13.67
CA LYS D 272 -7.14 2.99 15.01
C LYS D 272 -5.62 3.10 15.12
N LYS D 273 -5.17 3.60 16.28
CA LYS D 273 -3.74 3.62 16.59
C LYS D 273 -3.44 2.26 17.23
N ILE D 274 -2.69 1.43 16.51
CA ILE D 274 -2.34 0.10 16.96
C ILE D 274 -0.85 0.01 17.16
N VAL D 275 -0.47 -0.34 18.38
CA VAL D 275 0.93 -0.45 18.74
C VAL D 275 1.39 -1.88 18.49
N VAL D 276 2.45 -2.01 17.69
CA VAL D 276 3.09 -3.30 17.44
C VAL D 276 4.40 -3.22 18.19
N LEU D 277 4.52 -4.01 19.27
CA LEU D 277 5.73 -4.01 20.09
C LEU D 277 6.67 -5.07 19.57
N GLY D 278 7.77 -4.64 18.98
CA GLY D 278 8.74 -5.53 18.35
C GLY D 278 8.51 -5.54 16.84
N TYR D 279 9.57 -5.25 16.09
CA TYR D 279 9.50 -5.16 14.64
C TYR D 279 10.58 -6.05 13.98
N GLY D 280 10.55 -7.30 14.40
CA GLY D 280 11.37 -8.34 13.85
C GLY D 280 10.56 -9.02 12.76
N GLU D 281 10.80 -10.29 12.53
CA GLU D 281 10.13 -10.97 11.42
C GLU D 281 8.62 -11.03 11.61
N VAL D 282 8.17 -11.30 12.83
CA VAL D 282 6.71 -11.34 13.11
C VAL D 282 6.10 -9.94 13.05
N GLY D 283 6.72 -9.00 13.76
CA GLY D 283 6.26 -7.63 13.81
C GLY D 283 6.11 -6.99 12.45
N LYS D 284 7.05 -7.27 11.55
CA LYS D 284 7.01 -6.72 10.19
C LYS D 284 5.74 -7.17 9.47
N GLY D 285 5.40 -8.45 9.58
CA GLY D 285 4.21 -9.01 8.96
C GLY D 285 2.94 -8.51 9.61
N CYS D 286 2.96 -8.36 10.93
CA CYS D 286 1.80 -7.83 11.64
C CYS D 286 1.50 -6.43 11.15
N ALA D 287 2.54 -5.59 11.11
CA ALA D 287 2.37 -4.18 10.67
C ALA D 287 1.82 -4.10 9.25
N GLN D 288 2.34 -4.95 8.36
CA GLN D 288 1.85 -4.99 6.99
C GLN D 288 0.36 -5.27 6.90
N GLY D 289 -0.08 -6.32 7.59
CA GLY D 289 -1.50 -6.68 7.61
C GLY D 289 -2.39 -5.56 8.19
N LEU D 290 -1.98 -5.02 9.33
CA LEU D 290 -2.74 -3.96 9.99
C LEU D 290 -2.88 -2.72 9.08
N SER D 291 -1.78 -2.27 8.48
N SER D 291 -1.79 -2.26 8.50
CA SER D 291 -1.82 -1.10 7.59
CA SER D 291 -1.83 -1.09 7.62
C SER D 291 -2.69 -1.38 6.38
C SER D 291 -2.66 -1.37 6.36
N GLY D 292 -2.67 -2.63 5.92
CA GLY D 292 -3.45 -3.06 4.77
C GLY D 292 -4.96 -2.93 4.96
N VAL D 293 -5.42 -2.89 6.22
CA VAL D 293 -6.85 -2.68 6.50
C VAL D 293 -7.09 -1.33 7.19
N GLY D 294 -6.17 -0.38 6.92
CA GLY D 294 -6.34 1.00 7.37
C GLY D 294 -5.90 1.47 8.73
N ALA D 295 -5.25 0.59 9.50
CA ALA D 295 -4.79 0.99 10.82
C ALA D 295 -3.58 1.91 10.73
N ARG D 296 -3.37 2.70 11.77
CA ARG D 296 -2.19 3.55 11.87
C ARG D 296 -1.30 2.86 12.87
N VAL D 297 -0.27 2.20 12.34
CA VAL D 297 0.64 1.41 13.16
C VAL D 297 1.77 2.22 13.78
N ILE D 298 1.95 2.04 15.09
CA ILE D 298 3.01 2.66 15.86
C ILE D 298 3.86 1.52 16.36
N VAL D 299 5.17 1.61 16.13
CA VAL D 299 6.10 0.56 16.51
C VAL D 299 6.94 0.90 17.73
N THR D 300 7.21 -0.11 18.57
CA THR D 300 8.18 0.02 19.67
C THR D 300 9.34 -0.96 19.31
N GLU D 301 10.57 -0.55 19.61
CA GLU D 301 11.75 -1.36 19.34
C GLU D 301 12.91 -1.02 20.24
N ILE D 302 13.71 -2.04 20.55
CA ILE D 302 14.96 -1.89 21.28
C ILE D 302 16.15 -1.88 20.32
N ASP D 303 15.95 -2.40 19.11
CA ASP D 303 17.01 -2.52 18.11
C ASP D 303 16.96 -1.32 17.15
N PRO D 304 18.03 -0.49 17.13
CA PRO D 304 18.02 0.70 16.27
C PRO D 304 17.90 0.42 14.78
N ILE D 305 18.40 -0.73 14.32
CA ILE D 305 18.28 -1.12 12.91
C ILE D 305 16.81 -1.40 12.59
N CYS D 306 16.18 -2.24 13.40
CA CYS D 306 14.75 -2.55 13.20
C CYS D 306 13.88 -1.29 13.31
N ALA D 307 14.23 -0.38 14.22
CA ALA D 307 13.52 0.88 14.38
C ALA D 307 13.56 1.72 13.09
N LEU D 308 14.75 1.81 12.48
CA LEU D 308 14.91 2.53 11.21
C LEU D 308 14.15 1.85 10.08
N GLN D 309 14.13 0.52 10.06
CA GLN D 309 13.36 -0.19 9.05
C GLN D 309 11.88 0.19 9.15
N ALA D 310 11.34 0.24 10.38
CA ALA D 310 9.92 0.61 10.56
C ALA D 310 9.64 2.03 10.04
N SER D 311 10.58 2.95 10.35
N SER D 311 10.58 2.95 10.35
CA SER D 311 10.46 4.33 9.90
CA SER D 311 10.46 4.33 9.88
C SER D 311 10.44 4.42 8.38
C SER D 311 10.43 4.41 8.36
N MET D 312 11.25 3.60 7.70
CA MET D 312 11.29 3.54 6.22
C MET D 312 9.98 3.06 5.59
N GLU D 313 9.17 2.35 6.38
CA GLU D 313 7.86 1.88 5.93
C GLU D 313 6.76 2.87 6.39
N GLY D 314 7.17 4.04 6.88
CA GLY D 314 6.23 5.08 7.26
C GLY D 314 5.61 5.00 8.64
N TYR D 315 6.16 4.17 9.53
CA TYR D 315 5.61 4.03 10.87
C TYR D 315 6.33 4.87 11.90
N GLN D 316 5.54 5.47 12.79
CA GLN D 316 6.05 6.21 13.95
C GLN D 316 6.68 5.15 14.87
N VAL D 317 7.84 5.48 15.47
CA VAL D 317 8.49 4.60 16.42
C VAL D 317 8.56 5.36 17.75
N SER D 318 7.90 4.82 18.78
CA SER D 318 7.81 5.45 20.08
C SER D 318 8.08 4.46 21.19
N VAL D 319 8.29 4.97 22.40
CA VAL D 319 8.41 4.13 23.59
C VAL D 319 6.96 3.95 24.08
N LEU D 320 6.62 2.78 24.63
CA LEU D 320 5.24 2.49 25.08
C LEU D 320 4.63 3.56 26.00
N GLU D 321 5.42 4.03 26.96
CA GLU D 321 4.95 5.04 27.91
C GLU D 321 4.38 6.30 27.26
N ASP D 322 4.91 6.69 26.10
CA ASP D 322 4.45 7.89 25.41
C ASP D 322 3.15 7.71 24.61
N VAL D 323 2.73 6.47 24.36
CA VAL D 323 1.51 6.23 23.60
C VAL D 323 0.47 5.34 24.33
N VAL D 324 0.81 4.85 25.50
CA VAL D 324 -0.06 3.93 26.24
C VAL D 324 -1.45 4.48 26.57
N SER D 325 -1.53 5.79 26.81
CA SER D 325 -2.82 6.41 27.12
C SER D 325 -3.67 6.75 25.91
N GLU D 326 -3.07 6.80 24.72
N GLU D 326 -3.08 6.83 24.72
CA GLU D 326 -3.78 7.21 23.50
CA GLU D 326 -3.81 7.23 23.52
C GLU D 326 -4.08 6.12 22.49
C GLU D 326 -4.09 6.12 22.49
N ALA D 327 -3.27 5.07 22.46
CA ALA D 327 -3.47 3.99 21.49
C ALA D 327 -4.70 3.13 21.79
N ASP D 328 -5.22 2.47 20.76
CA ASP D 328 -6.45 1.71 20.85
C ASP D 328 -6.28 0.21 21.05
N ILE D 329 -5.22 -0.32 20.46
CA ILE D 329 -4.94 -1.76 20.46
C ILE D 329 -3.42 -1.95 20.58
N PHE D 330 -3.00 -2.95 21.36
CA PHE D 330 -1.61 -3.25 21.62
C PHE D 330 -1.33 -4.72 21.26
N ILE D 331 -0.34 -4.95 20.41
N ILE D 331 -0.32 -4.94 20.43
CA ILE D 331 0.05 -6.31 19.96
CA ILE D 331 0.07 -6.28 19.97
C ILE D 331 1.54 -6.55 20.28
C ILE D 331 1.54 -6.56 20.27
N THR D 332 1.82 -7.51 21.15
CA THR D 332 3.21 -7.84 21.51
C THR D 332 3.75 -8.89 20.55
N ALA D 333 4.91 -8.60 19.95
CA ALA D 333 5.56 -9.50 19.01
C ALA D 333 7.07 -9.54 19.27
N THR D 334 7.46 -9.62 20.54
CA THR D 334 8.88 -9.54 20.90
C THR D 334 9.64 -10.83 21.20
N GLY D 335 8.96 -11.84 21.74
CA GLY D 335 9.66 -13.01 22.24
C GLY D 335 10.34 -12.72 23.58
N ASN D 336 10.05 -11.55 24.16
CA ASN D 336 10.64 -11.12 25.43
C ASN D 336 9.58 -11.27 26.53
N LYS D 337 9.84 -10.71 27.71
CA LYS D 337 8.87 -10.76 28.79
C LYS D 337 8.64 -9.40 29.42
N ASP D 338 7.46 -9.24 30.02
CA ASP D 338 7.08 -8.03 30.73
C ASP D 338 7.13 -6.78 29.86
N VAL D 339 6.61 -6.90 28.64
N VAL D 339 6.66 -6.86 28.61
CA VAL D 339 6.58 -5.80 27.68
CA VAL D 339 6.64 -5.67 27.75
C VAL D 339 5.37 -4.91 27.96
C VAL D 339 5.37 -4.85 28.03
N ILE D 340 4.28 -5.51 28.44
CA ILE D 340 3.06 -4.77 28.84
C ILE D 340 2.78 -5.18 30.29
N THR D 341 2.95 -4.22 31.20
CA THR D 341 2.79 -4.49 32.63
C THR D 341 1.40 -4.07 33.11
N VAL D 342 1.04 -4.50 34.32
CA VAL D 342 -0.23 -4.07 34.93
C VAL D 342 -0.29 -2.55 34.98
N GLU D 343 0.82 -1.93 35.35
CA GLU D 343 0.90 -0.47 35.41
C GLU D 343 0.61 0.19 34.05
N HIS D 344 1.06 -0.43 32.96
CA HIS D 344 0.72 0.11 31.63
C HIS D 344 -0.78 0.00 31.40
N MET D 345 -1.34 -1.18 31.69
CA MET D 345 -2.77 -1.44 31.48
C MET D 345 -3.68 -0.47 32.24
N ARG D 346 -3.26 -0.06 33.44
CA ARG D 346 -4.06 0.91 34.22
C ARG D 346 -4.17 2.28 33.55
N LYS D 347 -3.21 2.61 32.66
CA LYS D 347 -3.22 3.90 31.98
C LYS D 347 -3.96 3.87 30.62
N MET D 348 -4.32 2.69 30.13
CA MET D 348 -4.99 2.58 28.83
C MET D 348 -6.41 3.15 28.81
N LYS D 349 -6.84 3.59 27.64
CA LYS D 349 -8.18 4.16 27.47
C LYS D 349 -9.23 3.05 27.64
N GLU D 350 -10.48 3.47 27.87
CA GLU D 350 -11.61 2.54 28.05
C GLU D 350 -11.77 1.60 26.85
N ASN D 351 -11.86 0.30 27.13
CA ASN D 351 -12.03 -0.74 26.11
C ASN D 351 -10.87 -0.91 25.10
N ALA D 352 -9.66 -0.53 25.54
CA ALA D 352 -8.46 -0.80 24.76
C ALA D 352 -8.33 -2.31 24.69
N TYR D 353 -7.86 -2.80 23.56
CA TYR D 353 -7.61 -4.24 23.36
C TYR D 353 -6.14 -4.57 23.48
N ILE D 354 -5.85 -5.74 24.04
CA ILE D 354 -4.49 -6.21 24.22
C ILE D 354 -4.39 -7.64 23.72
N ALA D 355 -3.35 -7.91 22.94
CA ALA D 355 -3.12 -9.25 22.42
C ALA D 355 -1.64 -9.50 22.22
N ASN D 356 -1.28 -10.78 22.22
CA ASN D 356 0.08 -11.22 22.02
C ASN D 356 0.15 -12.19 20.85
N ILE D 357 1.22 -12.06 20.05
CA ILE D 357 1.44 -12.98 18.93
C ILE D 357 2.79 -13.72 19.07
N GLY D 358 3.56 -13.40 20.11
CA GLY D 358 4.81 -14.11 20.42
C GLY D 358 4.47 -15.50 20.95
N HIS D 359 5.47 -16.37 21.03
CA HIS D 359 5.22 -17.75 21.42
C HIS D 359 4.61 -17.98 22.81
N PHE D 360 5.09 -17.26 23.81
CA PHE D 360 4.61 -17.40 25.18
C PHE D 360 3.84 -16.19 25.65
N ASP D 361 2.96 -16.45 26.62
CA ASP D 361 2.12 -15.42 27.25
C ASP D 361 2.87 -14.41 28.12
N ASP D 362 4.13 -14.67 28.42
CA ASP D 362 4.98 -13.82 29.27
C ASP D 362 5.14 -12.36 28.86
N GLU D 363 4.86 -12.04 27.60
CA GLU D 363 5.03 -10.67 27.09
C GLU D 363 4.11 -9.68 27.83
N ILE D 364 2.95 -10.18 28.25
CA ILE D 364 1.95 -9.41 28.97
C ILE D 364 1.85 -9.97 30.38
N ASP D 365 1.75 -9.09 31.39
CA ASP D 365 1.63 -9.58 32.76
C ASP D 365 0.18 -9.97 33.05
N VAL D 366 -0.22 -11.11 32.47
CA VAL D 366 -1.58 -11.60 32.66
C VAL D 366 -1.81 -12.01 34.11
N TYR D 367 -0.81 -12.61 34.75
CA TYR D 367 -0.95 -13.02 36.14
C TYR D 367 -1.23 -11.82 37.06
N GLY D 368 -0.50 -10.74 36.85
CA GLY D 368 -0.70 -9.52 37.64
C GLY D 368 -2.06 -8.89 37.42
N LEU D 369 -2.58 -9.01 36.19
CA LEU D 369 -3.90 -8.47 35.86
C LEU D 369 -4.98 -9.30 36.54
N GLU D 370 -4.92 -10.61 36.36
CA GLU D 370 -5.91 -11.52 36.95
C GLU D 370 -5.94 -11.47 38.48
N ASN D 371 -4.78 -11.20 39.08
CA ASN D 371 -4.66 -11.16 40.53
C ASN D 371 -4.62 -9.73 41.10
N TYR D 372 -4.92 -8.72 40.27
CA TYR D 372 -4.95 -7.35 40.76
C TYR D 372 -6.06 -7.25 41.82
N PRO D 373 -5.76 -6.65 43.01
CA PRO D 373 -6.77 -6.57 44.08
C PRO D 373 -8.04 -5.82 43.67
N GLY D 374 -9.18 -6.48 43.77
CA GLY D 374 -10.45 -5.90 43.41
C GLY D 374 -10.77 -5.91 41.92
N ILE D 375 -9.92 -6.51 41.10
CA ILE D 375 -10.18 -6.55 39.66
C ILE D 375 -11.46 -7.35 39.43
N LYS D 376 -12.20 -6.99 38.38
N LYS D 376 -12.23 -6.98 38.41
CA LYS D 376 -13.46 -7.64 38.02
CA LYS D 376 -13.42 -7.72 38.05
C LYS D 376 -13.26 -8.18 36.61
C LYS D 376 -13.17 -8.24 36.65
N VAL D 377 -13.68 -9.42 36.35
CA VAL D 377 -13.49 -10.02 35.02
C VAL D 377 -14.76 -10.67 34.51
N ILE D 378 -15.03 -10.50 33.21
CA ILE D 378 -16.16 -11.15 32.55
C ILE D 378 -15.69 -11.72 31.22
N GLU D 379 -16.27 -12.87 30.87
CA GLU D 379 -15.97 -13.50 29.61
C GLU D 379 -16.87 -12.84 28.58
N VAL D 380 -16.25 -12.17 27.61
CA VAL D 380 -16.96 -11.48 26.55
C VAL D 380 -17.44 -12.48 25.50
N LYS D 381 -16.58 -13.44 25.21
CA LYS D 381 -16.90 -14.51 24.27
C LYS D 381 -15.84 -15.57 24.52
N GLN D 382 -15.87 -16.63 23.72
CA GLN D 382 -14.90 -17.70 23.89
C GLN D 382 -13.49 -17.11 23.77
N ASN D 383 -12.71 -17.24 24.84
CA ASN D 383 -11.32 -16.79 24.89
C ASN D 383 -11.09 -15.27 24.72
N VAL D 384 -12.01 -14.48 25.25
CA VAL D 384 -11.91 -13.03 25.24
C VAL D 384 -12.44 -12.58 26.58
N HIS D 385 -11.63 -11.84 27.32
CA HIS D 385 -12.01 -11.40 28.65
C HIS D 385 -11.83 -9.91 28.88
N LYS D 386 -12.81 -9.31 29.56
CA LYS D 386 -12.77 -7.88 29.91
C LYS D 386 -12.47 -7.73 31.39
N PHE D 387 -11.40 -6.98 31.69
CA PHE D 387 -10.97 -6.72 33.05
C PHE D 387 -11.24 -5.27 33.41
N THR D 388 -11.84 -5.05 34.58
CA THR D 388 -12.17 -3.70 35.03
C THR D 388 -11.46 -3.40 36.33
N PHE D 389 -10.72 -2.29 36.34
CA PHE D 389 -10.00 -1.85 37.55
C PHE D 389 -10.97 -1.16 38.51
N PRO D 390 -10.84 -1.45 39.83
CA PRO D 390 -11.79 -0.91 40.80
C PRO D 390 -11.66 0.57 41.12
N ASP D 391 -10.45 1.12 41.04
CA ASP D 391 -10.24 2.53 41.37
C ASP D 391 -10.74 3.50 40.28
N THR D 392 -10.49 3.19 39.01
CA THR D 392 -10.90 4.06 37.89
C THR D 392 -12.19 3.60 37.17
N GLN D 393 -12.61 2.35 37.41
CA GLN D 393 -13.75 1.75 36.71
C GLN D 393 -13.51 1.63 35.20
N LYS D 394 -12.24 1.72 34.77
CA LYS D 394 -11.88 1.59 33.37
C LYS D 394 -11.60 0.13 33.06
N SER D 395 -11.85 -0.27 31.81
CA SER D 395 -11.64 -1.65 31.39
C SER D 395 -10.69 -1.82 30.22
N VAL D 396 -10.05 -3.00 30.18
CA VAL D 396 -9.20 -3.42 29.08
C VAL D 396 -9.70 -4.80 28.67
N ILE D 397 -9.59 -5.12 27.39
CA ILE D 397 -10.06 -6.38 26.87
C ILE D 397 -8.85 -7.18 26.37
N LEU D 398 -8.67 -8.37 26.92
CA LEU D 398 -7.53 -9.21 26.62
C LEU D 398 -7.94 -10.38 25.76
N LEU D 399 -7.20 -10.60 24.68
CA LEU D 399 -7.49 -11.72 23.78
C LEU D 399 -6.72 -12.97 24.26
N CYS D 400 -7.49 -14.06 24.36
CA CYS D 400 -7.08 -15.42 24.78
C CYS D 400 -5.98 -15.51 25.85
N LYS D 401 -6.23 -14.79 26.95
CA LYS D 401 -5.33 -14.74 28.10
C LYS D 401 -3.87 -14.50 27.75
N GLY D 402 -3.63 -13.70 26.70
CA GLY D 402 -2.30 -13.38 26.30
C GLY D 402 -1.55 -14.45 25.54
N ARG D 403 -2.23 -15.55 25.20
CA ARG D 403 -1.60 -16.64 24.42
C ARG D 403 -1.61 -16.22 22.95
N LEU D 404 -0.69 -16.78 22.15
CA LEU D 404 -0.58 -16.38 20.73
C LEU D 404 -1.96 -16.29 20.03
N VAL D 405 -2.32 -15.06 19.66
CA VAL D 405 -3.68 -14.75 19.20
C VAL D 405 -4.11 -15.35 17.86
N ASN D 406 -3.17 -15.51 16.94
CA ASN D 406 -3.51 -16.09 15.65
C ASN D 406 -3.98 -17.54 15.78
N LEU D 407 -3.39 -18.27 16.73
CA LEU D 407 -3.78 -19.67 17.00
C LEU D 407 -4.86 -19.79 18.09
N GLY D 408 -4.90 -18.82 19.01
CA GLY D 408 -5.87 -18.84 20.12
C GLY D 408 -7.26 -18.41 19.73
N CYS D 409 -7.35 -17.31 18.97
CA CYS D 409 -8.62 -16.78 18.51
C CYS D 409 -8.96 -17.15 17.08
N ALA D 410 -8.01 -17.70 16.33
CA ALA D 410 -8.28 -18.16 14.96
C ALA D 410 -7.60 -19.51 14.74
N THR D 411 -7.14 -19.79 13.53
CA THR D 411 -6.59 -21.12 13.25
C THR D 411 -5.13 -21.13 12.80
N GLY D 412 -4.38 -20.10 13.11
CA GLY D 412 -2.98 -20.04 12.73
C GLY D 412 -2.79 -19.73 11.26
N HIS D 413 -1.56 -19.92 10.79
CA HIS D 413 -1.21 -19.62 9.40
C HIS D 413 -1.93 -20.53 8.42
N PRO D 414 -2.06 -20.08 7.15
CA PRO D 414 -2.72 -20.90 6.12
C PRO D 414 -1.81 -22.01 5.55
N PRO D 415 -2.41 -22.99 4.85
CA PRO D 415 -1.64 -24.13 4.35
C PRO D 415 -0.38 -23.85 3.53
N LEU D 416 -0.41 -22.88 2.61
CA LEU D 416 0.77 -22.63 1.75
C LEU D 416 2.06 -22.39 2.55
N VAL D 417 2.06 -21.41 3.47
CA VAL D 417 3.28 -21.15 4.24
C VAL D 417 3.58 -22.26 5.23
N MET D 418 2.55 -22.95 5.74
CA MET D 418 2.82 -24.03 6.69
C MET D 418 3.47 -25.20 5.96
N SER D 419 3.16 -25.35 4.66
CA SER D 419 3.77 -26.40 3.87
C SER D 419 5.25 -26.08 3.67
N MET D 420 5.59 -24.81 3.51
CA MET D 420 7.00 -24.43 3.40
C MET D 420 7.74 -24.76 4.71
N SER D 421 7.17 -24.35 5.84
CA SER D 421 7.75 -24.63 7.15
C SER D 421 7.85 -26.13 7.42
N PHE D 422 6.76 -26.85 7.17
CA PHE D 422 6.73 -28.28 7.42
C PHE D 422 7.57 -29.14 6.44
N THR D 423 7.78 -28.67 5.22
CA THR D 423 8.66 -29.39 4.27
C THR D 423 10.09 -29.33 4.87
N ASN D 424 10.45 -28.18 5.45
CA ASN D 424 11.73 -28.08 6.18
C ASN D 424 11.73 -29.05 7.36
N GLN D 425 10.62 -29.14 8.10
CA GLN D 425 10.56 -30.09 9.23
C GLN D 425 10.86 -31.54 8.83
N VAL D 426 10.21 -32.00 7.76
CA VAL D 426 10.41 -33.37 7.29
C VAL D 426 11.85 -33.61 6.85
N LEU D 427 12.41 -32.67 6.10
CA LEU D 427 13.79 -32.78 5.65
C LEU D 427 14.76 -32.84 6.84
N ALA D 428 14.48 -32.06 7.89
CA ALA D 428 15.30 -32.05 9.09
C ALA D 428 15.21 -33.40 9.83
N GLN D 429 14.00 -33.95 9.92
CA GLN D 429 13.77 -35.25 10.55
C GLN D 429 14.52 -36.36 9.80
N MET D 430 14.48 -36.31 8.47
CA MET D 430 15.20 -37.26 7.64
C MET D 430 16.71 -37.10 7.85
N ASP D 431 17.17 -35.87 7.96
CA ASP D 431 18.60 -35.60 8.19
C ASP D 431 19.06 -36.20 9.52
N LEU D 432 18.33 -35.93 10.59
CA LEU D 432 18.68 -36.45 11.93
C LEU D 432 18.63 -37.97 11.98
N TRP D 433 17.60 -38.55 11.36
CA TRP D 433 17.46 -40.00 11.35
C TRP D 433 18.60 -40.70 10.60
N LYS D 434 18.91 -40.20 9.41
CA LYS D 434 19.98 -40.81 8.59
C LYS D 434 21.39 -40.74 9.18
N SER D 435 21.63 -39.76 10.04
N SER D 435 21.65 -39.74 10.02
CA SER D 435 22.93 -39.56 10.68
CA SER D 435 22.95 -39.59 10.66
C SER D 435 22.96 -40.13 12.10
C SER D 435 22.94 -40.08 12.10
N ARG D 436 21.94 -40.91 12.47
CA ARG D 436 21.83 -41.41 13.83
C ARG D 436 23.03 -42.22 14.34
N GLU D 437 23.72 -42.93 13.44
CA GLU D 437 24.94 -43.68 13.82
C GLU D 437 26.09 -42.80 14.33
N LEU D 438 26.10 -41.52 13.98
CA LEU D 438 27.14 -40.59 14.45
C LEU D 438 26.97 -40.20 15.94
N VAL D 439 25.79 -40.44 16.51
CA VAL D 439 25.56 -40.13 17.92
C VAL D 439 26.17 -41.26 18.74
N ASP D 440 27.27 -40.95 19.45
CA ASP D 440 27.96 -41.94 20.28
C ASP D 440 27.91 -41.47 21.72
N ARG D 441 26.93 -42.00 22.44
CA ARG D 441 26.70 -41.67 23.86
C ARG D 441 27.85 -42.08 24.79
N SER D 442 28.61 -43.13 24.43
CA SER D 442 29.72 -43.59 25.28
C SER D 442 30.86 -42.57 25.43
N LYS D 443 30.94 -41.60 24.51
CA LYS D 443 31.97 -40.55 24.55
C LYS D 443 31.36 -39.27 25.13
N ASN D 444 32.21 -38.43 25.73
CA ASN D 444 31.77 -37.15 26.31
C ASN D 444 31.56 -36.17 25.15
N THR D 445 30.46 -36.39 24.42
CA THR D 445 30.14 -35.63 23.23
C THR D 445 29.33 -34.36 23.46
N ARG D 446 29.76 -33.28 22.80
CA ARG D 446 29.05 -32.01 22.83
C ARG D 446 28.06 -32.01 21.66
N PHE D 447 26.81 -31.66 21.92
CA PHE D 447 25.82 -31.57 20.87
C PHE D 447 25.68 -30.11 20.44
N PHE D 448 25.33 -29.91 19.17
N PHE D 448 25.34 -29.91 19.17
CA PHE D 448 25.22 -28.59 18.57
CA PHE D 448 25.21 -28.57 18.59
C PHE D 448 23.93 -28.41 17.76
C PHE D 448 23.97 -28.42 17.71
N VAL D 449 23.65 -27.15 17.43
CA VAL D 449 22.52 -26.76 16.62
C VAL D 449 23.04 -26.49 15.22
N LYS D 450 22.37 -27.02 14.20
CA LYS D 450 22.73 -26.71 12.81
C LYS D 450 21.47 -26.35 12.02
N LYS D 451 21.67 -25.80 10.83
CA LYS D 451 20.57 -25.43 9.93
C LYS D 451 20.67 -26.27 8.68
N LEU D 452 19.58 -26.35 7.94
CA LEU D 452 19.56 -27.06 6.66
C LEU D 452 20.37 -26.26 5.64
N SER D 453 20.86 -26.97 4.63
CA SER D 453 21.65 -26.38 3.55
C SER D 453 20.82 -25.42 2.69
N LYS D 454 21.50 -24.47 2.03
CA LYS D 454 20.81 -23.55 1.14
C LYS D 454 20.21 -24.32 -0.03
N GLU D 455 20.87 -25.41 -0.46
CA GLU D 455 20.33 -26.24 -1.57
C GLU D 455 18.93 -26.74 -1.21
N LEU D 456 18.78 -27.23 0.01
CA LEU D 456 17.47 -27.75 0.46
C LEU D 456 16.48 -26.62 0.64
N ASP D 457 16.98 -25.48 1.08
CA ASP D 457 16.16 -24.29 1.30
C ASP D 457 15.54 -23.88 -0.07
N GLU D 458 16.39 -23.76 -1.08
CA GLU D 458 15.92 -23.42 -2.45
C GLU D 458 14.96 -24.51 -3.00
N TYR D 459 15.25 -25.76 -2.69
CA TYR D 459 14.41 -26.88 -3.09
C TYR D 459 12.98 -26.72 -2.54
N VAL D 460 12.87 -26.35 -1.25
CA VAL D 460 11.56 -26.11 -0.62
C VAL D 460 10.77 -25.08 -1.44
N ALA D 461 11.44 -23.99 -1.81
CA ALA D 461 10.81 -22.95 -2.60
C ALA D 461 10.39 -23.50 -3.98
N ARG D 462 11.29 -24.22 -4.65
CA ARG D 462 10.95 -24.81 -5.96
C ARG D 462 9.69 -25.63 -5.92
N LEU D 463 9.53 -26.42 -4.86
CA LEU D 463 8.36 -27.29 -4.73
C LEU D 463 7.02 -26.57 -4.67
N HIS D 464 7.04 -25.28 -4.33
CA HIS D 464 5.79 -24.52 -4.20
C HIS D 464 5.57 -23.49 -5.31
N LEU D 465 6.47 -23.40 -6.29
CA LEU D 465 6.30 -22.38 -7.34
C LEU D 465 5.03 -22.56 -8.18
N ASP D 466 4.71 -23.80 -8.53
CA ASP D 466 3.49 -24.12 -9.32
C ASP D 466 2.18 -23.76 -8.62
N VAL D 467 2.16 -23.80 -7.29
CA VAL D 467 0.97 -23.39 -6.53
C VAL D 467 0.49 -22.01 -7.01
N LEU D 468 1.45 -21.10 -7.17
CA LEU D 468 1.16 -19.72 -7.53
C LEU D 468 1.38 -19.36 -9.01
N GLY D 469 1.63 -20.36 -9.85
CA GLY D 469 1.85 -20.11 -11.30
C GLY D 469 3.10 -19.29 -11.59
N ILE D 470 4.10 -19.42 -10.75
CA ILE D 470 5.35 -18.69 -10.93
C ILE D 470 6.17 -19.32 -12.03
N LYS D 471 6.67 -18.50 -12.96
CA LYS D 471 7.53 -18.96 -14.06
C LYS D 471 8.98 -18.47 -13.81
N LEU D 472 9.84 -19.41 -13.43
CA LEU D 472 11.21 -19.14 -13.08
C LEU D 472 12.11 -19.06 -14.33
N THR D 473 13.03 -18.10 -14.32
CA THR D 473 13.97 -17.92 -15.42
C THR D 473 15.17 -18.85 -15.16
N LYS D 474 15.76 -19.35 -16.23
CA LYS D 474 16.92 -20.22 -16.13
C LYS D 474 18.15 -19.52 -16.68
N LEU D 475 19.22 -19.55 -15.91
CA LEU D 475 20.46 -18.94 -16.32
C LEU D 475 21.08 -19.68 -17.50
N THR D 476 21.69 -18.92 -18.42
CA THR D 476 22.47 -19.51 -19.48
C THR D 476 23.83 -19.82 -18.87
N GLU D 477 24.64 -20.60 -19.58
N GLU D 477 24.64 -20.61 -19.59
CA GLU D 477 25.98 -20.96 -19.11
CA GLU D 477 25.99 -20.97 -19.14
C GLU D 477 26.84 -19.70 -18.94
C GLU D 477 26.86 -19.72 -18.96
N THR D 478 26.79 -18.80 -19.92
CA THR D 478 27.55 -17.55 -19.88
C THR D 478 27.16 -16.67 -18.68
N GLN D 479 25.87 -16.60 -18.39
CA GLN D 479 25.38 -15.83 -17.24
C GLN D 479 25.80 -16.48 -15.92
N ALA D 480 25.68 -17.80 -15.84
CA ALA D 480 26.06 -18.55 -14.66
C ALA D 480 27.53 -18.33 -14.35
N LYS D 481 28.36 -18.28 -15.39
CA LYS D 481 29.78 -18.03 -15.20
C LYS D 481 30.02 -16.58 -14.76
N TYR D 482 29.28 -15.65 -15.36
CA TYR D 482 29.42 -14.23 -15.05
C TYR D 482 29.13 -13.90 -13.58
N ILE D 483 28.05 -14.47 -13.00
CA ILE D 483 27.73 -14.22 -11.58
C ILE D 483 28.32 -15.29 -10.63
N ASN D 484 29.07 -16.23 -11.20
CA ASN D 484 29.80 -17.23 -10.43
C ASN D 484 28.91 -18.18 -9.61
N VAL D 485 27.88 -18.74 -10.26
CA VAL D 485 27.00 -19.71 -9.61
C VAL D 485 26.68 -20.85 -10.59
N SER D 486 26.21 -21.97 -10.06
CA SER D 486 25.76 -23.04 -10.88
C SER D 486 24.37 -22.71 -11.43
N ILE D 487 24.07 -23.21 -12.63
CA ILE D 487 22.74 -23.03 -13.22
C ILE D 487 21.65 -23.57 -12.28
N ASN D 488 21.99 -24.60 -11.51
CA ASN D 488 21.06 -25.26 -10.58
C ASN D 488 21.16 -24.77 -9.12
N GLY D 489 21.91 -23.70 -8.87
CA GLY D 489 22.02 -23.17 -7.51
C GLY D 489 23.08 -23.86 -6.68
N PRO D 490 23.34 -23.36 -5.46
CA PRO D 490 22.68 -22.20 -4.86
C PRO D 490 22.99 -20.89 -5.55
N TYR D 491 22.05 -19.96 -5.47
CA TYR D 491 22.18 -18.67 -6.16
C TYR D 491 22.72 -17.52 -5.32
N LYS D 492 22.80 -17.70 -4.01
CA LYS D 492 23.24 -16.62 -3.11
C LYS D 492 24.27 -17.14 -2.11
N SER D 493 25.12 -16.25 -1.61
N SER D 493 25.12 -16.24 -1.60
CA SER D 493 26.14 -16.63 -0.62
CA SER D 493 26.14 -16.60 -0.61
C SER D 493 25.48 -16.94 0.72
C SER D 493 25.47 -16.93 0.73
N GLU D 494 26.20 -17.61 1.59
CA GLU D 494 25.67 -18.01 2.91
C GLU D 494 25.13 -16.87 3.79
N ASP D 495 25.71 -15.69 3.67
CA ASP D 495 25.29 -14.53 4.46
C ASP D 495 24.21 -13.64 3.80
N TYR D 496 23.62 -14.09 2.70
CA TYR D 496 22.61 -13.29 2.02
C TYR D 496 21.35 -13.17 2.89
N ARG D 497 20.79 -11.96 2.97
CA ARG D 497 19.65 -11.70 3.85
C ARG D 497 18.26 -11.69 3.22
N TYR D 498 18.16 -11.82 1.89
CA TYR D 498 16.88 -11.88 1.20
C TYR D 498 15.96 -10.69 1.53
NA NA E . -21.04 -6.61 12.09
PA NAD F . -21.91 0.01 -7.60
O1A NAD F . -22.93 0.34 -8.65
O2A NAD F . -21.08 1.11 -6.99
O5B NAD F . -20.89 -1.11 -8.15
C5B NAD F . -21.26 -2.16 -9.02
C4B NAD F . -20.26 -2.20 -10.17
O4B NAD F . -20.40 -3.43 -10.90
C3B NAD F . -20.44 -1.08 -11.20
O3B NAD F . -19.23 -0.32 -11.32
C2B NAD F . -20.80 -1.79 -12.49
O2B NAD F . -20.24 -1.18 -13.67
C1B NAD F . -20.23 -3.18 -12.27
N9A NAD F . -20.90 -4.27 -13.02
C8A NAD F . -22.23 -4.44 -13.21
N7A NAD F . -22.46 -5.57 -13.93
C5A NAD F . -21.25 -6.13 -14.20
C6A NAD F . -20.77 -7.33 -14.91
N6A NAD F . -21.64 -8.17 -15.50
N1A NAD F . -19.43 -7.55 -14.94
C2A NAD F . -18.55 -6.71 -14.36
N3A NAD F . -18.92 -5.60 -13.70
C4A NAD F . -20.23 -5.27 -13.59
O3 NAD F . -22.68 -0.82 -6.45
PN NAD F . -22.06 -1.10 -5.01
O1N NAD F . -20.61 -1.48 -5.16
O2N NAD F . -22.46 0.00 -4.05
O5D NAD F . -22.90 -2.38 -4.56
C5D NAD F . -22.72 -3.66 -5.19
C4D NAD F . -23.56 -4.70 -4.46
O4D NAD F . -23.12 -4.87 -3.10
C3D NAD F . -25.03 -4.31 -4.36
O3D NAD F . -25.82 -5.48 -4.50
C2D NAD F . -25.15 -3.72 -2.95
O2D NAD F . -26.50 -3.74 -2.47
C1D NAD F . -24.21 -4.65 -2.20
N1N NAD F . -23.62 -4.21 -0.93
C2N NAD F . -23.23 -5.18 -0.09
C3N NAD F . -22.63 -4.89 1.13
C7N NAD F . -22.22 -6.00 2.06
O7N NAD F . -22.11 -5.74 3.24
N7N NAD F . -21.97 -7.24 1.60
C4N NAD F . -22.44 -3.56 1.48
C5N NAD F . -22.83 -2.57 0.60
C6N NAD F . -23.41 -2.90 -0.61
N9 ADE G . -24.28 -4.65 6.29
C8 ADE G . -22.96 -5.00 6.27
N7 ADE G . -22.57 -5.38 7.51
C5 ADE G . -23.63 -5.27 8.32
C6 ADE G . -23.89 -5.51 9.75
N6 ADE G . -22.93 -5.94 10.53
N1 ADE G . -25.13 -5.29 10.25
C2 ADE G . -26.11 -4.86 9.46
N3 ADE G . -25.94 -4.61 8.14
C4 ADE G . -24.75 -4.79 7.52
O1 P6G H . -26.62 21.91 12.66
C2 P6G H . -26.66 20.66 11.96
C3 P6G H . -26.78 19.52 12.96
O4 P6G H . -28.15 19.22 13.16
C5 P6G H . -28.37 17.97 13.82
C6 P6G H . -29.86 17.82 14.10
O7 P6G H . -30.26 18.79 15.07
C8 P6G H . -31.52 19.41 14.80
C9 P6G H . -32.08 20.11 16.03
O10 P6G H . -31.07 20.34 17.03
C11 P6G H . -31.36 21.44 17.91
C12 P6G H . -30.77 21.16 19.29
O13 P6G H . -31.80 20.98 20.28
C14 P6G H . -32.63 19.83 20.09
C15 P6G H . -32.98 19.23 21.46
O16 P6G H . -33.97 18.21 21.29
C17 P6G H . -35.08 18.28 22.20
C18 P6G H . -36.29 18.88 21.50
O19 P6G H . -37.08 19.62 22.43
C TRS I . -36.67 -21.73 15.76
C1 TRS I . -35.27 -21.16 15.50
C2 TRS I . -37.00 -21.66 17.25
C3 TRS I . -36.78 -23.17 15.26
N TRS I . -37.65 -20.89 15.01
O1 TRS I . -34.24 -22.07 15.89
O2 TRS I . -37.78 -20.50 17.55
O3 TRS I . -36.20 -23.32 13.95
C1 GOL J . -51.68 12.06 8.91
O1 GOL J . -50.91 11.95 7.71
C2 GOL J . -50.75 12.21 10.11
O2 GOL J . -50.27 10.91 10.50
C3 GOL J . -51.47 12.84 11.29
O3 GOL J . -50.53 13.10 12.33
NA NA K . 22.15 11.68 -4.54
PA NAD L . 21.10 -9.06 -5.42
O1A NAD L . 21.97 -10.28 -5.55
O2A NAD L . 20.44 -8.77 -4.10
O5B NAD L . 19.92 -9.12 -6.52
C5B NAD L . 20.12 -9.54 -7.86
C4B NAD L . 18.97 -10.49 -8.20
O4B NAD L . 18.92 -10.75 -9.61
C3B NAD L . 19.12 -11.85 -7.51
O3B NAD L . 17.99 -12.06 -6.67
C2B NAD L . 19.22 -12.87 -8.64
O2B NAD L . 18.50 -14.08 -8.38
C1B NAD L . 18.59 -12.12 -9.81
N9A NAD L . 19.05 -12.48 -11.16
C8A NAD L . 20.30 -12.74 -11.57
N7A NAD L . 20.32 -13.01 -12.90
C5A NAD L . 19.05 -12.91 -13.34
C6A NAD L . 18.37 -13.05 -14.63
N6A NAD L . 19.08 -13.38 -15.73
N1A NAD L . 17.02 -12.86 -14.68
C2A NAD L . 16.31 -12.55 -13.56
N3A NAD L . 16.89 -12.39 -12.35
C4A NAD L . 18.22 -12.56 -12.18
O3 NAD L . 21.97 -7.78 -5.86
PN NAD L . 21.52 -6.26 -5.56
O1N NAD L . 22.11 -5.76 -4.25
O2N NAD L . 20.03 -6.19 -5.73
O5D NAD L . 22.27 -5.50 -6.72
C5D NAD L . 21.84 -5.55 -8.08
C4D NAD L . 22.71 -4.61 -8.91
O4D NAD L . 22.43 -3.24 -8.57
C3D NAD L . 24.20 -4.79 -8.67
O3D NAD L . 24.88 -4.52 -9.90
C2D NAD L . 24.54 -3.72 -7.65
O2D NAD L . 25.94 -3.39 -7.65
C1D NAD L . 23.65 -2.58 -8.13
N1N NAD L . 23.26 -1.54 -7.17
C2N NAD L . 22.89 -0.37 -7.72
C3N NAD L . 22.49 0.71 -6.96
C7N NAD L . 22.09 2.00 -7.61
O7N NAD L . 22.13 3.04 -6.95
N7N NAD L . 21.70 2.03 -8.90
C4N NAD L . 22.45 0.58 -5.57
C5N NAD L . 22.83 -0.64 -5.01
C6N NAD L . 23.23 -1.69 -5.82
N9 ADE M . 24.81 5.33 -5.05
C8 ADE M . 23.48 5.56 -5.21
N7 ADE M . 23.21 6.90 -5.10
C5 ADE M . 24.37 7.51 -4.87
C6 ADE M . 24.80 8.91 -4.67
N6 ADE M . 23.90 9.87 -4.69
N1 ADE M . 26.11 9.18 -4.46
C2 ADE M . 27.03 8.20 -4.46
N3 ADE M . 26.70 6.90 -4.64
C4 ADE M . 25.42 6.51 -4.85
O1 P6G N . 25.07 -11.70 20.55
C2 P6G N . 23.81 -11.03 20.42
C3 P6G N . 22.74 -12.02 19.97
O4 P6G N . 22.38 -12.85 21.07
C5 P6G N . 21.55 -13.94 20.69
C6 P6G N . 21.12 -14.74 21.91
O7 P6G N . 22.23 -15.52 22.38
C8 P6G N . 22.28 -16.85 21.86
C9 P6G N . 23.73 -17.32 21.81
O10 P6G N . 24.36 -17.17 23.08
C11 P6G N . 25.78 -17.42 23.04
C12 P6G N . 26.51 -16.94 24.28
O13 P6G N . 25.66 -16.91 25.44
C14 P6G N . 26.17 -16.09 26.50
C15 P6G N . 25.84 -14.61 26.23
O16 P6G N . 25.59 -13.93 27.46
C17 P6G N . 25.00 -12.64 27.31
C18 P6G N . 25.99 -11.63 26.72
O19 P6G N . 25.95 -10.41 27.47
C1 PEG O . 33.97 3.62 17.01
O1 PEG O . 34.41 4.71 16.18
C2 PEG O . 33.01 4.11 18.08
O2 PEG O . 32.06 3.09 18.37
C3 PEG O . 31.09 3.49 19.33
C4 PEG O . 30.42 2.26 19.95
O4 PEG O . 30.35 1.21 18.99
C1 GOL P . 32.21 -4.70 -18.61
O1 GOL P . 31.37 -3.59 -18.93
C2 GOL P . 32.21 -4.91 -17.10
O2 GOL P . 33.05 -3.92 -16.50
C3 GOL P . 32.68 -6.31 -16.75
O3 GOL P . 31.76 -6.93 -15.86
NA NA Q . 3.27 17.49 -18.02
PA NAD R . -11.12 20.01 -3.32
O1A NAD R . -12.23 20.96 -2.97
O2A NAD R . -11.43 18.60 -3.79
O5B NAD R . -10.14 19.86 -2.06
C5B NAD R . -9.73 20.95 -1.25
C4B NAD R . -9.80 20.49 0.20
O4B NAD R . -9.19 21.44 1.06
C3B NAD R . -11.25 20.31 0.67
O3B NAD R . -11.50 18.96 1.09
C2B NAD R . -11.40 21.29 1.82
O2B NAD R . -12.21 20.80 2.87
C1B NAD R . -9.97 21.51 2.26
N9A NAD R . -9.67 22.80 2.90
C8A NAD R . -10.11 24.03 2.59
N7A NAD R . -9.56 24.96 3.42
C5A NAD R . -8.76 24.29 4.27
C6A NAD R . -7.89 24.64 5.38
N6A NAD R . -7.79 25.94 5.76
N1A NAD R . -7.21 23.66 6.03
C2A NAD R . -7.33 22.37 5.65
N3A NAD R . -8.11 21.97 4.63
C4A NAD R . -8.83 22.88 3.93
O3 NAD R . -10.18 20.78 -4.38
PN NAD R . -9.09 20.02 -5.29
O1N NAD R . -9.72 19.57 -6.58
O2N NAD R . -8.36 19.02 -4.43
O5D NAD R . -8.12 21.26 -5.67
C5D NAD R . -7.30 21.92 -4.72
C4D NAD R . -6.41 22.91 -5.44
O4D NAD R . -5.52 22.23 -6.36
C3D NAD R . -7.20 23.89 -6.27
O3D NAD R . -6.58 25.18 -6.19
C2D NAD R . -7.12 23.32 -7.69
O2D NAD R . -7.39 24.30 -8.70
C1D NAD R . -5.69 22.79 -7.69
N1N NAD R . -5.32 21.75 -8.66
C2N NAD R . -4.00 21.70 -8.95
C3N NAD R . -3.49 20.73 -9.81
C7N NAD R . -2.02 20.71 -10.15
O7N NAD R . -1.68 20.16 -11.18
N7N NAD R . -1.12 21.30 -9.36
C4N NAD R . -4.36 19.78 -10.36
C5N NAD R . -5.72 19.85 -10.03
C6N NAD R . -6.18 20.83 -9.16
N9 ADE S . -2.01 20.64 -15.01
C8 ADE S . -1.24 19.72 -14.36
N7 ADE S . -0.25 19.26 -15.17
C5 ADE S . -0.39 19.89 -16.36
C6 ADE S . 0.31 19.89 -17.64
N6 ADE S . 1.35 19.08 -17.78
N1 ADE S . -0.10 20.67 -18.65
C2 ADE S . -1.15 21.49 -18.47
N3 ADE S . -1.85 21.55 -17.33
C4 ADE S . -1.53 20.80 -16.25
O1 P6G T . -31.53 3.27 -22.27
C2 P6G T . -32.41 2.28 -21.70
C3 P6G T . -32.29 2.30 -20.19
O4 P6G T . -33.58 2.05 -19.60
C5 P6G T . -34.08 3.17 -18.86
C6 P6G T . -35.48 2.87 -18.35
O7 P6G T . -35.61 3.25 -16.97
C8 P6G T . -35.72 4.66 -16.77
C9 P6G T . -35.81 4.95 -15.28
O10 P6G T . -34.50 5.03 -14.70
C11 P6G T . -34.47 4.70 -13.30
C12 P6G T . -33.03 4.66 -12.81
O13 P6G T . -32.39 3.44 -13.22
C14 P6G T . -30.96 3.48 -13.13
C15 P6G T . -30.37 4.12 -14.39
O16 P6G T . -28.95 4.06 -14.38
C17 P6G T . -28.35 4.37 -15.65
C18 P6G T . -28.32 5.88 -15.88
O19 P6G T . -29.27 6.26 -16.87
O1 P6G U . -18.97 14.56 -38.72
C2 P6G U . -17.69 14.03 -39.09
C3 P6G U . -17.38 12.79 -38.26
O4 P6G U . -18.27 11.73 -38.64
C5 P6G U . -18.57 10.80 -37.60
C6 P6G U . -19.74 11.32 -36.76
O7 P6G U . -19.85 10.57 -35.55
C8 P6G U . -20.93 10.99 -34.71
C9 P6G U . -20.60 12.32 -34.04
O10 P6G U . -21.31 12.46 -32.80
C11 P6G U . -20.68 11.82 -31.69
C12 P6G U . -19.85 12.84 -30.90
O13 P6G U . -19.62 12.34 -29.57
C14 P6G U . -18.72 11.24 -29.51
C15 P6G U . -19.46 9.95 -29.20
O16 P6G U . -20.37 10.18 -28.11
C17 P6G U . -20.82 8.99 -27.45
C18 P6G U . -22.15 8.54 -28.02
O19 P6G U . -21.96 7.42 -28.88
C1 PEG V . 11.72 37.29 -26.15
O1 PEG V . 11.77 38.42 -27.03
C2 PEG V . 11.00 37.69 -24.87
O2 PEG V . 10.89 36.57 -23.99
C3 PEG V . 12.01 36.37 -23.12
C4 PEG V . 11.93 37.34 -21.94
O4 PEG V . 12.75 36.85 -20.88
C1 PEG W . -23.49 32.26 -35.76
O1 PEG W . -24.78 31.62 -35.60
C2 PEG W . -23.60 33.77 -35.55
O2 PEG W . -23.44 34.12 -34.16
C3 PEG W . -24.52 33.70 -33.33
C4 PEG W . -24.80 34.76 -32.27
O4 PEG W . -26.21 34.81 -32.00
NA NA X . -3.85 -22.89 10.25
PA NAD Y . 12.68 -11.46 16.07
O1A NAD Y . 13.88 -11.57 16.97
O2A NAD Y . 12.84 -11.39 14.57
O5B NAD Y . 11.84 -10.17 16.50
C5B NAD Y . 11.65 -9.77 17.85
C4B NAD Y . 11.90 -8.27 17.89
O4B NAD Y . 11.45 -7.75 19.14
C3B NAD Y . 13.38 -7.90 17.75
O3B NAD Y . 13.56 -7.06 16.61
C2B NAD Y . 13.72 -7.18 19.03
O2B NAD Y . 14.59 -6.06 18.85
C1B NAD Y . 12.37 -6.73 19.54
N9A NAD Y . 12.25 -6.56 21.00
C8A NAD Y . 12.76 -7.34 21.97
N7A NAD Y . 12.41 -6.87 23.19
C5A NAD Y . 11.66 -5.76 22.99
C6A NAD Y . 10.98 -4.77 23.85
N6A NAD Y . 11.03 -4.89 25.19
N1A NAD Y . 10.31 -3.77 23.25
C2A NAD Y . 10.27 -3.64 21.89
N3A NAD Y . 10.87 -4.51 21.06
C4A NAD Y . 11.56 -5.57 21.54
O3 NAD Y . 11.70 -12.66 16.48
PN NAD Y . 10.45 -13.16 15.59
O1N NAD Y . 9.74 -11.93 15.06
O2N NAD Y . 10.89 -14.23 14.63
O5D NAD Y . 9.57 -13.86 16.70
C5D NAD Y . 8.91 -13.14 17.74
C4D NAD Y . 8.03 -14.08 18.55
O4D NAD Y . 6.99 -14.63 17.74
C3D NAD Y . 8.81 -15.28 19.07
O3D NAD Y . 8.34 -15.63 20.37
C2D NAD Y . 8.51 -16.38 18.07
O2D NAD Y . 8.74 -17.69 18.59
C1D NAD Y . 7.06 -16.07 17.77
N1N NAD Y . 6.47 -16.54 16.50
C2N NAD Y . 5.14 -16.65 16.52
C3N NAD Y . 4.42 -17.05 15.40
C7N NAD Y . 2.93 -17.21 15.46
O7N NAD Y . 2.38 -17.93 14.63
N7N NAD Y . 2.22 -16.58 16.39
C4N NAD Y . 5.12 -17.32 14.23
C5N NAD Y . 6.50 -17.18 14.21
C6N NAD Y . 7.16 -16.77 15.37
N9 ADE Z . 2.25 -21.73 13.65
C8 ADE Z . 1.49 -20.72 13.13
N7 ADE Z . 0.38 -21.23 12.52
C5 ADE Z . 0.42 -22.55 12.65
C6 ADE Z . -0.44 -23.67 12.23
N6 ADE Z . -1.54 -23.42 11.56
N1 ADE Z . -0.09 -24.94 12.54
C2 ADE Z . 1.04 -25.18 13.22
N3 ADE Z . 1.88 -24.21 13.64
C4 ADE Z . 1.63 -22.90 13.39
C1 PGE AA . 18.50 -36.63 -3.56
O1 PGE AA . 17.42 -37.52 -3.93
C2 PGE AA . 18.09 -35.76 -2.38
O2 PGE AA . 16.83 -35.14 -2.65
C3 PGE AA . 16.41 -34.20 -1.65
C4 PGE AA . 16.25 -32.83 -2.30
O4 PGE AA . 19.21 -30.81 -5.13
C6 PGE AA . 18.87 -30.65 -3.74
C5 PGE AA . 17.45 -31.15 -3.48
O3 PGE AA . 17.49 -32.44 -2.89
C1 PGE BA . 26.96 -19.86 -3.88
O1 PGE BA . 27.89 -20.86 -3.48
C2 PGE BA . 27.64 -18.87 -4.83
O2 PGE BA . 27.23 -17.54 -4.54
C3 PGE BA . 27.89 -16.56 -5.35
C4 PGE BA . 29.20 -16.13 -4.70
O4 PGE BA . 33.57 -17.13 -4.94
C6 PGE BA . 32.16 -17.12 -4.64
C5 PGE BA . 31.53 -15.83 -5.14
O3 PGE BA . 30.23 -16.10 -5.69
C1 PEG CA . -10.48 -35.92 27.15
O1 PEG CA . -11.29 -37.06 26.82
C2 PEG CA . -11.04 -34.68 26.45
O2 PEG CA . -10.75 -33.53 27.24
C3 PEG CA . -11.84 -33.06 28.02
C4 PEG CA . -11.34 -32.09 29.08
O4 PEG CA . -11.32 -32.74 30.37
#